data_2YS9
#
_entry.id   2YS9
#
_entity_poly.entity_id   1
_entity_poly.type   'polypeptide(L)'
_entity_poly.pdbx_seq_one_letter_code
;GSSGSSGPLPIPPPPPDIQPLERYWAAHQQLRETDIPQLSQASRLSTQQVLDWFDSRLPQPAEVSGPSSG
;
_entity_poly.pdbx_strand_id   A
#
# COMPACT_ATOMS: atom_id res chain seq x y z
N GLY A 1 -5.61 -20.79 -5.82
CA GLY A 1 -5.83 -20.31 -7.18
C GLY A 1 -7.06 -20.90 -7.82
N SER A 2 -7.99 -20.04 -8.21
CA SER A 2 -9.23 -20.49 -8.83
C SER A 2 -9.95 -19.33 -9.52
N SER A 3 -10.84 -19.66 -10.43
CA SER A 3 -11.60 -18.64 -11.17
C SER A 3 -13.05 -19.05 -11.34
N GLY A 4 -13.86 -18.14 -11.87
CA GLY A 4 -15.27 -18.43 -12.07
C GLY A 4 -16.13 -17.96 -10.92
N SER A 5 -17.31 -17.43 -11.24
CA SER A 5 -18.23 -16.94 -10.23
C SER A 5 -19.58 -16.58 -10.83
N SER A 6 -20.65 -16.85 -10.09
CA SER A 6 -22.00 -16.56 -10.56
C SER A 6 -22.94 -16.34 -9.39
N GLY A 7 -24.01 -15.57 -9.63
CA GLY A 7 -24.97 -15.30 -8.58
C GLY A 7 -24.33 -15.20 -7.21
N PRO A 8 -24.37 -16.30 -6.45
CA PRO A 8 -23.79 -16.36 -5.12
C PRO A 8 -22.26 -16.30 -5.12
N LEU A 9 -21.72 -15.17 -4.69
CA LEU A 9 -20.27 -14.99 -4.65
C LEU A 9 -19.64 -15.82 -3.54
N PRO A 10 -18.44 -16.35 -3.81
CA PRO A 10 -17.71 -17.16 -2.83
C PRO A 10 -17.19 -16.35 -1.65
N ILE A 11 -16.71 -17.03 -0.62
CA ILE A 11 -16.20 -16.37 0.56
C ILE A 11 -15.27 -15.22 0.18
N PRO A 12 -15.18 -14.20 1.06
CA PRO A 12 -14.34 -13.03 0.84
C PRO A 12 -12.85 -13.36 0.93
N PRO A 13 -12.04 -12.63 0.16
CA PRO A 13 -10.58 -12.82 0.13
C PRO A 13 -9.92 -12.38 1.43
N PRO A 14 -8.76 -13.00 1.74
CA PRO A 14 -8.00 -12.68 2.95
C PRO A 14 -7.36 -11.30 2.89
N PRO A 15 -6.87 -10.82 4.04
CA PRO A 15 -6.21 -9.51 4.14
C PRO A 15 -4.88 -9.48 3.43
N PRO A 16 -4.51 -8.29 2.91
CA PRO A 16 -3.24 -8.09 2.20
C PRO A 16 -2.04 -8.16 3.13
N ASP A 17 -0.84 -8.23 2.55
CA ASP A 17 0.38 -8.30 3.32
C ASP A 17 1.20 -7.02 3.18
N ILE A 18 1.36 -6.30 4.29
CA ILE A 18 2.12 -5.05 4.29
C ILE A 18 3.59 -5.31 4.60
N GLN A 19 3.90 -6.52 5.05
CA GLN A 19 5.27 -6.89 5.39
C GLN A 19 6.21 -6.56 4.24
N PRO A 20 5.81 -6.93 3.01
CA PRO A 20 6.60 -6.68 1.80
C PRO A 20 7.12 -5.25 1.73
N LEU A 21 6.23 -4.29 1.95
CA LEU A 21 6.59 -2.87 1.91
C LEU A 21 7.30 -2.46 3.20
N GLU A 22 6.88 -3.05 4.31
CA GLU A 22 7.47 -2.74 5.61
C GLU A 22 8.97 -3.00 5.59
N ARG A 23 9.37 -4.17 5.11
CA ARG A 23 10.76 -4.55 5.05
C ARG A 23 11.51 -3.72 4.00
N TYR A 24 10.95 -3.67 2.79
CA TYR A 24 11.55 -2.92 1.70
C TYR A 24 11.78 -1.47 2.11
N TRP A 25 10.81 -0.89 2.81
CA TRP A 25 10.91 0.50 3.26
C TRP A 25 12.15 0.70 4.13
N ALA A 26 12.21 -0.02 5.25
CA ALA A 26 13.35 0.09 6.16
C ALA A 26 14.62 -0.45 5.51
N ALA A 27 14.46 -1.30 4.51
CA ALA A 27 15.59 -1.88 3.79
C ALA A 27 16.31 -0.84 2.96
N HIS A 28 15.58 -0.20 2.05
CA HIS A 28 16.14 0.82 1.18
C HIS A 28 15.57 2.19 1.52
N GLN A 29 14.27 2.24 1.79
CA GLN A 29 13.61 3.49 2.13
C GLN A 29 13.48 4.38 0.89
N GLN A 30 13.28 3.76 -0.26
CA GLN A 30 13.15 4.50 -1.52
C GLN A 30 12.18 3.81 -2.46
N LEU A 31 11.11 4.51 -2.81
CA LEU A 31 10.10 3.96 -3.72
C LEU A 31 10.44 4.26 -5.17
N ARG A 32 10.42 3.22 -6.01
CA ARG A 32 10.72 3.38 -7.43
C ARG A 32 9.59 2.86 -8.29
N GLU A 33 9.33 3.54 -9.40
CA GLU A 33 8.26 3.14 -10.32
C GLU A 33 8.41 1.68 -10.72
N THR A 34 9.63 1.17 -10.65
CA THR A 34 9.90 -0.22 -11.01
C THR A 34 9.55 -1.16 -9.86
N ASP A 35 9.76 -0.70 -8.64
CA ASP A 35 9.46 -1.50 -7.45
C ASP A 35 8.01 -1.29 -7.02
N ILE A 36 7.35 -0.32 -7.62
CA ILE A 36 5.96 -0.03 -7.29
C ILE A 36 5.05 -1.20 -7.63
N PRO A 37 5.06 -1.58 -8.92
CA PRO A 37 4.24 -2.70 -9.41
C PRO A 37 4.72 -4.05 -8.90
N GLN A 38 6.04 -4.17 -8.72
CA GLN A 38 6.64 -5.41 -8.23
C GLN A 38 6.24 -5.66 -6.77
N LEU A 39 6.27 -4.61 -5.97
CA LEU A 39 5.92 -4.72 -4.55
C LEU A 39 4.41 -4.89 -4.38
N SER A 40 3.64 -4.05 -5.08
CA SER A 40 2.19 -4.10 -5.00
C SER A 40 1.68 -5.53 -5.20
N GLN A 41 2.30 -6.24 -6.13
CA GLN A 41 1.92 -7.62 -6.41
C GLN A 41 2.14 -8.52 -5.20
N ALA A 42 3.18 -8.21 -4.43
CA ALA A 42 3.50 -8.99 -3.25
C ALA A 42 2.51 -8.70 -2.12
N SER A 43 2.31 -7.43 -1.82
CA SER A 43 1.39 -7.02 -0.76
C SER A 43 -0.05 -7.21 -1.20
N ARG A 44 -0.23 -7.70 -2.43
CA ARG A 44 -1.56 -7.91 -2.98
C ARG A 44 -2.41 -6.65 -2.88
N LEU A 45 -1.83 -5.53 -3.28
CA LEU A 45 -2.52 -4.25 -3.24
C LEU A 45 -2.57 -3.60 -4.62
N SER A 46 -3.20 -2.43 -4.70
CA SER A 46 -3.31 -1.71 -5.97
C SER A 46 -2.15 -0.73 -6.14
N THR A 47 -1.70 -0.57 -7.38
CA THR A 47 -0.59 0.33 -7.69
C THR A 47 -0.71 1.63 -6.89
N GLN A 48 -1.95 2.08 -6.67
CA GLN A 48 -2.20 3.30 -5.92
C GLN A 48 -1.96 3.09 -4.43
N GLN A 49 -2.29 1.89 -3.95
CA GLN A 49 -2.12 1.57 -2.54
C GLN A 49 -0.65 1.74 -2.12
N VAL A 50 0.25 1.13 -2.87
CA VAL A 50 1.67 1.21 -2.57
C VAL A 50 2.16 2.65 -2.62
N LEU A 51 1.70 3.39 -3.62
CA LEU A 51 2.08 4.79 -3.78
C LEU A 51 1.73 5.59 -2.53
N ASP A 52 0.54 5.36 -1.99
CA ASP A 52 0.09 6.06 -0.80
C ASP A 52 0.82 5.54 0.44
N TRP A 53 1.13 4.25 0.45
CA TRP A 53 1.82 3.64 1.57
C TRP A 53 3.14 4.34 1.85
N PHE A 54 4.02 4.36 0.84
CA PHE A 54 5.33 5.00 0.97
C PHE A 54 5.18 6.50 1.19
N ASP A 55 4.40 7.13 0.32
CA ASP A 55 4.17 8.58 0.41
C ASP A 55 3.81 8.98 1.84
N SER A 56 2.95 8.19 2.47
CA SER A 56 2.52 8.47 3.83
C SER A 56 3.66 8.24 4.83
N ARG A 57 4.50 7.26 4.53
CA ARG A 57 5.64 6.94 5.40
C ARG A 57 6.66 8.07 5.36
N LEU A 58 6.96 8.57 4.17
CA LEU A 58 7.93 9.65 4.01
C LEU A 58 7.70 10.74 5.05
N PRO A 59 8.77 11.50 5.35
CA PRO A 59 8.71 12.60 6.33
C PRO A 59 7.88 13.77 5.83
N GLN A 60 6.70 13.95 6.42
CA GLN A 60 5.81 15.04 6.04
C GLN A 60 6.25 16.35 6.68
N PRO A 61 5.93 17.47 6.02
CA PRO A 61 6.29 18.81 6.51
C PRO A 61 5.49 19.20 7.75
N ALA A 62 6.16 19.18 8.90
CA ALA A 62 5.52 19.54 10.16
C ALA A 62 6.53 19.61 11.29
N GLU A 63 6.11 20.15 12.43
CA GLU A 63 6.98 20.28 13.59
C GLU A 63 7.12 18.94 14.32
N VAL A 64 8.34 18.46 14.43
CA VAL A 64 8.61 17.20 15.12
C VAL A 64 9.75 17.34 16.11
N SER A 65 9.68 16.56 17.19
CA SER A 65 10.71 16.60 18.23
C SER A 65 12.09 16.47 17.62
N GLY A 66 12.41 15.26 17.16
CA GLY A 66 13.72 15.01 16.56
C GLY A 66 14.13 13.57 16.65
N PRO A 67 13.66 12.75 15.70
CA PRO A 67 13.97 11.32 15.65
C PRO A 67 15.44 11.05 15.29
N SER A 68 16.10 10.23 16.10
CA SER A 68 17.50 9.91 15.87
C SER A 68 17.64 8.88 14.75
N SER A 69 18.33 9.27 13.68
CA SER A 69 18.53 8.40 12.54
C SER A 69 20.02 8.08 12.35
N GLY A 70 20.86 9.10 12.50
CA GLY A 70 22.28 8.90 12.35
C GLY A 70 23.01 10.21 12.06
N GLY A 1 -31.26 -12.11 10.85
CA GLY A 1 -30.94 -11.94 9.45
C GLY A 1 -30.25 -13.15 8.86
N SER A 2 -29.80 -13.03 7.61
CA SER A 2 -29.13 -14.13 6.94
C SER A 2 -27.90 -13.64 6.19
N SER A 3 -26.78 -14.34 6.37
CA SER A 3 -25.53 -13.96 5.72
C SER A 3 -25.37 -14.69 4.39
N GLY A 4 -24.32 -14.34 3.64
CA GLY A 4 -24.08 -14.96 2.36
C GLY A 4 -25.34 -15.08 1.53
N SER A 5 -25.93 -13.94 1.16
CA SER A 5 -27.14 -13.93 0.37
C SER A 5 -27.16 -12.73 -0.57
N SER A 6 -28.14 -12.71 -1.47
CA SER A 6 -28.27 -11.61 -2.43
C SER A 6 -28.84 -10.37 -1.77
N GLY A 7 -27.97 -9.49 -1.31
CA GLY A 7 -28.40 -8.27 -0.65
C GLY A 7 -27.27 -7.31 -0.39
N PRO A 8 -26.70 -7.37 0.82
CA PRO A 8 -25.59 -6.49 1.22
C PRO A 8 -24.30 -6.84 0.49
N LEU A 9 -23.22 -6.13 0.83
CA LEU A 9 -21.93 -6.36 0.20
C LEU A 9 -21.50 -7.82 0.36
N PRO A 10 -20.83 -8.35 -0.67
CA PRO A 10 -20.34 -9.73 -0.66
C PRO A 10 -19.20 -9.94 0.33
N ILE A 11 -18.77 -11.20 0.46
CA ILE A 11 -17.68 -11.54 1.37
C ILE A 11 -16.55 -10.50 1.29
N PRO A 12 -15.89 -10.27 2.44
CA PRO A 12 -14.78 -9.32 2.52
C PRO A 12 -13.55 -9.78 1.77
N PRO A 13 -12.69 -8.83 1.37
CA PRO A 13 -11.46 -9.12 0.65
C PRO A 13 -10.41 -9.82 1.52
N PRO A 14 -9.45 -10.49 0.87
CA PRO A 14 -8.38 -11.21 1.56
C PRO A 14 -7.40 -10.28 2.25
N PRO A 15 -6.80 -10.76 3.35
CA PRO A 15 -5.82 -9.98 4.12
C PRO A 15 -4.52 -9.78 3.37
N PRO A 16 -4.26 -8.52 2.95
CA PRO A 16 -3.05 -8.17 2.21
C PRO A 16 -1.80 -8.24 3.09
N ASP A 17 -0.64 -8.32 2.46
CA ASP A 17 0.62 -8.38 3.17
C ASP A 17 1.38 -7.07 3.07
N ILE A 18 1.52 -6.37 4.19
CA ILE A 18 2.22 -5.10 4.23
C ILE A 18 3.71 -5.29 4.54
N GLN A 19 4.07 -6.50 4.96
CA GLN A 19 5.45 -6.82 5.28
C GLN A 19 6.38 -6.48 4.12
N PRO A 20 5.97 -6.87 2.91
CA PRO A 20 6.75 -6.61 1.69
C PRO A 20 7.22 -5.17 1.60
N LEU A 21 6.31 -4.24 1.87
CA LEU A 21 6.64 -2.82 1.82
C LEU A 21 7.36 -2.37 3.09
N GLU A 22 6.96 -2.95 4.22
CA GLU A 22 7.57 -2.61 5.50
C GLU A 22 9.09 -2.82 5.46
N ARG A 23 9.50 -4.00 5.00
CA ARG A 23 10.92 -4.33 4.91
C ARG A 23 11.62 -3.43 3.90
N TYR A 24 11.09 -3.39 2.68
CA TYR A 24 11.67 -2.57 1.62
C TYR A 24 11.95 -1.15 2.12
N TRP A 25 11.02 -0.62 2.92
CA TRP A 25 11.17 0.72 3.47
C TRP A 25 12.38 0.81 4.39
N ALA A 26 12.39 -0.02 5.42
CA ALA A 26 13.49 -0.04 6.38
C ALA A 26 14.76 -0.59 5.75
N ALA A 27 14.62 -1.15 4.55
CA ALA A 27 15.75 -1.73 3.83
C ALA A 27 16.44 -0.67 2.97
N HIS A 28 15.65 0.06 2.18
CA HIS A 28 16.19 1.09 1.32
C HIS A 28 15.53 2.45 1.61
N GLN A 29 14.25 2.40 1.96
CA GLN A 29 13.51 3.63 2.25
C GLN A 29 13.36 4.50 1.02
N GLN A 30 13.07 3.87 -0.12
CA GLN A 30 12.90 4.59 -1.37
C GLN A 30 12.11 3.76 -2.38
N LEU A 31 10.97 4.30 -2.80
CA LEU A 31 10.11 3.61 -3.76
C LEU A 31 10.60 3.82 -5.18
N ARG A 32 10.50 2.79 -6.00
CA ARG A 32 10.94 2.85 -7.39
C ARG A 32 9.81 2.44 -8.34
N GLU A 33 9.57 3.26 -9.36
CA GLU A 33 8.53 2.98 -10.33
C GLU A 33 8.60 1.53 -10.81
N THR A 34 9.80 0.96 -10.75
CA THR A 34 10.01 -0.43 -11.17
C THR A 34 9.60 -1.41 -10.08
N ASP A 35 9.74 -0.98 -8.83
CA ASP A 35 9.38 -1.82 -7.68
C ASP A 35 7.95 -1.54 -7.24
N ILE A 36 7.35 -0.49 -7.78
CA ILE A 36 5.99 -0.11 -7.43
C ILE A 36 5.01 -1.23 -7.76
N PRO A 37 4.98 -1.63 -9.04
CA PRO A 37 4.09 -2.70 -9.52
C PRO A 37 4.51 -4.07 -9.01
N GLN A 38 5.81 -4.22 -8.75
CA GLN A 38 6.34 -5.49 -8.26
C GLN A 38 5.95 -5.72 -6.80
N LEU A 39 6.08 -4.67 -5.99
CA LEU A 39 5.74 -4.75 -4.58
C LEU A 39 4.23 -4.79 -4.38
N SER A 40 3.51 -4.03 -5.19
CA SER A 40 2.06 -3.98 -5.11
C SER A 40 1.45 -5.36 -5.30
N GLN A 41 2.04 -6.13 -6.22
CA GLN A 41 1.56 -7.47 -6.51
C GLN A 41 1.86 -8.43 -5.35
N ALA A 42 2.95 -8.15 -4.65
CA ALA A 42 3.35 -8.99 -3.52
C ALA A 42 2.52 -8.68 -2.28
N SER A 43 2.27 -7.39 -2.05
CA SER A 43 1.48 -6.96 -0.90
C SER A 43 -0.01 -7.17 -1.15
N ARG A 44 -0.34 -7.66 -2.33
CA ARG A 44 -1.72 -7.91 -2.70
C ARG A 44 -2.51 -6.60 -2.74
N LEU A 45 -1.87 -5.54 -3.20
CA LEU A 45 -2.51 -4.23 -3.29
C LEU A 45 -2.39 -3.66 -4.69
N SER A 46 -3.00 -2.49 -4.91
CA SER A 46 -2.95 -1.84 -6.21
C SER A 46 -1.77 -0.88 -6.31
N THR A 47 -1.56 -0.33 -7.49
CA THR A 47 -0.46 0.60 -7.72
C THR A 47 -0.60 1.84 -6.85
N GLN A 48 -1.84 2.27 -6.64
CA GLN A 48 -2.11 3.45 -5.82
C GLN A 48 -1.90 3.14 -4.34
N GLN A 49 -2.29 1.94 -3.94
CA GLN A 49 -2.15 1.52 -2.55
C GLN A 49 -0.69 1.64 -2.09
N VAL A 50 0.21 1.10 -2.90
CA VAL A 50 1.63 1.14 -2.58
C VAL A 50 2.16 2.58 -2.58
N LEU A 51 1.69 3.36 -3.54
CA LEU A 51 2.11 4.75 -3.66
C LEU A 51 1.73 5.55 -2.42
N ASP A 52 0.49 5.36 -1.96
CA ASP A 52 0.00 6.05 -0.78
C ASP A 52 0.68 5.52 0.49
N TRP A 53 0.95 4.23 0.49
CA TRP A 53 1.60 3.59 1.64
C TRP A 53 2.93 4.26 1.95
N PHE A 54 3.85 4.26 0.99
CA PHE A 54 5.16 4.87 1.17
C PHE A 54 5.02 6.34 1.51
N ASP A 55 4.27 7.06 0.69
CA ASP A 55 4.06 8.49 0.91
C ASP A 55 3.59 8.77 2.33
N SER A 56 2.74 7.88 2.85
CA SER A 56 2.21 8.02 4.20
C SER A 56 3.31 7.80 5.23
N ARG A 57 4.21 6.86 4.95
CA ARG A 57 5.31 6.55 5.86
C ARG A 57 6.17 7.78 6.12
N LEU A 58 6.44 8.54 5.05
CA LEU A 58 7.25 9.74 5.17
C LEU A 58 6.99 10.47 6.49
N PRO A 59 8.03 11.10 7.03
CA PRO A 59 7.93 11.84 8.29
C PRO A 59 7.11 13.12 8.15
N GLN A 60 5.81 13.00 8.45
CA GLN A 60 4.91 14.14 8.35
C GLN A 60 4.08 14.29 9.62
N PRO A 61 3.81 15.54 10.02
CA PRO A 61 3.03 15.85 11.22
C PRO A 61 1.56 15.48 11.06
N ALA A 62 1.14 14.42 11.75
CA ALA A 62 -0.24 13.97 11.68
C ALA A 62 -1.15 14.85 12.52
N GLU A 63 -2.45 14.61 12.43
CA GLU A 63 -3.43 15.40 13.18
C GLU A 63 -4.58 14.52 13.66
N VAL A 64 -5.13 14.85 14.82
CA VAL A 64 -6.24 14.09 15.40
C VAL A 64 -7.53 14.38 14.64
N SER A 65 -8.45 13.41 14.68
CA SER A 65 -9.73 13.55 14.00
C SER A 65 -10.69 12.43 14.42
N GLY A 66 -11.93 12.53 13.95
CA GLY A 66 -12.93 11.52 14.29
C GLY A 66 -13.46 10.80 13.07
N PRO A 67 -12.62 9.93 12.47
CA PRO A 67 -13.00 9.16 11.29
C PRO A 67 -14.05 8.10 11.59
N SER A 68 -14.56 7.45 10.54
CA SER A 68 -15.58 6.42 10.71
C SER A 68 -15.59 5.49 9.50
N SER A 69 -15.31 4.22 9.74
CA SER A 69 -15.29 3.23 8.66
C SER A 69 -16.06 1.97 9.07
N GLY A 70 -16.54 1.23 8.08
CA GLY A 70 -17.28 0.01 8.35
C GLY A 70 -18.69 0.30 8.84
N GLY A 1 -15.35 -5.34 -11.74
CA GLY A 1 -16.04 -6.60 -11.50
C GLY A 1 -16.10 -7.46 -12.76
N SER A 2 -15.41 -8.60 -12.72
CA SER A 2 -15.40 -9.51 -13.87
C SER A 2 -16.37 -10.66 -13.65
N SER A 3 -16.25 -11.33 -12.51
CA SER A 3 -17.11 -12.46 -12.18
C SER A 3 -18.55 -11.99 -11.96
N GLY A 4 -19.32 -11.95 -13.03
CA GLY A 4 -20.71 -11.52 -12.94
C GLY A 4 -20.90 -10.09 -13.40
N SER A 5 -22.17 -9.68 -13.52
CA SER A 5 -22.49 -8.33 -13.97
C SER A 5 -22.73 -7.41 -12.78
N SER A 6 -23.73 -7.74 -11.97
CA SER A 6 -24.06 -6.93 -10.80
C SER A 6 -24.55 -7.81 -9.66
N GLY A 7 -24.40 -7.33 -8.43
CA GLY A 7 -24.83 -8.09 -7.27
C GLY A 7 -23.95 -7.84 -6.06
N PRO A 8 -24.09 -8.69 -5.03
CA PRO A 8 -23.31 -8.59 -3.79
C PRO A 8 -21.84 -8.94 -4.00
N LEU A 9 -21.05 -8.81 -2.95
CA LEU A 9 -19.62 -9.11 -3.03
C LEU A 9 -19.36 -10.57 -2.67
N PRO A 10 -18.31 -11.15 -3.27
CA PRO A 10 -17.93 -12.55 -3.04
C PRO A 10 -17.37 -12.77 -1.65
N ILE A 11 -17.05 -14.02 -1.33
CA ILE A 11 -16.51 -14.36 -0.02
C ILE A 11 -15.46 -13.34 0.42
N PRO A 12 -15.34 -13.17 1.74
CA PRO A 12 -14.37 -12.23 2.33
C PRO A 12 -12.92 -12.70 2.14
N PRO A 13 -12.18 -11.98 1.30
CA PRO A 13 -10.77 -12.30 1.02
C PRO A 13 -9.87 -12.02 2.21
N PRO A 14 -8.70 -12.68 2.24
CA PRO A 14 -7.72 -12.52 3.32
C PRO A 14 -7.05 -11.14 3.28
N PRO A 15 -6.38 -10.79 4.39
CA PRO A 15 -5.67 -9.50 4.51
C PRO A 15 -4.44 -9.43 3.61
N PRO A 16 -4.12 -8.21 3.14
CA PRO A 16 -2.97 -7.98 2.28
C PRO A 16 -1.65 -8.15 3.00
N ASP A 17 -0.56 -8.16 2.24
CA ASP A 17 0.77 -8.31 2.82
C ASP A 17 1.52 -6.99 2.84
N ILE A 18 1.60 -6.38 4.01
CA ILE A 18 2.30 -5.10 4.16
C ILE A 18 3.77 -5.31 4.49
N GLN A 19 4.10 -6.49 4.99
CA GLN A 19 5.47 -6.82 5.35
C GLN A 19 6.42 -6.50 4.19
N PRO A 20 6.03 -6.90 2.98
CA PRO A 20 6.83 -6.68 1.77
C PRO A 20 7.32 -5.24 1.66
N LEU A 21 6.41 -4.30 1.90
CA LEU A 21 6.75 -2.88 1.83
C LEU A 21 7.48 -2.43 3.09
N GLU A 22 7.03 -2.94 4.24
CA GLU A 22 7.64 -2.59 5.52
C GLU A 22 9.14 -2.83 5.49
N ARG A 23 9.54 -4.02 5.04
CA ARG A 23 10.94 -4.39 4.97
C ARG A 23 11.66 -3.55 3.91
N TYR A 24 11.13 -3.55 2.70
CA TYR A 24 11.73 -2.80 1.59
C TYR A 24 11.95 -1.34 1.99
N TRP A 25 11.00 -0.80 2.76
CA TRP A 25 11.10 0.59 3.21
C TRP A 25 12.23 0.76 4.20
N ALA A 26 12.23 -0.04 5.26
CA ALA A 26 13.27 0.03 6.27
C ALA A 26 14.61 -0.46 5.73
N ALA A 27 14.59 -0.96 4.50
CA ALA A 27 15.81 -1.46 3.86
C ALA A 27 16.39 -0.42 2.92
N HIS A 28 15.60 0.01 1.94
CA HIS A 28 16.05 1.00 0.96
C HIS A 28 15.53 2.38 1.32
N GLN A 29 14.30 2.43 1.83
CA GLN A 29 13.69 3.70 2.22
C GLN A 29 13.49 4.60 1.00
N GLN A 30 12.94 4.02 -0.07
CA GLN A 30 12.70 4.77 -1.30
C GLN A 30 11.95 3.93 -2.31
N LEU A 31 10.77 4.41 -2.70
CA LEU A 31 9.94 3.69 -3.67
C LEU A 31 10.40 3.97 -5.10
N ARG A 32 10.31 2.96 -5.94
CA ARG A 32 10.73 3.10 -7.34
C ARG A 32 9.64 2.59 -8.28
N GLU A 33 9.38 3.35 -9.35
CA GLU A 33 8.37 2.97 -10.33
C GLU A 33 8.52 1.51 -10.74
N THR A 34 9.75 1.00 -10.65
CA THR A 34 10.04 -0.37 -11.03
C THR A 34 9.61 -1.34 -9.92
N ASP A 35 9.79 -0.92 -8.68
CA ASP A 35 9.42 -1.74 -7.53
C ASP A 35 7.96 -1.53 -7.15
N ILE A 36 7.36 -0.48 -7.70
CA ILE A 36 5.96 -0.17 -7.42
C ILE A 36 5.06 -1.36 -7.74
N PRO A 37 5.09 -1.80 -9.01
CA PRO A 37 4.29 -2.93 -9.46
C PRO A 37 4.77 -4.26 -8.88
N GLN A 38 6.07 -4.39 -8.69
CA GLN A 38 6.65 -5.60 -8.14
C GLN A 38 6.22 -5.81 -6.70
N LEU A 39 6.24 -4.74 -5.92
CA LEU A 39 5.83 -4.80 -4.52
C LEU A 39 4.32 -4.96 -4.39
N SER A 40 3.58 -4.16 -5.17
CA SER A 40 2.13 -4.20 -5.14
C SER A 40 1.62 -5.63 -5.30
N GLN A 41 2.27 -6.39 -6.18
CA GLN A 41 1.88 -7.77 -6.42
C GLN A 41 2.02 -8.61 -5.16
N ALA A 42 3.08 -8.37 -4.41
CA ALA A 42 3.32 -9.10 -3.17
C ALA A 42 2.33 -8.69 -2.09
N SER A 43 2.04 -7.40 -2.01
CA SER A 43 1.11 -6.88 -1.02
C SER A 43 -0.33 -7.07 -1.48
N ARG A 44 -0.50 -7.53 -2.71
CA ARG A 44 -1.83 -7.76 -3.27
C ARG A 44 -2.66 -6.49 -3.23
N LEU A 45 -2.00 -5.35 -3.37
CA LEU A 45 -2.68 -4.05 -3.35
C LEU A 45 -2.66 -3.40 -4.73
N SER A 46 -3.30 -2.24 -4.83
CA SER A 46 -3.36 -1.52 -6.10
C SER A 46 -2.14 -0.61 -6.26
N THR A 47 -1.68 -0.45 -7.49
CA THR A 47 -0.53 0.39 -7.78
C THR A 47 -0.56 1.67 -6.96
N GLN A 48 -1.76 2.20 -6.75
CA GLN A 48 -1.92 3.44 -5.98
C GLN A 48 -1.74 3.17 -4.49
N GLN A 49 -2.25 2.04 -4.03
CA GLN A 49 -2.15 1.67 -2.61
C GLN A 49 -0.70 1.79 -2.13
N VAL A 50 0.22 1.16 -2.86
CA VAL A 50 1.63 1.20 -2.50
C VAL A 50 2.15 2.63 -2.49
N LEU A 51 1.73 3.42 -3.47
CA LEU A 51 2.16 4.82 -3.57
C LEU A 51 1.80 5.58 -2.29
N ASP A 52 0.59 5.38 -1.80
CA ASP A 52 0.13 6.05 -0.59
C ASP A 52 0.85 5.50 0.64
N TRP A 53 1.03 4.19 0.67
CA TRP A 53 1.70 3.54 1.79
C TRP A 53 3.05 4.19 2.07
N PHE A 54 3.91 4.22 1.05
CA PHE A 54 5.23 4.82 1.19
C PHE A 54 5.13 6.32 1.47
N ASP A 55 4.40 7.03 0.63
CA ASP A 55 4.21 8.46 0.78
C ASP A 55 3.79 8.80 2.21
N SER A 56 2.91 7.98 2.77
CA SER A 56 2.42 8.19 4.12
C SER A 56 3.53 7.96 5.14
N ARG A 57 4.43 7.05 4.84
CA ARG A 57 5.54 6.74 5.74
C ARG A 57 6.52 7.91 5.81
N LEU A 58 6.89 8.44 4.65
CA LEU A 58 7.82 9.55 4.58
C LEU A 58 7.15 10.85 5.02
N PRO A 59 7.95 11.77 5.58
CA PRO A 59 7.45 13.06 6.05
C PRO A 59 7.03 13.98 4.91
N GLN A 60 5.75 13.94 4.56
CA GLN A 60 5.23 14.77 3.49
C GLN A 60 4.56 16.03 4.04
N PRO A 61 4.78 17.16 3.36
CA PRO A 61 4.21 18.45 3.77
C PRO A 61 2.70 18.52 3.56
N ALA A 62 1.95 18.12 4.58
CA ALA A 62 0.50 18.13 4.52
C ALA A 62 -0.11 18.03 5.91
N GLU A 63 -1.43 18.20 5.98
CA GLU A 63 -2.14 18.13 7.26
C GLU A 63 -2.03 16.73 7.86
N VAL A 64 -2.17 16.65 9.18
CA VAL A 64 -2.08 15.38 9.88
C VAL A 64 -3.22 15.21 10.86
N SER A 65 -4.10 14.26 10.59
CA SER A 65 -5.26 14.00 11.46
C SER A 65 -4.89 14.24 12.92
N GLY A 66 -3.87 13.54 13.40
CA GLY A 66 -3.44 13.69 14.77
C GLY A 66 -2.95 12.39 15.38
N PRO A 67 -1.95 12.48 16.27
CA PRO A 67 -1.39 11.31 16.93
C PRO A 67 -2.35 10.67 17.93
N SER A 68 -3.12 11.51 18.62
CA SER A 68 -4.09 11.04 19.60
C SER A 68 -5.21 12.05 19.80
N SER A 69 -6.44 11.55 19.78
CA SER A 69 -7.61 12.42 19.96
C SER A 69 -7.54 13.17 21.28
N GLY A 70 -7.82 14.46 21.24
CA GLY A 70 -7.79 15.27 22.44
C GLY A 70 -9.16 15.44 23.07
N GLY A 1 -5.63 1.91 -15.30
CA GLY A 1 -6.87 2.67 -15.36
C GLY A 1 -7.62 2.64 -14.05
N SER A 2 -8.88 3.08 -14.08
CA SER A 2 -9.71 3.10 -12.88
C SER A 2 -11.16 3.40 -13.24
N SER A 3 -12.06 3.23 -12.27
CA SER A 3 -13.48 3.48 -12.47
C SER A 3 -14.19 3.66 -11.14
N GLY A 4 -15.49 3.98 -11.22
CA GLY A 4 -16.27 4.17 -10.00
C GLY A 4 -17.46 3.25 -9.93
N SER A 5 -17.84 2.87 -8.71
CA SER A 5 -18.98 1.97 -8.51
C SER A 5 -20.09 2.66 -7.73
N SER A 6 -21.32 2.22 -7.96
CA SER A 6 -22.48 2.80 -7.29
C SER A 6 -23.50 1.73 -6.93
N GLY A 7 -23.59 1.42 -5.64
CA GLY A 7 -24.53 0.40 -5.18
C GLY A 7 -23.99 -0.40 -4.02
N PRO A 8 -24.57 -1.60 -3.81
CA PRO A 8 -24.15 -2.49 -2.73
C PRO A 8 -22.78 -3.10 -2.97
N LEU A 9 -21.74 -2.41 -2.49
CA LEU A 9 -20.36 -2.88 -2.66
C LEU A 9 -20.28 -4.39 -2.49
N PRO A 10 -19.40 -5.03 -3.27
CA PRO A 10 -19.20 -6.47 -3.22
C PRO A 10 -18.53 -6.93 -1.92
N ILE A 11 -18.23 -8.22 -1.85
CA ILE A 11 -17.59 -8.78 -0.66
C ILE A 11 -16.17 -8.24 -0.50
N PRO A 12 -15.71 -8.15 0.76
CA PRO A 12 -14.37 -7.66 1.09
C PRO A 12 -13.27 -8.63 0.65
N PRO A 13 -12.18 -8.07 0.12
CA PRO A 13 -11.03 -8.87 -0.35
C PRO A 13 -10.27 -9.51 0.80
N PRO A 14 -9.35 -10.43 0.46
CA PRO A 14 -8.53 -11.14 1.45
C PRO A 14 -7.52 -10.22 2.13
N PRO A 15 -6.92 -10.71 3.22
CA PRO A 15 -5.92 -9.95 3.97
C PRO A 15 -4.60 -9.78 3.22
N PRO A 16 -4.33 -8.54 2.78
CA PRO A 16 -3.11 -8.22 2.03
C PRO A 16 -1.85 -8.31 2.90
N ASP A 17 -0.69 -8.36 2.24
CA ASP A 17 0.58 -8.44 2.95
C ASP A 17 1.29 -7.10 2.94
N ILE A 18 1.34 -6.45 4.10
CA ILE A 18 1.99 -5.15 4.23
C ILE A 18 3.46 -5.31 4.59
N GLN A 19 3.81 -6.49 5.10
CA GLN A 19 5.18 -6.77 5.50
C GLN A 19 6.15 -6.44 4.37
N PRO A 20 5.80 -6.87 3.14
CA PRO A 20 6.63 -6.64 1.95
C PRO A 20 7.07 -5.18 1.84
N LEU A 21 6.15 -4.26 2.08
CA LEU A 21 6.44 -2.84 2.00
C LEU A 21 7.14 -2.36 3.27
N GLU A 22 6.69 -2.87 4.41
CA GLU A 22 7.28 -2.50 5.70
C GLU A 22 8.79 -2.73 5.69
N ARG A 23 9.21 -3.91 5.27
CA ARG A 23 10.63 -4.25 5.22
C ARG A 23 11.34 -3.44 4.13
N TYR A 24 10.81 -3.48 2.93
CA TYR A 24 11.39 -2.77 1.80
C TYR A 24 11.63 -1.30 2.17
N TRP A 25 10.75 -0.74 2.98
CA TRP A 25 10.86 0.65 3.40
C TRP A 25 12.12 0.86 4.23
N ALA A 26 12.26 0.07 5.30
CA ALA A 26 13.41 0.17 6.17
C ALA A 26 14.63 -0.50 5.55
N ALA A 27 14.44 -1.10 4.39
CA ALA A 27 15.52 -1.78 3.69
C ALA A 27 16.17 -0.87 2.65
N HIS A 28 15.36 -0.38 1.71
CA HIS A 28 15.86 0.51 0.67
C HIS A 28 15.54 1.96 1.00
N GLN A 29 14.43 2.18 1.70
CA GLN A 29 14.02 3.53 2.07
C GLN A 29 13.85 4.41 0.83
N GLN A 30 13.28 3.84 -0.22
CA GLN A 30 13.07 4.57 -1.47
C GLN A 30 12.23 3.76 -2.44
N LEU A 31 11.07 4.30 -2.81
CA LEU A 31 10.17 3.61 -3.74
C LEU A 31 10.45 4.06 -5.17
N ARG A 32 10.44 3.10 -6.09
CA ARG A 32 10.68 3.40 -7.50
C ARG A 32 9.56 2.84 -8.37
N GLU A 33 9.29 3.51 -9.49
CA GLU A 33 8.24 3.08 -10.41
C GLU A 33 8.46 1.64 -10.84
N THR A 34 9.71 1.19 -10.77
CA THR A 34 10.07 -0.17 -11.16
C THR A 34 9.71 -1.17 -10.08
N ASP A 35 9.80 -0.73 -8.82
CA ASP A 35 9.49 -1.59 -7.68
C ASP A 35 8.05 -1.38 -7.23
N ILE A 36 7.41 -0.34 -7.75
CA ILE A 36 6.03 -0.03 -7.41
C ILE A 36 5.11 -1.20 -7.73
N PRO A 37 5.09 -1.59 -9.02
CA PRO A 37 4.25 -2.70 -9.49
C PRO A 37 4.74 -4.05 -8.98
N GLN A 38 6.03 -4.13 -8.65
CA GLN A 38 6.62 -5.36 -8.16
C GLN A 38 6.20 -5.61 -6.70
N LEU A 39 6.25 -4.57 -5.88
CA LEU A 39 5.88 -4.69 -4.48
C LEU A 39 4.38 -4.89 -4.33
N SER A 40 3.59 -4.05 -5.01
CA SER A 40 2.14 -4.14 -4.95
C SER A 40 1.68 -5.56 -5.21
N GLN A 41 2.25 -6.20 -6.24
CA GLN A 41 1.89 -7.56 -6.60
C GLN A 41 2.15 -8.52 -5.43
N ALA A 42 3.15 -8.19 -4.63
CA ALA A 42 3.50 -9.02 -3.47
C ALA A 42 2.60 -8.71 -2.28
N SER A 43 2.34 -7.42 -2.07
CA SER A 43 1.51 -6.98 -0.96
C SER A 43 0.03 -7.21 -1.26
N ARG A 44 -0.25 -7.63 -2.50
CA ARG A 44 -1.63 -7.88 -2.92
C ARG A 44 -2.46 -6.61 -2.86
N LEU A 45 -1.84 -5.49 -3.23
CA LEU A 45 -2.52 -4.20 -3.22
C LEU A 45 -2.49 -3.56 -4.60
N SER A 46 -3.19 -2.44 -4.75
CA SER A 46 -3.24 -1.73 -6.02
C SER A 46 -2.06 -0.79 -6.17
N THR A 47 -1.57 -0.64 -7.40
CA THR A 47 -0.44 0.24 -7.67
C THR A 47 -0.52 1.51 -6.84
N GLN A 48 -1.73 2.02 -6.65
CA GLN A 48 -1.94 3.23 -5.88
C GLN A 48 -1.67 2.99 -4.41
N GLN A 49 -2.24 1.92 -3.87
CA GLN A 49 -2.06 1.57 -2.46
C GLN A 49 -0.60 1.73 -2.05
N VAL A 50 0.30 1.10 -2.80
CA VAL A 50 1.72 1.18 -2.50
C VAL A 50 2.21 2.62 -2.50
N LEU A 51 1.77 3.39 -3.49
CA LEU A 51 2.15 4.79 -3.61
C LEU A 51 1.81 5.55 -2.33
N ASP A 52 0.57 5.39 -1.86
CA ASP A 52 0.12 6.07 -0.65
C ASP A 52 0.84 5.52 0.58
N TRP A 53 1.02 4.20 0.62
CA TRP A 53 1.70 3.55 1.73
C TRP A 53 3.05 4.20 2.00
N PHE A 54 3.91 4.22 0.99
CA PHE A 54 5.24 4.80 1.11
C PHE A 54 5.15 6.31 1.27
N ASP A 55 4.21 6.93 0.56
CA ASP A 55 4.01 8.37 0.61
C ASP A 55 3.78 8.83 2.04
N SER A 56 2.95 8.08 2.77
CA SER A 56 2.63 8.42 4.15
C SER A 56 3.87 8.31 5.03
N ARG A 57 4.73 7.34 4.73
CA ARG A 57 5.95 7.14 5.50
C ARG A 57 6.92 8.30 5.29
N LEU A 58 7.13 8.68 4.04
CA LEU A 58 8.04 9.77 3.70
C LEU A 58 7.40 11.11 4.03
N PRO A 59 8.21 12.04 4.56
CA PRO A 59 7.75 13.38 4.92
C PRO A 59 7.43 14.23 3.70
N GLN A 60 6.91 15.44 3.93
CA GLN A 60 6.56 16.35 2.85
C GLN A 60 6.99 17.77 3.18
N PRO A 61 7.31 18.55 2.14
CA PRO A 61 7.72 19.95 2.29
C PRO A 61 6.59 20.85 2.74
N ALA A 62 6.94 22.04 3.23
CA ALA A 62 5.95 23.00 3.69
C ALA A 62 6.57 24.37 3.90
N GLU A 63 5.72 25.38 4.11
CA GLU A 63 6.18 26.74 4.33
C GLU A 63 5.88 27.21 5.75
N VAL A 64 6.09 26.31 6.71
CA VAL A 64 5.84 26.63 8.11
C VAL A 64 7.14 26.89 8.86
N SER A 65 7.10 27.82 9.81
CA SER A 65 8.28 28.16 10.59
C SER A 65 8.98 26.92 11.10
N GLY A 66 10.25 26.77 10.72
CA GLY A 66 11.02 25.61 11.13
C GLY A 66 10.96 25.38 12.63
N PRO A 67 11.00 24.11 13.04
CA PRO A 67 10.96 23.73 14.46
C PRO A 67 12.24 24.12 15.20
N SER A 68 12.27 23.82 16.50
CA SER A 68 13.44 24.13 17.32
C SER A 68 14.49 23.04 17.20
N SER A 69 15.28 23.09 16.12
CA SER A 69 16.32 22.10 15.89
C SER A 69 17.54 22.39 16.75
N GLY A 70 17.68 21.62 17.83
CA GLY A 70 18.81 21.81 18.74
C GLY A 70 19.32 20.50 19.31
N GLY A 1 -12.18 13.43 -22.84
CA GLY A 1 -12.89 13.56 -21.57
C GLY A 1 -12.79 12.31 -20.72
N SER A 2 -13.60 12.24 -19.68
CA SER A 2 -13.60 11.09 -18.78
C SER A 2 -14.90 11.02 -17.99
N SER A 3 -15.54 9.85 -18.01
CA SER A 3 -16.79 9.66 -17.30
C SER A 3 -16.75 8.37 -16.47
N GLY A 4 -17.81 8.12 -15.72
CA GLY A 4 -17.88 6.94 -14.88
C GLY A 4 -19.03 6.98 -13.90
N SER A 5 -19.26 5.86 -13.22
CA SER A 5 -20.34 5.77 -12.26
C SER A 5 -19.90 4.99 -11.01
N SER A 6 -20.01 5.62 -9.86
CA SER A 6 -19.62 4.99 -8.60
C SER A 6 -20.78 4.17 -8.02
N GLY A 7 -20.51 2.89 -7.75
CA GLY A 7 -21.53 2.03 -7.20
C GLY A 7 -21.13 1.43 -5.86
N PRO A 8 -21.78 0.33 -5.48
CA PRO A 8 -21.50 -0.36 -4.21
C PRO A 8 -20.14 -1.06 -4.23
N LEU A 9 -19.35 -0.79 -3.19
CA LEU A 9 -18.01 -1.38 -3.08
C LEU A 9 -18.04 -2.85 -3.52
N PRO A 10 -16.92 -3.31 -4.10
CA PRO A 10 -16.78 -4.68 -4.57
C PRO A 10 -16.71 -5.69 -3.41
N ILE A 11 -16.46 -6.95 -3.75
CA ILE A 11 -16.38 -8.00 -2.74
C ILE A 11 -15.11 -7.84 -1.91
N PRO A 12 -15.18 -8.28 -0.63
CA PRO A 12 -14.05 -8.20 0.30
C PRO A 12 -12.93 -9.16 -0.08
N PRO A 13 -11.79 -8.59 -0.52
CA PRO A 13 -10.62 -9.37 -0.92
C PRO A 13 -9.93 -10.02 0.27
N PRO A 14 -8.98 -10.93 -0.03
CA PRO A 14 -8.23 -11.65 1.01
C PRO A 14 -7.27 -10.73 1.76
N PRO A 15 -6.72 -11.24 2.88
CA PRO A 15 -5.77 -10.48 3.71
C PRO A 15 -4.43 -10.28 3.02
N PRO A 16 -4.15 -9.03 2.64
CA PRO A 16 -2.90 -8.67 1.96
C PRO A 16 -1.69 -8.76 2.88
N ASP A 17 -0.50 -8.51 2.34
CA ASP A 17 0.72 -8.57 3.11
C ASP A 17 1.47 -7.24 3.05
N ILE A 18 1.56 -6.55 4.19
CA ILE A 18 2.24 -5.27 4.26
C ILE A 18 3.71 -5.45 4.63
N GLN A 19 4.06 -6.65 5.07
CA GLN A 19 5.43 -6.95 5.45
C GLN A 19 6.40 -6.55 4.34
N PRO A 20 6.06 -6.92 3.10
CA PRO A 20 6.89 -6.61 1.93
C PRO A 20 7.33 -5.16 1.90
N LEU A 21 6.39 -4.25 2.12
CA LEU A 21 6.69 -2.82 2.12
C LEU A 21 7.37 -2.41 3.42
N GLU A 22 6.93 -3.00 4.53
CA GLU A 22 7.49 -2.69 5.84
C GLU A 22 9.00 -2.91 5.84
N ARG A 23 9.42 -4.07 5.34
CA ARG A 23 10.84 -4.41 5.29
C ARG A 23 11.56 -3.62 4.20
N TYR A 24 11.00 -3.65 2.99
CA TYR A 24 11.58 -2.94 1.86
C TYR A 24 11.80 -1.47 2.21
N TRP A 25 10.85 -0.87 2.90
CA TRP A 25 10.94 0.53 3.30
C TRP A 25 12.22 0.79 4.08
N ALA A 26 12.43 0.01 5.14
CA ALA A 26 13.62 0.16 5.97
C ALA A 26 14.83 -0.46 5.30
N ALA A 27 14.60 -1.16 4.19
CA ALA A 27 15.69 -1.79 3.44
C ALA A 27 16.33 -0.81 2.47
N HIS A 28 15.51 -0.21 1.61
CA HIS A 28 16.01 0.74 0.63
C HIS A 28 15.62 2.17 1.01
N GLN A 29 14.43 2.31 1.58
CA GLN A 29 13.93 3.62 1.99
C GLN A 29 13.76 4.54 0.78
N GLN A 30 13.14 4.02 -0.27
CA GLN A 30 12.91 4.79 -1.48
C GLN A 30 12.06 4.02 -2.48
N LEU A 31 10.91 4.58 -2.83
CA LEU A 31 10.00 3.93 -3.77
C LEU A 31 10.44 4.17 -5.21
N ARG A 32 10.46 3.10 -6.00
CA ARG A 32 10.86 3.19 -7.40
C ARG A 32 9.77 2.64 -8.32
N GLU A 33 9.52 3.35 -9.42
CA GLU A 33 8.51 2.93 -10.38
C GLU A 33 8.67 1.45 -10.74
N THR A 34 9.90 0.96 -10.63
CA THR A 34 10.19 -0.43 -10.94
C THR A 34 9.76 -1.35 -9.81
N ASP A 35 9.93 -0.90 -8.58
CA ASP A 35 9.54 -1.69 -7.41
C ASP A 35 8.08 -1.46 -7.06
N ILE A 36 7.49 -0.40 -7.62
CA ILE A 36 6.10 -0.07 -7.36
C ILE A 36 5.19 -1.25 -7.66
N PRO A 37 5.23 -1.74 -8.91
CA PRO A 37 4.42 -2.87 -9.36
C PRO A 37 4.87 -4.18 -8.73
N GLN A 38 6.18 -4.32 -8.53
CA GLN A 38 6.73 -5.52 -7.95
C GLN A 38 6.28 -5.70 -6.50
N LEU A 39 6.25 -4.60 -5.76
CA LEU A 39 5.82 -4.62 -4.36
C LEU A 39 4.30 -4.72 -4.26
N SER A 40 3.62 -3.91 -5.05
CA SER A 40 2.15 -3.89 -5.05
C SER A 40 1.60 -5.29 -5.29
N GLN A 41 2.25 -6.03 -6.18
CA GLN A 41 1.82 -7.39 -6.51
C GLN A 41 2.02 -8.32 -5.32
N ALA A 42 3.07 -8.07 -4.55
CA ALA A 42 3.37 -8.89 -3.38
C ALA A 42 2.32 -8.70 -2.29
N SER A 43 2.01 -7.45 -1.98
CA SER A 43 1.01 -7.14 -0.95
C SER A 43 -0.40 -7.33 -1.49
N ARG A 44 -0.50 -7.70 -2.76
CA ARG A 44 -1.79 -7.91 -3.40
C ARG A 44 -2.64 -6.65 -3.34
N LEU A 45 -2.00 -5.50 -3.52
CA LEU A 45 -2.68 -4.22 -3.48
C LEU A 45 -2.63 -3.53 -4.84
N SER A 46 -3.34 -2.41 -4.96
CA SER A 46 -3.37 -1.65 -6.21
C SER A 46 -2.18 -0.70 -6.30
N THR A 47 -1.63 -0.56 -7.49
CA THR A 47 -0.49 0.32 -7.71
C THR A 47 -0.60 1.59 -6.89
N GLN A 48 -1.84 2.07 -6.71
CA GLN A 48 -2.08 3.27 -5.94
C GLN A 48 -1.89 3.02 -4.45
N GLN A 49 -2.42 1.90 -3.96
CA GLN A 49 -2.31 1.55 -2.56
C GLN A 49 -0.87 1.71 -2.07
N VAL A 50 0.08 1.14 -2.83
CA VAL A 50 1.48 1.23 -2.47
C VAL A 50 1.96 2.68 -2.46
N LEU A 51 1.58 3.42 -3.49
CA LEU A 51 1.97 4.83 -3.60
C LEU A 51 1.62 5.59 -2.33
N ASP A 52 0.44 5.31 -1.79
CA ASP A 52 -0.01 5.97 -0.57
C ASP A 52 0.76 5.46 0.65
N TRP A 53 1.00 4.15 0.68
CA TRP A 53 1.73 3.54 1.79
C TRP A 53 3.06 4.25 2.03
N PHE A 54 3.90 4.30 1.01
CA PHE A 54 5.20 4.96 1.11
C PHE A 54 5.03 6.45 1.38
N ASP A 55 4.22 7.11 0.56
CA ASP A 55 3.97 8.54 0.72
C ASP A 55 3.67 8.89 2.18
N SER A 56 2.86 8.05 2.82
CA SER A 56 2.49 8.28 4.21
C SER A 56 3.71 8.18 5.13
N ARG A 57 4.62 7.26 4.79
CA ARG A 57 5.83 7.06 5.57
C ARG A 57 6.75 8.27 5.48
N LEU A 58 6.96 8.76 4.26
CA LEU A 58 7.82 9.92 4.04
C LEU A 58 7.39 11.09 4.93
N PRO A 59 8.34 11.99 5.21
CA PRO A 59 8.09 13.17 6.05
C PRO A 59 7.20 14.20 5.35
N GLN A 60 5.89 14.04 5.53
CA GLN A 60 4.94 14.96 4.91
C GLN A 60 3.86 15.36 5.91
N PRO A 61 3.20 16.50 5.65
CA PRO A 61 2.13 17.02 6.52
C PRO A 61 0.87 16.16 6.46
N ALA A 62 0.56 15.52 7.58
CA ALA A 62 -0.63 14.67 7.65
C ALA A 62 -1.02 14.41 9.11
N GLU A 63 -2.16 13.76 9.29
CA GLU A 63 -2.64 13.44 10.64
C GLU A 63 -2.92 11.95 10.79
N VAL A 64 -1.94 11.22 11.33
CA VAL A 64 -2.08 9.79 11.53
C VAL A 64 -2.20 9.06 10.20
N SER A 65 -1.32 9.40 9.26
CA SER A 65 -1.34 8.78 7.95
C SER A 65 -1.15 7.28 8.04
N GLY A 66 -2.20 6.53 7.73
CA GLY A 66 -2.14 5.08 7.79
C GLY A 66 -2.75 4.52 9.07
N PRO A 67 -3.36 3.33 8.96
CA PRO A 67 -4.00 2.68 10.10
C PRO A 67 -2.99 2.17 11.13
N SER A 68 -3.48 1.47 12.14
CA SER A 68 -2.63 0.94 13.19
C SER A 68 -3.23 -0.32 13.80
N SER A 69 -2.44 -1.39 13.83
CA SER A 69 -2.89 -2.66 14.38
C SER A 69 -2.47 -2.81 15.84
N GLY A 70 -3.37 -2.44 16.76
CA GLY A 70 -3.06 -2.53 18.17
C GLY A 70 -4.29 -2.35 19.04
N GLY A 1 -15.12 8.38 4.42
CA GLY A 1 -15.63 7.20 3.75
C GLY A 1 -17.05 7.38 3.26
N SER A 2 -17.69 6.28 2.86
CA SER A 2 -19.05 6.32 2.36
C SER A 2 -20.06 6.14 3.49
N SER A 3 -21.22 6.76 3.33
CA SER A 3 -22.27 6.66 4.35
C SER A 3 -23.58 6.19 3.73
N GLY A 4 -24.02 6.90 2.69
CA GLY A 4 -25.26 6.55 2.02
C GLY A 4 -25.46 7.30 0.73
N SER A 5 -24.47 7.23 -0.15
CA SER A 5 -24.53 7.92 -1.44
C SER A 5 -24.57 6.92 -2.60
N SER A 6 -24.98 7.38 -3.76
CA SER A 6 -25.07 6.54 -4.95
C SER A 6 -23.78 5.75 -5.14
N GLY A 7 -23.86 4.43 -4.99
CA GLY A 7 -22.69 3.59 -5.16
C GLY A 7 -22.30 2.87 -3.88
N PRO A 8 -22.94 1.72 -3.63
CA PRO A 8 -22.67 0.92 -2.43
C PRO A 8 -21.30 0.27 -2.46
N LEU A 9 -20.46 0.62 -1.49
CA LEU A 9 -19.11 0.06 -1.41
C LEU A 9 -19.14 -1.45 -1.51
N PRO A 10 -18.11 -2.02 -2.17
CA PRO A 10 -17.99 -3.47 -2.35
C PRO A 10 -17.70 -4.20 -1.04
N ILE A 11 -17.56 -5.52 -1.12
CA ILE A 11 -17.28 -6.33 0.06
C ILE A 11 -15.85 -6.12 0.53
N PRO A 12 -15.62 -6.28 1.84
CA PRO A 12 -14.31 -6.12 2.46
C PRO A 12 -13.33 -7.23 2.06
N PRO A 13 -12.24 -6.83 1.39
CA PRO A 13 -11.21 -7.77 0.94
C PRO A 13 -10.42 -8.37 2.10
N PRO A 14 -9.63 -9.42 1.80
CA PRO A 14 -8.80 -10.09 2.80
C PRO A 14 -7.64 -9.23 3.28
N PRO A 15 -6.98 -9.67 4.36
CA PRO A 15 -5.84 -8.95 4.93
C PRO A 15 -4.61 -9.00 4.04
N PRO A 16 -4.25 -7.84 3.44
CA PRO A 16 -3.10 -7.73 2.55
C PRO A 16 -1.78 -7.87 3.30
N ASP A 17 -0.70 -8.09 2.55
CA ASP A 17 0.63 -8.24 3.15
C ASP A 17 1.40 -6.93 3.08
N ILE A 18 1.55 -6.27 4.22
CA ILE A 18 2.27 -5.01 4.29
C ILE A 18 3.76 -5.24 4.55
N GLN A 19 4.09 -6.42 5.07
CA GLN A 19 5.47 -6.76 5.35
C GLN A 19 6.37 -6.49 4.14
N PRO A 20 5.90 -6.93 2.96
CA PRO A 20 6.65 -6.75 1.71
C PRO A 20 7.15 -5.31 1.54
N LEU A 21 6.28 -4.36 1.79
CA LEU A 21 6.64 -2.94 1.66
C LEU A 21 7.42 -2.47 2.88
N GLU A 22 7.03 -2.95 4.06
CA GLU A 22 7.72 -2.58 5.30
C GLU A 22 9.21 -2.85 5.20
N ARG A 23 9.56 -4.04 4.76
CA ARG A 23 10.96 -4.43 4.62
C ARG A 23 11.68 -3.55 3.61
N TYR A 24 11.15 -3.53 2.38
CA TYR A 24 11.74 -2.73 1.31
C TYR A 24 11.94 -1.28 1.76
N TRP A 25 10.98 -0.77 2.53
CA TRP A 25 11.04 0.59 3.03
C TRP A 25 12.14 0.73 4.09
N ALA A 26 12.11 -0.15 5.08
CA ALA A 26 13.11 -0.11 6.15
C ALA A 26 14.46 -0.60 5.66
N ALA A 27 14.48 -1.19 4.45
CA ALA A 27 15.70 -1.70 3.87
C ALA A 27 16.37 -0.65 2.97
N HIS A 28 15.61 -0.17 1.99
CA HIS A 28 16.12 0.83 1.06
C HIS A 28 15.64 2.22 1.46
N GLN A 29 14.37 2.33 1.82
CA GLN A 29 13.80 3.61 2.22
C GLN A 29 13.61 4.53 1.01
N GLN A 30 13.40 3.92 -0.15
CA GLN A 30 13.21 4.69 -1.38
C GLN A 30 12.31 3.94 -2.36
N LEU A 31 11.19 4.57 -2.71
CA LEU A 31 10.24 3.98 -3.63
C LEU A 31 10.69 4.13 -5.08
N ARG A 32 10.59 3.06 -5.86
CA ARG A 32 10.99 3.09 -7.26
C ARG A 32 9.85 2.62 -8.16
N GLU A 33 9.58 3.39 -9.21
CA GLU A 33 8.51 3.05 -10.14
C GLU A 33 8.59 1.59 -10.55
N THR A 34 9.78 1.01 -10.43
CA THR A 34 9.99 -0.39 -10.79
C THR A 34 9.55 -1.31 -9.66
N ASP A 35 9.74 -0.87 -8.43
CA ASP A 35 9.36 -1.67 -7.26
C ASP A 35 7.92 -1.37 -6.86
N ILE A 36 7.35 -0.32 -7.45
CA ILE A 36 5.97 0.05 -7.16
C ILE A 36 5.00 -1.09 -7.45
N PRO A 37 5.00 -1.55 -8.73
CA PRO A 37 4.13 -2.63 -9.17
C PRO A 37 4.55 -3.98 -8.59
N GLN A 38 5.85 -4.25 -8.58
CA GLN A 38 6.38 -5.50 -8.06
C GLN A 38 6.00 -5.67 -6.60
N LEU A 39 6.06 -4.59 -5.84
CA LEU A 39 5.72 -4.61 -4.41
C LEU A 39 4.21 -4.77 -4.22
N SER A 40 3.45 -3.96 -4.94
CA SER A 40 1.99 -4.01 -4.84
C SER A 40 1.49 -5.44 -4.99
N GLN A 41 1.99 -6.13 -6.01
CA GLN A 41 1.58 -7.51 -6.26
C GLN A 41 1.90 -8.40 -5.06
N ALA A 42 3.07 -8.20 -4.47
CA ALA A 42 3.49 -8.98 -3.32
C ALA A 42 2.60 -8.70 -2.11
N SER A 43 2.15 -7.47 -1.99
CA SER A 43 1.28 -7.07 -0.88
C SER A 43 -0.19 -7.22 -1.25
N ARG A 44 -0.44 -7.73 -2.46
CA ARG A 44 -1.81 -7.92 -2.93
C ARG A 44 -2.57 -6.60 -2.96
N LEU A 45 -1.84 -5.51 -3.17
CA LEU A 45 -2.44 -4.18 -3.21
C LEU A 45 -2.44 -3.62 -4.63
N SER A 46 -3.02 -2.45 -4.80
CA SER A 46 -3.08 -1.80 -6.11
C SER A 46 -1.94 -0.82 -6.29
N THR A 47 -1.50 -0.65 -7.54
CA THR A 47 -0.40 0.26 -7.85
C THR A 47 -0.54 1.57 -7.07
N GLN A 48 -1.78 2.02 -6.89
CA GLN A 48 -2.05 3.25 -6.16
C GLN A 48 -1.90 3.04 -4.66
N GLN A 49 -2.27 1.85 -4.19
CA GLN A 49 -2.18 1.52 -2.78
C GLN A 49 -0.76 1.70 -2.26
N VAL A 50 0.19 1.08 -2.96
CA VAL A 50 1.60 1.17 -2.57
C VAL A 50 2.08 2.61 -2.60
N LEU A 51 1.63 3.37 -3.60
CA LEU A 51 2.03 4.77 -3.73
C LEU A 51 1.65 5.57 -2.48
N ASP A 52 0.46 5.29 -1.96
CA ASP A 52 -0.03 5.98 -0.76
C ASP A 52 0.71 5.49 0.48
N TRP A 53 0.99 4.20 0.52
CA TRP A 53 1.69 3.59 1.66
C TRP A 53 3.00 4.32 1.93
N PHE A 54 3.88 4.33 0.94
CA PHE A 54 5.18 4.99 1.06
C PHE A 54 5.00 6.48 1.35
N ASP A 55 4.20 7.15 0.53
CA ASP A 55 3.96 8.58 0.69
C ASP A 55 3.51 8.88 2.12
N SER A 56 2.65 8.02 2.66
CA SER A 56 2.14 8.20 4.02
C SER A 56 3.26 8.07 5.04
N ARG A 57 4.24 7.21 4.74
CA ARG A 57 5.36 7.00 5.64
C ARG A 57 6.23 8.25 5.75
N LEU A 58 6.47 8.90 4.62
CA LEU A 58 7.27 10.11 4.59
C LEU A 58 6.81 11.10 5.66
N PRO A 59 7.73 11.99 6.07
CA PRO A 59 7.43 13.00 7.09
C PRO A 59 6.48 14.08 6.58
N GLN A 60 5.18 13.84 6.76
CA GLN A 60 4.16 14.79 6.31
C GLN A 60 3.07 14.94 7.37
N PRO A 61 2.52 16.17 7.47
CA PRO A 61 1.47 16.49 8.43
C PRO A 61 0.15 15.81 8.08
N ALA A 62 -0.51 15.25 9.08
CA ALA A 62 -1.79 14.57 8.88
C ALA A 62 -2.92 15.33 9.57
N GLU A 63 -4.12 15.25 9.00
CA GLU A 63 -5.29 15.93 9.55
C GLU A 63 -6.48 14.99 9.61
N VAL A 64 -6.82 14.55 10.82
CA VAL A 64 -7.95 13.64 11.02
C VAL A 64 -7.69 12.29 10.38
N SER A 65 -6.53 11.70 10.69
CA SER A 65 -6.16 10.41 10.14
C SER A 65 -7.03 9.30 10.71
N GLY A 66 -7.24 9.32 12.02
CA GLY A 66 -8.06 8.33 12.67
C GLY A 66 -7.25 7.14 13.16
N PRO A 67 -7.91 6.23 13.89
CA PRO A 67 -7.25 5.04 14.44
C PRO A 67 -6.88 4.04 13.36
N SER A 68 -5.58 3.78 13.21
CA SER A 68 -5.08 2.85 12.21
C SER A 68 -4.43 1.63 12.87
N SER A 69 -4.26 0.57 12.09
CA SER A 69 -3.64 -0.64 12.60
C SER A 69 -2.35 -0.34 13.35
N GLY A 70 -2.00 -1.19 14.31
CA GLY A 70 -0.79 -0.99 15.08
C GLY A 70 -0.66 0.42 15.60
N GLY A 1 -0.31 -21.39 -9.86
CA GLY A 1 -1.25 -20.59 -10.61
C GLY A 1 -2.62 -20.54 -9.97
N SER A 2 -3.56 -19.85 -10.62
CA SER A 2 -4.92 -19.73 -10.10
C SER A 2 -5.90 -19.42 -11.23
N SER A 3 -7.16 -19.77 -11.01
CA SER A 3 -8.20 -19.53 -12.01
C SER A 3 -9.58 -19.51 -11.36
N GLY A 4 -10.57 -18.97 -12.08
CA GLY A 4 -11.91 -18.89 -11.56
C GLY A 4 -12.73 -17.81 -12.22
N SER A 5 -14.05 -17.87 -12.05
CA SER A 5 -14.94 -16.88 -12.64
C SER A 5 -15.49 -15.93 -11.57
N SER A 6 -16.00 -14.79 -12.01
CA SER A 6 -16.54 -13.79 -11.09
C SER A 6 -18.03 -14.02 -10.86
N GLY A 7 -18.83 -13.77 -11.90
CA GLY A 7 -20.27 -13.96 -11.80
C GLY A 7 -20.79 -13.64 -10.42
N PRO A 8 -20.96 -14.67 -9.58
CA PRO A 8 -21.46 -14.51 -8.21
C PRO A 8 -20.45 -13.80 -7.31
N LEU A 9 -20.81 -13.67 -6.03
CA LEU A 9 -19.94 -13.02 -5.06
C LEU A 9 -19.58 -13.97 -3.93
N PRO A 10 -18.53 -14.77 -4.14
CA PRO A 10 -18.05 -15.74 -3.16
C PRO A 10 -17.40 -15.07 -1.96
N ILE A 11 -16.94 -15.88 -1.01
CA ILE A 11 -16.31 -15.36 0.20
C ILE A 11 -15.18 -14.40 -0.15
N PRO A 12 -14.92 -13.43 0.75
CA PRO A 12 -13.87 -12.43 0.56
C PRO A 12 -12.46 -13.03 0.65
N PRO A 13 -11.53 -12.46 -0.12
CA PRO A 13 -10.14 -12.92 -0.14
C PRO A 13 -9.41 -12.62 1.17
N PRO A 14 -8.21 -13.20 1.33
CA PRO A 14 -7.38 -13.01 2.52
C PRO A 14 -6.82 -11.60 2.61
N PRO A 15 -6.30 -11.24 3.79
CA PRO A 15 -5.71 -9.92 4.03
C PRO A 15 -4.40 -9.73 3.30
N PRO A 16 -4.12 -8.48 2.89
CA PRO A 16 -2.88 -8.14 2.17
C PRO A 16 -1.65 -8.23 3.05
N ASP A 17 -0.48 -8.22 2.43
CA ASP A 17 0.78 -8.30 3.16
C ASP A 17 1.52 -6.97 3.13
N ILE A 18 1.67 -6.36 4.29
CA ILE A 18 2.35 -5.07 4.40
C ILE A 18 3.85 -5.27 4.66
N GLN A 19 4.21 -6.47 5.10
CA GLN A 19 5.60 -6.78 5.39
C GLN A 19 6.49 -6.44 4.21
N PRO A 20 6.05 -6.83 3.00
CA PRO A 20 6.80 -6.58 1.76
C PRO A 20 7.26 -5.13 1.65
N LEU A 21 6.35 -4.20 1.92
CA LEU A 21 6.67 -2.77 1.85
C LEU A 21 7.43 -2.33 3.09
N GLU A 22 7.05 -2.88 4.24
CA GLU A 22 7.70 -2.54 5.50
C GLU A 22 9.22 -2.76 5.41
N ARG A 23 9.60 -3.94 4.94
CA ARG A 23 11.02 -4.28 4.81
C ARG A 23 11.69 -3.41 3.74
N TYR A 24 11.10 -3.39 2.55
CA TYR A 24 11.64 -2.61 1.45
C TYR A 24 11.90 -1.17 1.87
N TRP A 25 11.06 -0.67 2.76
CA TRP A 25 11.19 0.70 3.25
C TRP A 25 12.33 0.81 4.26
N ALA A 26 12.29 -0.03 5.28
CA ALA A 26 13.33 -0.04 6.31
C ALA A 26 14.65 -0.54 5.75
N ALA A 27 14.60 -1.15 4.57
CA ALA A 27 15.79 -1.67 3.93
C ALA A 27 16.35 -0.68 2.90
N HIS A 28 15.50 -0.26 1.97
CA HIS A 28 15.90 0.68 0.93
C HIS A 28 15.45 2.10 1.29
N GLN A 29 14.27 2.21 1.87
CA GLN A 29 13.73 3.51 2.26
C GLN A 29 13.53 4.40 1.04
N GLN A 30 13.16 3.79 -0.08
CA GLN A 30 12.94 4.53 -1.31
C GLN A 30 12.15 3.70 -2.32
N LEU A 31 11.02 4.23 -2.76
CA LEU A 31 10.17 3.54 -3.73
C LEU A 31 10.59 3.85 -5.15
N ARG A 32 10.55 2.84 -6.02
CA ARG A 32 10.93 3.00 -7.41
C ARG A 32 9.80 2.56 -8.34
N GLU A 33 9.64 3.27 -9.46
CA GLU A 33 8.59 2.95 -10.41
C GLU A 33 8.72 1.51 -10.90
N THR A 34 9.90 0.94 -10.71
CA THR A 34 10.16 -0.44 -11.13
C THR A 34 9.73 -1.42 -10.06
N ASP A 35 9.87 -1.03 -8.80
CA ASP A 35 9.49 -1.88 -7.68
C ASP A 35 8.06 -1.60 -7.25
N ILE A 36 7.45 -0.59 -7.84
CA ILE A 36 6.08 -0.22 -7.53
C ILE A 36 5.11 -1.34 -7.91
N PRO A 37 5.11 -1.71 -9.19
CA PRO A 37 4.24 -2.77 -9.71
C PRO A 37 4.65 -4.15 -9.21
N GLN A 38 5.89 -4.26 -8.74
CA GLN A 38 6.40 -5.53 -8.23
C GLN A 38 5.98 -5.75 -6.78
N LEU A 39 6.18 -4.73 -5.96
CA LEU A 39 5.82 -4.80 -4.54
C LEU A 39 4.30 -4.84 -4.37
N SER A 40 3.61 -4.01 -5.13
CA SER A 40 2.16 -3.93 -5.07
C SER A 40 1.53 -5.30 -5.26
N GLN A 41 2.09 -6.08 -6.18
CA GLN A 41 1.60 -7.42 -6.47
C GLN A 41 1.88 -8.36 -5.30
N ALA A 42 2.93 -8.06 -4.54
CA ALA A 42 3.31 -8.89 -3.40
C ALA A 42 2.45 -8.58 -2.18
N SER A 43 2.27 -7.29 -1.91
CA SER A 43 1.47 -6.85 -0.77
C SER A 43 -0.01 -7.05 -1.04
N ARG A 44 -0.33 -7.53 -2.24
CA ARG A 44 -1.72 -7.75 -2.64
C ARG A 44 -2.50 -6.44 -2.68
N LEU A 45 -1.83 -5.38 -3.12
CA LEU A 45 -2.46 -4.07 -3.22
C LEU A 45 -2.38 -3.52 -4.64
N SER A 46 -2.98 -2.35 -4.86
CA SER A 46 -2.97 -1.73 -6.17
C SER A 46 -1.82 -0.73 -6.30
N THR A 47 -1.41 -0.48 -7.53
CA THR A 47 -0.30 0.46 -7.79
C THR A 47 -0.47 1.74 -6.99
N GLN A 48 -1.73 2.17 -6.81
CA GLN A 48 -2.02 3.38 -6.07
C GLN A 48 -1.93 3.13 -4.56
N GLN A 49 -2.33 1.94 -4.14
CA GLN A 49 -2.30 1.58 -2.73
C GLN A 49 -0.88 1.71 -2.18
N VAL A 50 0.07 1.08 -2.85
CA VAL A 50 1.47 1.14 -2.43
C VAL A 50 1.99 2.56 -2.40
N LEU A 51 1.60 3.34 -3.40
CA LEU A 51 2.02 4.74 -3.50
C LEU A 51 1.60 5.53 -2.26
N ASP A 52 0.35 5.34 -1.85
CA ASP A 52 -0.18 6.03 -0.68
C ASP A 52 0.47 5.50 0.60
N TRP A 53 0.85 4.23 0.59
CA TRP A 53 1.48 3.61 1.75
C TRP A 53 2.78 4.35 2.12
N PHE A 54 3.75 4.30 1.21
CA PHE A 54 5.03 4.97 1.46
C PHE A 54 4.84 6.47 1.63
N ASP A 55 3.81 7.01 1.00
CA ASP A 55 3.53 8.44 1.08
C ASP A 55 3.37 8.87 2.53
N SER A 56 3.00 7.92 3.39
CA SER A 56 2.81 8.21 4.81
C SER A 56 4.13 8.07 5.57
N ARG A 57 5.10 7.45 4.94
CA ARG A 57 6.42 7.24 5.55
C ARG A 57 7.22 8.54 5.56
N LEU A 58 7.06 9.34 4.51
CA LEU A 58 7.77 10.60 4.38
C LEU A 58 6.92 11.75 4.91
N PRO A 59 7.58 12.89 5.19
CA PRO A 59 6.90 14.09 5.71
C PRO A 59 6.00 14.74 4.67
N GLN A 60 4.70 14.62 4.86
CA GLN A 60 3.72 15.19 3.94
C GLN A 60 3.80 16.71 3.96
N PRO A 61 3.58 17.33 2.79
CA PRO A 61 3.62 18.79 2.64
C PRO A 61 2.44 19.47 3.34
N ALA A 62 2.72 20.09 4.48
CA ALA A 62 1.68 20.78 5.24
C ALA A 62 2.09 22.23 5.53
N GLU A 63 2.83 22.82 4.61
CA GLU A 63 3.28 24.20 4.76
C GLU A 63 3.43 24.88 3.40
N VAL A 64 3.46 26.21 3.41
CA VAL A 64 3.59 26.98 2.18
C VAL A 64 4.99 27.54 2.04
N SER A 65 5.58 27.96 3.16
CA SER A 65 6.93 28.52 3.15
C SER A 65 7.92 27.56 3.79
N GLY A 66 8.96 27.20 3.05
CA GLY A 66 9.97 26.28 3.55
C GLY A 66 10.18 26.42 5.04
N PRO A 67 9.51 25.57 5.82
CA PRO A 67 9.61 25.58 7.28
C PRO A 67 10.98 25.11 7.77
N SER A 68 11.49 25.78 8.81
CA SER A 68 12.79 25.43 9.37
C SER A 68 12.68 24.22 10.30
N SER A 69 13.59 23.27 10.14
CA SER A 69 13.60 22.06 10.95
C SER A 69 12.21 21.43 11.00
N GLY A 70 11.55 21.41 9.84
CA GLY A 70 10.21 20.84 9.77
C GLY A 70 9.40 21.10 11.03
N GLY A 1 -24.66 -26.23 5.95
CA GLY A 1 -25.11 -26.27 4.58
C GLY A 1 -24.72 -25.02 3.81
N SER A 2 -25.54 -23.98 3.92
CA SER A 2 -25.29 -22.73 3.21
C SER A 2 -25.79 -21.54 4.03
N SER A 3 -24.92 -20.56 4.22
CA SER A 3 -25.28 -19.36 4.99
C SER A 3 -25.12 -18.10 4.13
N GLY A 4 -26.25 -17.52 3.74
CA GLY A 4 -26.22 -16.32 2.94
C GLY A 4 -27.51 -16.10 2.18
N SER A 5 -28.64 -16.31 2.85
CA SER A 5 -29.94 -16.14 2.24
C SER A 5 -30.27 -14.65 2.05
N SER A 6 -29.97 -13.86 3.08
CA SER A 6 -30.24 -12.43 3.03
C SER A 6 -29.69 -11.74 4.27
N GLY A 7 -28.81 -10.75 4.06
CA GLY A 7 -28.23 -10.02 5.16
C GLY A 7 -27.56 -8.74 4.73
N PRO A 8 -26.67 -8.21 5.57
CA PRO A 8 -25.94 -6.97 5.30
C PRO A 8 -24.93 -7.14 4.17
N LEU A 9 -24.21 -6.06 3.87
CA LEU A 9 -23.20 -6.09 2.81
C LEU A 9 -22.48 -7.42 2.78
N PRO A 10 -21.91 -7.76 1.62
CA PRO A 10 -21.16 -9.02 1.44
C PRO A 10 -19.84 -9.03 2.20
N ILE A 11 -19.27 -10.21 2.36
CA ILE A 11 -18.00 -10.36 3.07
C ILE A 11 -16.93 -9.45 2.48
N PRO A 12 -16.06 -8.91 3.34
CA PRO A 12 -14.97 -8.02 2.93
C PRO A 12 -13.90 -8.75 2.14
N PRO A 13 -12.98 -7.98 1.54
CA PRO A 13 -11.87 -8.53 0.74
C PRO A 13 -10.84 -9.25 1.61
N PRO A 14 -9.92 -9.98 0.95
CA PRO A 14 -8.87 -10.73 1.63
C PRO A 14 -7.83 -9.81 2.28
N PRO A 15 -7.28 -10.24 3.41
CA PRO A 15 -6.27 -9.48 4.15
C PRO A 15 -4.94 -9.43 3.41
N PRO A 16 -4.59 -8.23 2.91
CA PRO A 16 -3.34 -8.02 2.18
C PRO A 16 -2.10 -8.11 3.08
N ASP A 17 -0.94 -8.25 2.47
CA ASP A 17 0.31 -8.35 3.22
C ASP A 17 1.11 -7.05 3.10
N ILE A 18 1.25 -6.35 4.22
CA ILE A 18 1.99 -5.09 4.24
C ILE A 18 3.47 -5.34 4.57
N GLN A 19 3.77 -6.54 5.04
CA GLN A 19 5.14 -6.89 5.39
C GLN A 19 6.09 -6.59 4.23
N PRO A 20 5.69 -6.98 3.02
CA PRO A 20 6.48 -6.77 1.81
C PRO A 20 6.99 -5.34 1.70
N LEU A 21 6.10 -4.39 1.90
CA LEU A 21 6.46 -2.96 1.83
C LEU A 21 7.18 -2.53 3.10
N GLU A 22 6.74 -3.05 4.24
CA GLU A 22 7.35 -2.70 5.52
C GLU A 22 8.85 -2.96 5.50
N ARG A 23 9.24 -4.15 5.04
CA ARG A 23 10.64 -4.52 4.97
C ARG A 23 11.37 -3.69 3.91
N TYR A 24 10.85 -3.70 2.69
CA TYR A 24 11.46 -2.95 1.60
C TYR A 24 11.65 -1.49 1.98
N TRP A 25 10.69 -0.95 2.72
CA TRP A 25 10.76 0.44 3.15
C TRP A 25 11.97 0.68 4.05
N ALA A 26 12.07 -0.10 5.12
CA ALA A 26 13.17 0.02 6.06
C ALA A 26 14.47 -0.53 5.46
N ALA A 27 14.35 -1.13 4.28
CA ALA A 27 15.50 -1.69 3.60
C ALA A 27 16.14 -0.68 2.65
N HIS A 28 15.34 -0.19 1.71
CA HIS A 28 15.82 0.79 0.74
C HIS A 28 15.42 2.20 1.15
N GLN A 29 14.23 2.32 1.73
CA GLN A 29 13.71 3.61 2.17
C GLN A 29 13.53 4.55 0.98
N GLN A 30 12.98 4.02 -0.11
CA GLN A 30 12.76 4.81 -1.31
C GLN A 30 11.90 4.04 -2.31
N LEU A 31 10.74 4.60 -2.64
CA LEU A 31 9.83 3.97 -3.59
C LEU A 31 10.25 4.26 -5.02
N ARG A 32 10.25 3.22 -5.86
CA ARG A 32 10.63 3.37 -7.26
C ARG A 32 9.52 2.84 -8.18
N GLU A 33 9.29 3.55 -9.28
CA GLU A 33 8.27 3.15 -10.24
C GLU A 33 8.47 1.71 -10.69
N THR A 34 9.71 1.22 -10.54
CA THR A 34 10.04 -0.14 -10.94
C THR A 34 9.69 -1.13 -9.84
N ASP A 35 9.77 -0.69 -8.59
CA ASP A 35 9.46 -1.53 -7.45
C ASP A 35 7.99 -1.40 -7.06
N ILE A 36 7.32 -0.39 -7.61
CA ILE A 36 5.91 -0.16 -7.32
C ILE A 36 5.07 -1.36 -7.70
N PRO A 37 5.13 -1.75 -8.98
CA PRO A 37 4.37 -2.90 -9.49
C PRO A 37 4.90 -4.23 -8.97
N GLN A 38 6.18 -4.24 -8.61
CA GLN A 38 6.81 -5.45 -8.08
C GLN A 38 6.37 -5.72 -6.65
N LEU A 39 6.26 -4.66 -5.86
CA LEU A 39 5.84 -4.77 -4.47
C LEU A 39 4.34 -4.97 -4.36
N SER A 40 3.58 -4.15 -5.07
CA SER A 40 2.12 -4.24 -5.06
C SER A 40 1.66 -5.66 -5.33
N GLN A 41 2.50 -6.42 -6.04
CA GLN A 41 2.18 -7.80 -6.37
C GLN A 41 2.23 -8.69 -5.13
N ALA A 42 3.30 -8.54 -4.35
CA ALA A 42 3.47 -9.33 -3.13
C ALA A 42 2.47 -8.90 -2.06
N SER A 43 2.31 -7.59 -1.90
CA SER A 43 1.38 -7.06 -0.90
C SER A 43 -0.06 -7.23 -1.35
N ARG A 44 -0.24 -7.68 -2.58
CA ARG A 44 -1.57 -7.89 -3.14
C ARG A 44 -2.40 -6.62 -3.02
N LEU A 45 -1.77 -5.47 -3.23
CA LEU A 45 -2.45 -4.20 -3.15
C LEU A 45 -2.52 -3.53 -4.52
N SER A 46 -3.12 -2.35 -4.58
CA SER A 46 -3.26 -1.61 -5.83
C SER A 46 -2.09 -0.65 -6.02
N THR A 47 -1.69 -0.46 -7.28
CA THR A 47 -0.58 0.43 -7.60
C THR A 47 -0.65 1.71 -6.79
N GLN A 48 -1.86 2.18 -6.51
CA GLN A 48 -2.06 3.40 -5.73
C GLN A 48 -1.76 3.15 -4.25
N GLN A 49 -2.10 1.96 -3.77
CA GLN A 49 -1.86 1.61 -2.37
C GLN A 49 -0.39 1.77 -2.01
N VAL A 50 0.48 1.15 -2.80
CA VAL A 50 1.92 1.22 -2.57
C VAL A 50 2.41 2.66 -2.66
N LEU A 51 1.84 3.43 -3.58
CA LEU A 51 2.22 4.82 -3.76
C LEU A 51 1.91 5.64 -2.52
N ASP A 52 0.73 5.42 -1.94
CA ASP A 52 0.32 6.13 -0.74
C ASP A 52 1.06 5.61 0.49
N TRP A 53 1.28 4.31 0.53
CA TRP A 53 1.99 3.69 1.65
C TRP A 53 3.33 4.37 1.89
N PHE A 54 4.14 4.45 0.83
CA PHE A 54 5.45 5.08 0.94
C PHE A 54 5.34 6.60 1.02
N ASP A 55 4.40 7.15 0.27
CA ASP A 55 4.18 8.59 0.26
C ASP A 55 3.88 9.10 1.67
N SER A 56 3.09 8.34 2.41
CA SER A 56 2.72 8.71 3.77
C SER A 56 3.93 8.68 4.69
N ARG A 57 4.81 7.69 4.47
CA ARG A 57 6.01 7.55 5.29
C ARG A 57 6.95 8.74 5.09
N LEU A 58 7.14 9.14 3.84
CA LEU A 58 8.01 10.26 3.51
C LEU A 58 7.60 11.51 4.29
N PRO A 59 8.57 12.40 4.56
CA PRO A 59 8.33 13.63 5.30
C PRO A 59 7.52 14.64 4.48
N GLN A 60 6.19 14.50 4.53
CA GLN A 60 5.31 15.39 3.81
C GLN A 60 4.11 15.77 4.66
N PRO A 61 3.65 17.03 4.51
CA PRO A 61 2.50 17.55 5.26
C PRO A 61 1.18 16.92 4.83
N ALA A 62 0.55 16.20 5.75
CA ALA A 62 -0.72 15.55 5.46
C ALA A 62 -1.41 15.09 6.75
N GLU A 63 -2.68 15.43 6.89
CA GLU A 63 -3.45 15.04 8.08
C GLU A 63 -4.26 13.79 7.81
N VAL A 64 -3.94 12.71 8.53
CA VAL A 64 -4.64 11.44 8.37
C VAL A 64 -4.69 10.68 9.69
N SER A 65 -5.76 9.91 9.89
CA SER A 65 -5.92 9.13 11.11
C SER A 65 -4.67 8.33 11.42
N GLY A 66 -4.53 7.91 12.67
CA GLY A 66 -3.36 7.14 13.08
C GLY A 66 -3.70 5.69 13.35
N PRO A 67 -3.71 4.88 12.28
CA PRO A 67 -4.01 3.45 12.37
C PRO A 67 -2.90 2.67 13.08
N SER A 68 -3.26 1.49 13.59
CA SER A 68 -2.29 0.65 14.29
C SER A 68 -2.28 -0.76 13.72
N SER A 69 -1.12 -1.40 13.76
CA SER A 69 -0.96 -2.75 13.24
C SER A 69 -2.00 -3.69 13.86
N GLY A 70 -2.80 -4.32 13.01
CA GLY A 70 -3.82 -5.24 13.48
C GLY A 70 -3.64 -6.64 12.95
N GLY A 1 -26.60 7.10 -18.81
CA GLY A 1 -25.51 7.57 -17.99
C GLY A 1 -24.58 6.45 -17.57
N SER A 2 -23.62 6.76 -16.71
CA SER A 2 -22.66 5.77 -16.23
C SER A 2 -22.95 5.38 -14.79
N SER A 3 -23.06 6.37 -13.91
CA SER A 3 -23.33 6.13 -12.51
C SER A 3 -24.73 5.55 -12.32
N GLY A 4 -24.81 4.45 -11.58
CA GLY A 4 -26.10 3.80 -11.34
C GLY A 4 -26.38 3.63 -9.86
N SER A 5 -26.71 2.40 -9.46
CA SER A 5 -27.02 2.11 -8.06
C SER A 5 -26.09 1.02 -7.53
N SER A 6 -25.55 1.26 -6.33
CA SER A 6 -24.64 0.30 -5.70
C SER A 6 -25.41 -0.64 -4.78
N GLY A 7 -26.18 -0.06 -3.85
CA GLY A 7 -26.95 -0.86 -2.92
C GLY A 7 -26.13 -1.97 -2.29
N PRO A 8 -26.35 -3.21 -2.73
CA PRO A 8 -25.62 -4.39 -2.22
C PRO A 8 -24.16 -4.40 -2.64
N LEU A 9 -23.27 -4.14 -1.67
CA LEU A 9 -21.84 -4.13 -1.95
C LEU A 9 -21.27 -5.54 -1.92
N PRO A 10 -20.23 -5.77 -2.73
CA PRO A 10 -19.56 -7.07 -2.82
C PRO A 10 -18.77 -7.41 -1.56
N ILE A 11 -18.51 -8.69 -1.35
CA ILE A 11 -17.75 -9.14 -0.18
C ILE A 11 -16.37 -8.53 -0.16
N PRO A 12 -15.83 -8.31 1.05
CA PRO A 12 -14.50 -7.74 1.24
C PRO A 12 -13.39 -8.68 0.81
N PRO A 13 -12.29 -8.11 0.29
CA PRO A 13 -11.14 -8.89 -0.17
C PRO A 13 -10.37 -9.53 0.98
N PRO A 14 -9.43 -10.43 0.65
CA PRO A 14 -8.61 -11.11 1.65
C PRO A 14 -7.62 -10.18 2.33
N PRO A 15 -7.01 -10.66 3.42
CA PRO A 15 -6.03 -9.89 4.19
C PRO A 15 -4.72 -9.69 3.43
N PRO A 16 -4.46 -8.45 3.00
CA PRO A 16 -3.24 -8.11 2.25
C PRO A 16 -1.99 -8.17 3.12
N ASP A 17 -0.83 -8.24 2.47
CA ASP A 17 0.44 -8.31 3.19
C ASP A 17 1.15 -6.96 3.15
N ILE A 18 1.26 -6.32 4.32
CA ILE A 18 1.92 -5.03 4.42
C ILE A 18 3.39 -5.18 4.77
N GLN A 19 3.78 -6.40 5.18
CA GLN A 19 5.17 -6.68 5.54
C GLN A 19 6.08 -6.44 4.35
N PRO A 20 5.64 -6.85 3.16
CA PRO A 20 6.42 -6.69 1.92
C PRO A 20 6.96 -5.28 1.76
N LEU A 21 6.14 -4.28 2.07
CA LEU A 21 6.55 -2.89 1.96
C LEU A 21 7.30 -2.45 3.21
N GLU A 22 6.86 -2.91 4.37
CA GLU A 22 7.49 -2.58 5.63
C GLU A 22 8.98 -2.88 5.59
N ARG A 23 9.32 -4.08 5.10
CA ARG A 23 10.71 -4.50 5.01
C ARG A 23 11.47 -3.67 3.97
N TYR A 24 10.98 -3.70 2.74
CA TYR A 24 11.61 -2.95 1.65
C TYR A 24 11.83 -1.50 2.05
N TRP A 25 10.86 -0.92 2.74
CA TRP A 25 10.95 0.46 3.18
C TRP A 25 12.18 0.69 4.03
N ALA A 26 12.32 -0.10 5.09
CA ALA A 26 13.48 0.00 5.99
C ALA A 26 14.71 -0.64 5.36
N ALA A 27 14.53 -1.26 4.21
CA ALA A 27 15.63 -1.91 3.51
C ALA A 27 16.34 -0.94 2.57
N HIS A 28 15.59 -0.38 1.63
CA HIS A 28 16.14 0.57 0.68
C HIS A 28 15.77 2.00 1.05
N GLN A 29 14.57 2.17 1.59
CA GLN A 29 14.09 3.49 1.99
C GLN A 29 13.94 4.40 0.78
N GLN A 30 13.62 3.81 -0.37
CA GLN A 30 13.45 4.57 -1.60
C GLN A 30 12.45 3.89 -2.54
N LEU A 31 11.46 4.66 -2.99
CA LEU A 31 10.44 4.13 -3.88
C LEU A 31 10.86 4.28 -5.34
N ARG A 32 10.72 3.20 -6.10
CA ARG A 32 11.09 3.21 -7.52
C ARG A 32 9.94 2.69 -8.39
N GLU A 33 9.59 3.44 -9.42
CA GLU A 33 8.52 3.05 -10.33
C GLU A 33 8.63 1.58 -10.72
N THR A 34 9.85 1.04 -10.62
CA THR A 34 10.10 -0.35 -10.97
C THR A 34 9.68 -1.28 -9.84
N ASP A 35 9.89 -0.84 -8.61
CA ASP A 35 9.54 -1.64 -7.44
C ASP A 35 8.08 -1.38 -7.04
N ILE A 36 7.50 -0.32 -7.59
CA ILE A 36 6.12 0.02 -7.30
C ILE A 36 5.18 -1.14 -7.58
N PRO A 37 5.18 -1.61 -8.84
CA PRO A 37 4.34 -2.74 -9.27
C PRO A 37 4.79 -4.06 -8.68
N GLN A 38 6.11 -4.26 -8.60
CA GLN A 38 6.66 -5.48 -8.06
C GLN A 38 6.25 -5.67 -6.61
N LEU A 39 6.28 -4.58 -5.84
CA LEU A 39 5.91 -4.62 -4.44
C LEU A 39 4.39 -4.74 -4.28
N SER A 40 3.66 -3.95 -5.05
CA SER A 40 2.20 -3.97 -5.00
C SER A 40 1.67 -5.38 -5.20
N GLN A 41 2.24 -6.10 -6.15
CA GLN A 41 1.83 -7.47 -6.43
C GLN A 41 2.09 -8.38 -5.25
N ALA A 42 3.10 -8.04 -4.45
CA ALA A 42 3.45 -8.82 -3.29
C ALA A 42 2.52 -8.53 -2.12
N SER A 43 2.28 -7.25 -1.86
CA SER A 43 1.41 -6.83 -0.77
C SER A 43 -0.05 -7.08 -1.12
N ARG A 44 -0.28 -7.57 -2.34
CA ARG A 44 -1.64 -7.86 -2.79
C ARG A 44 -2.49 -6.59 -2.81
N LEU A 45 -1.86 -5.47 -3.13
CA LEU A 45 -2.55 -4.19 -3.20
C LEU A 45 -2.51 -3.60 -4.61
N SER A 46 -3.17 -2.47 -4.79
CA SER A 46 -3.22 -1.81 -6.09
C SER A 46 -2.04 -0.85 -6.24
N THR A 47 -1.53 -0.72 -7.47
CA THR A 47 -0.41 0.16 -7.76
C THR A 47 -0.54 1.47 -7.00
N GLN A 48 -1.77 1.96 -6.87
CA GLN A 48 -2.03 3.21 -6.17
C GLN A 48 -1.89 3.02 -4.65
N GLN A 49 -2.36 1.89 -4.16
CA GLN A 49 -2.30 1.59 -2.74
C GLN A 49 -0.88 1.78 -2.21
N VAL A 50 0.10 1.16 -2.89
CA VAL A 50 1.49 1.28 -2.48
C VAL A 50 1.96 2.73 -2.50
N LEU A 51 1.53 3.46 -3.52
CA LEU A 51 1.90 4.87 -3.65
C LEU A 51 1.47 5.67 -2.42
N ASP A 52 0.29 5.37 -1.92
CA ASP A 52 -0.24 6.06 -0.75
C ASP A 52 0.40 5.51 0.53
N TRP A 53 0.66 4.21 0.55
CA TRP A 53 1.27 3.56 1.71
C TRP A 53 2.59 4.24 2.07
N PHE A 54 3.48 4.36 1.10
CA PHE A 54 4.78 4.98 1.32
C PHE A 54 4.63 6.46 1.65
N ASP A 55 3.85 7.17 0.84
CA ASP A 55 3.62 8.59 1.05
C ASP A 55 3.15 8.86 2.47
N SER A 56 2.37 7.94 3.02
CA SER A 56 1.85 8.08 4.38
C SER A 56 2.97 7.88 5.41
N ARG A 57 3.91 7.00 5.09
CA ARG A 57 5.02 6.72 5.98
C ARG A 57 5.84 7.97 6.25
N LEU A 58 6.03 8.78 5.20
CA LEU A 58 6.79 10.02 5.33
C LEU A 58 6.49 10.73 6.64
N PRO A 59 7.48 11.45 7.17
CA PRO A 59 7.33 12.19 8.43
C PRO A 59 6.41 13.40 8.29
N GLN A 60 5.14 13.20 8.65
CA GLN A 60 4.15 14.27 8.56
C GLN A 60 3.88 14.88 9.94
N PRO A 61 3.56 16.18 9.96
CA PRO A 61 3.27 16.90 11.21
C PRO A 61 1.95 16.46 11.83
N ALA A 62 2.03 15.48 12.73
CA ALA A 62 0.84 14.98 13.41
C ALA A 62 1.22 14.12 14.62
N GLU A 63 0.25 13.89 15.50
CA GLU A 63 0.49 13.08 16.70
C GLU A 63 -0.38 11.83 16.69
N VAL A 64 -0.49 11.20 15.52
CA VAL A 64 -1.29 9.99 15.37
C VAL A 64 -1.05 9.04 16.55
N SER A 65 0.21 8.89 16.94
CA SER A 65 0.56 8.01 18.05
C SER A 65 1.78 8.55 18.80
N GLY A 66 2.08 7.93 19.94
CA GLY A 66 3.22 8.36 20.73
C GLY A 66 4.51 7.73 20.26
N PRO A 67 4.91 6.62 20.92
CA PRO A 67 6.14 5.90 20.57
C PRO A 67 6.05 5.20 19.23
N SER A 68 6.38 5.94 18.17
CA SER A 68 6.34 5.38 16.81
C SER A 68 7.18 4.11 16.72
N SER A 69 8.41 4.19 17.21
CA SER A 69 9.32 3.05 17.17
C SER A 69 9.29 2.38 15.81
N GLY A 70 9.30 3.19 14.75
CA GLY A 70 9.27 2.66 13.40
C GLY A 70 7.96 2.91 12.70
N GLY A 1 -10.05 -13.15 -11.74
CA GLY A 1 -10.77 -11.99 -12.25
C GLY A 1 -12.03 -12.38 -12.99
N SER A 2 -13.14 -11.71 -12.67
CA SER A 2 -14.42 -11.99 -13.31
C SER A 2 -15.47 -10.98 -12.90
N SER A 3 -16.58 -10.95 -13.64
CA SER A 3 -17.66 -10.01 -13.35
C SER A 3 -18.94 -10.75 -13.02
N GLY A 4 -19.73 -10.18 -12.11
CA GLY A 4 -20.97 -10.80 -11.70
C GLY A 4 -21.26 -10.64 -10.23
N SER A 5 -22.54 -10.59 -9.87
CA SER A 5 -22.94 -10.43 -8.47
C SER A 5 -24.31 -11.07 -8.22
N SER A 6 -24.33 -12.08 -7.36
CA SER A 6 -25.57 -12.78 -7.04
C SER A 6 -25.53 -13.33 -5.62
N GLY A 7 -26.70 -13.42 -4.99
CA GLY A 7 -26.77 -13.93 -3.63
C GLY A 7 -26.61 -12.84 -2.59
N PRO A 8 -26.22 -13.23 -1.37
CA PRO A 8 -26.02 -12.29 -0.26
C PRO A 8 -24.80 -11.41 -0.47
N LEU A 9 -24.61 -10.44 0.42
CA LEU A 9 -23.48 -9.53 0.34
C LEU A 9 -22.21 -10.27 -0.07
N PRO A 10 -21.36 -9.60 -0.86
CA PRO A 10 -20.10 -10.19 -1.34
C PRO A 10 -19.08 -10.35 -0.21
N ILE A 11 -18.31 -11.43 -0.27
CA ILE A 11 -17.29 -11.70 0.74
C ILE A 11 -16.18 -10.66 0.69
N PRO A 12 -15.63 -10.32 1.87
CA PRO A 12 -14.55 -9.34 2.00
C PRO A 12 -13.24 -9.86 1.43
N PRO A 13 -12.35 -8.92 1.06
CA PRO A 13 -11.03 -9.26 0.50
C PRO A 13 -10.10 -9.89 1.53
N PRO A 14 -9.15 -10.70 1.05
CA PRO A 14 -8.18 -11.38 1.91
C PRO A 14 -7.18 -10.41 2.53
N PRO A 15 -6.47 -10.86 3.58
CA PRO A 15 -5.48 -10.04 4.27
C PRO A 15 -4.23 -9.80 3.42
N PRO A 16 -4.00 -8.54 3.06
CA PRO A 16 -2.84 -8.15 2.24
C PRO A 16 -1.53 -8.28 3.00
N ASP A 17 -0.43 -8.30 2.26
CA ASP A 17 0.90 -8.43 2.86
C ASP A 17 1.61 -7.08 2.87
N ILE A 18 1.73 -6.48 4.06
CA ILE A 18 2.39 -5.19 4.21
C ILE A 18 3.89 -5.36 4.44
N GLN A 19 4.27 -6.54 4.93
CA GLN A 19 5.68 -6.83 5.20
C GLN A 19 6.53 -6.53 3.97
N PRO A 20 6.07 -6.98 2.79
CA PRO A 20 6.78 -6.75 1.53
C PRO A 20 7.22 -5.31 1.35
N LEU A 21 6.34 -4.38 1.70
CA LEU A 21 6.64 -2.96 1.58
C LEU A 21 7.42 -2.46 2.80
N GLU A 22 7.08 -2.98 3.97
CA GLU A 22 7.75 -2.59 5.21
C GLU A 22 9.25 -2.81 5.10
N ARG A 23 9.65 -4.01 4.68
CA ARG A 23 11.06 -4.34 4.53
C ARG A 23 11.73 -3.44 3.50
N TYR A 24 11.11 -3.31 2.34
CA TYR A 24 11.64 -2.49 1.26
C TYR A 24 11.90 -1.06 1.75
N TRP A 25 10.97 -0.55 2.56
CA TRP A 25 11.10 0.80 3.10
C TRP A 25 12.21 0.87 4.14
N ALA A 26 12.15 -0.01 5.13
CA ALA A 26 13.14 -0.05 6.19
C ALA A 26 14.49 -0.52 5.65
N ALA A 27 14.53 -0.87 4.37
CA ALA A 27 15.75 -1.33 3.74
C ALA A 27 16.52 -0.17 3.11
N HIS A 28 15.84 0.58 2.25
CA HIS A 28 16.46 1.72 1.58
C HIS A 28 15.66 3.00 1.83
N GLN A 29 14.43 2.84 2.32
CA GLN A 29 13.58 3.98 2.61
C GLN A 29 13.25 4.75 1.33
N GLN A 30 13.25 4.04 0.20
CA GLN A 30 12.96 4.66 -1.08
C GLN A 30 12.12 3.73 -1.96
N LEU A 31 11.38 4.32 -2.90
CA LEU A 31 10.53 3.54 -3.79
C LEU A 31 10.94 3.77 -5.25
N ARG A 32 10.83 2.72 -6.06
CA ARG A 32 11.18 2.80 -7.47
C ARG A 32 10.00 2.38 -8.34
N GLU A 33 9.69 3.20 -9.34
CA GLU A 33 8.58 2.91 -10.25
C GLU A 33 8.66 1.47 -10.75
N THR A 34 9.84 0.88 -10.65
CA THR A 34 10.04 -0.50 -11.10
C THR A 34 9.61 -1.49 -10.03
N ASP A 35 9.84 -1.14 -8.77
CA ASP A 35 9.47 -1.99 -7.65
C ASP A 35 8.04 -1.72 -7.20
N ILE A 36 7.48 -0.61 -7.66
CA ILE A 36 6.12 -0.24 -7.31
C ILE A 36 5.14 -1.36 -7.65
N PRO A 37 5.11 -1.73 -8.94
CA PRO A 37 4.22 -2.80 -9.43
C PRO A 37 4.63 -4.17 -8.92
N GLN A 38 5.93 -4.36 -8.73
CA GLN A 38 6.46 -5.64 -8.26
C GLN A 38 6.04 -5.90 -6.81
N LEU A 39 6.02 -4.84 -6.01
CA LEU A 39 5.63 -4.95 -4.61
C LEU A 39 4.12 -5.04 -4.47
N SER A 40 3.42 -4.14 -5.14
CA SER A 40 1.96 -4.12 -5.08
C SER A 40 1.38 -5.50 -5.38
N GLN A 41 2.14 -6.32 -6.10
CA GLN A 41 1.71 -7.66 -6.45
C GLN A 41 1.73 -8.58 -5.23
N ALA A 42 2.82 -8.52 -4.48
CA ALA A 42 2.98 -9.34 -3.28
C ALA A 42 2.09 -8.82 -2.15
N SER A 43 1.94 -7.50 -2.07
CA SER A 43 1.13 -6.88 -1.03
C SER A 43 -0.36 -7.07 -1.33
N ARG A 44 -0.66 -7.53 -2.54
CA ARG A 44 -2.04 -7.74 -2.95
C ARG A 44 -2.82 -6.42 -2.95
N LEU A 45 -2.12 -5.33 -3.27
CA LEU A 45 -2.75 -4.02 -3.30
C LEU A 45 -2.63 -3.40 -4.70
N SER A 46 -3.31 -2.27 -4.89
CA SER A 46 -3.28 -1.58 -6.18
C SER A 46 -2.08 -0.64 -6.26
N THR A 47 -1.52 -0.52 -7.46
CA THR A 47 -0.37 0.34 -7.69
C THR A 47 -0.47 1.62 -6.86
N GLN A 48 -1.70 2.11 -6.68
CA GLN A 48 -1.92 3.32 -5.91
C GLN A 48 -1.73 3.07 -4.43
N GLN A 49 -2.35 2.01 -3.93
CA GLN A 49 -2.26 1.65 -2.51
C GLN A 49 -0.82 1.78 -2.02
N VAL A 50 0.11 1.17 -2.75
CA VAL A 50 1.52 1.21 -2.39
C VAL A 50 2.04 2.65 -2.36
N LEU A 51 1.68 3.41 -3.39
CA LEU A 51 2.10 4.81 -3.50
C LEU A 51 1.75 5.58 -2.23
N ASP A 52 0.56 5.29 -1.68
CA ASP A 52 0.11 5.96 -0.47
C ASP A 52 0.82 5.41 0.75
N TRP A 53 1.05 4.10 0.75
CA TRP A 53 1.72 3.44 1.87
C TRP A 53 3.06 4.12 2.17
N PHE A 54 3.89 4.26 1.15
CA PHE A 54 5.20 4.88 1.30
C PHE A 54 5.06 6.40 1.50
N ASP A 55 4.12 6.99 0.79
CA ASP A 55 3.88 8.42 0.88
C ASP A 55 3.50 8.83 2.31
N SER A 56 2.71 7.98 2.96
CA SER A 56 2.28 8.24 4.34
C SER A 56 3.44 8.12 5.31
N ARG A 57 4.33 7.17 5.04
CA ARG A 57 5.49 6.94 5.89
C ARG A 57 6.35 8.19 5.98
N LEU A 58 6.50 8.88 4.85
CA LEU A 58 7.30 10.11 4.80
C LEU A 58 7.02 10.99 6.02
N PRO A 59 8.00 11.82 6.38
CA PRO A 59 7.89 12.74 7.52
C PRO A 59 6.90 13.87 7.26
N GLN A 60 5.62 13.59 7.50
CA GLN A 60 4.57 14.59 7.29
C GLN A 60 4.62 15.66 8.37
N PRO A 61 4.19 16.88 8.01
CA PRO A 61 4.17 18.02 8.94
C PRO A 61 3.11 17.85 10.03
N ALA A 62 3.56 17.88 11.28
CA ALA A 62 2.66 17.73 12.42
C ALA A 62 3.01 18.72 13.52
N GLU A 63 2.16 18.80 14.54
CA GLU A 63 2.38 19.70 15.66
C GLU A 63 3.75 19.47 16.28
N VAL A 64 4.70 20.35 15.97
CA VAL A 64 6.05 20.24 16.50
C VAL A 64 6.26 21.19 17.68
N SER A 65 7.07 20.75 18.64
CA SER A 65 7.36 21.56 19.82
C SER A 65 8.03 22.87 19.44
N GLY A 66 9.11 22.78 18.68
CA GLY A 66 9.83 23.97 18.26
C GLY A 66 9.37 24.47 16.91
N PRO A 67 9.52 25.79 16.68
CA PRO A 67 9.10 26.43 15.43
C PRO A 67 10.00 26.02 14.26
N SER A 68 10.98 25.17 14.54
CA SER A 68 11.90 24.71 13.51
C SER A 68 11.19 24.51 12.17
N SER A 69 11.67 25.20 11.14
CA SER A 69 11.07 25.11 9.81
C SER A 69 12.05 25.60 8.74
N GLY A 70 11.86 25.11 7.52
CA GLY A 70 12.73 25.51 6.43
C GLY A 70 12.75 27.01 6.23
N GLY A 1 -3.04 -9.83 -13.99
CA GLY A 1 -4.47 -9.84 -13.72
C GLY A 1 -4.98 -8.48 -13.26
N SER A 2 -6.21 -8.15 -13.65
CA SER A 2 -6.82 -6.88 -13.28
C SER A 2 -8.10 -7.10 -12.49
N SER A 3 -8.21 -6.42 -11.36
CA SER A 3 -9.39 -6.54 -10.50
C SER A 3 -9.38 -5.48 -9.41
N GLY A 4 -10.56 -4.97 -9.08
CA GLY A 4 -10.67 -3.96 -8.04
C GLY A 4 -11.48 -4.42 -6.85
N SER A 5 -12.00 -3.47 -6.08
CA SER A 5 -12.79 -3.79 -4.90
C SER A 5 -14.04 -2.93 -4.83
N SER A 6 -15.06 -3.32 -5.60
CA SER A 6 -16.32 -2.57 -5.63
C SER A 6 -17.37 -3.33 -6.44
N GLY A 7 -18.61 -3.34 -5.95
CA GLY A 7 -19.69 -4.02 -6.63
C GLY A 7 -20.88 -4.26 -5.74
N PRO A 8 -21.75 -5.20 -6.14
CA PRO A 8 -22.96 -5.53 -5.39
C PRO A 8 -22.64 -6.25 -4.08
N LEU A 9 -22.31 -5.48 -3.04
CA LEU A 9 -21.98 -6.03 -1.74
C LEU A 9 -21.28 -7.38 -1.89
N PRO A 10 -20.21 -7.40 -2.70
CA PRO A 10 -19.43 -8.62 -2.94
C PRO A 10 -18.63 -9.05 -1.71
N ILE A 11 -17.93 -10.18 -1.82
CA ILE A 11 -17.12 -10.69 -0.72
C ILE A 11 -15.94 -9.77 -0.43
N PRO A 12 -15.53 -9.72 0.85
CA PRO A 12 -14.40 -8.89 1.29
C PRO A 12 -13.07 -9.41 0.78
N PRO A 13 -12.13 -8.48 0.55
CA PRO A 13 -10.79 -8.82 0.05
C PRO A 13 -9.95 -9.56 1.09
N PRO A 14 -9.04 -10.42 0.62
CA PRO A 14 -8.16 -11.20 1.49
C PRO A 14 -7.12 -10.33 2.20
N PRO A 15 -6.46 -10.90 3.22
CA PRO A 15 -5.44 -10.20 3.99
C PRO A 15 -4.16 -9.95 3.17
N PRO A 16 -3.91 -8.68 2.85
CA PRO A 16 -2.74 -8.27 2.07
C PRO A 16 -1.44 -8.42 2.86
N ASP A 17 -0.33 -8.12 2.21
CA ASP A 17 0.98 -8.23 2.86
C ASP A 17 1.69 -6.88 2.86
N ILE A 18 1.90 -6.33 4.05
CA ILE A 18 2.57 -5.04 4.19
C ILE A 18 4.06 -5.21 4.40
N GLN A 19 4.46 -6.40 4.86
CA GLN A 19 5.87 -6.69 5.10
C GLN A 19 6.71 -6.37 3.87
N PRO A 20 6.22 -6.79 2.69
CA PRO A 20 6.91 -6.55 1.42
C PRO A 20 7.36 -5.11 1.26
N LEU A 21 6.53 -4.19 1.72
CA LEU A 21 6.85 -2.76 1.64
C LEU A 21 7.63 -2.30 2.85
N GLU A 22 7.32 -2.88 4.01
CA GLU A 22 8.00 -2.53 5.25
C GLU A 22 9.50 -2.80 5.14
N ARG A 23 9.85 -3.96 4.61
CA ARG A 23 11.25 -4.34 4.45
C ARG A 23 11.95 -3.41 3.47
N TYR A 24 11.46 -3.38 2.24
CA TYR A 24 12.04 -2.53 1.20
C TYR A 24 12.25 -1.11 1.71
N TRP A 25 11.38 -0.68 2.62
CA TRP A 25 11.48 0.66 3.19
C TRP A 25 12.57 0.73 4.26
N ALA A 26 12.51 -0.20 5.21
CA ALA A 26 13.50 -0.24 6.28
C ALA A 26 14.89 -0.57 5.73
N ALA A 27 14.93 -1.12 4.53
CA ALA A 27 16.19 -1.49 3.89
C ALA A 27 16.67 -0.38 2.95
N HIS A 28 15.81 0.01 2.01
CA HIS A 28 16.14 1.05 1.06
C HIS A 28 15.67 2.41 1.55
N GLN A 29 14.43 2.46 2.03
CA GLN A 29 13.84 3.70 2.52
C GLN A 29 13.47 4.63 1.37
N GLN A 30 13.04 4.04 0.26
CA GLN A 30 12.66 4.81 -0.92
C GLN A 30 11.90 3.95 -1.91
N LEU A 31 10.82 4.50 -2.47
CA LEU A 31 10.01 3.78 -3.44
C LEU A 31 10.54 3.96 -4.85
N ARG A 32 10.43 2.92 -5.66
CA ARG A 32 10.91 2.96 -7.04
C ARG A 32 9.83 2.48 -8.00
N GLU A 33 9.62 3.23 -9.07
CA GLU A 33 8.62 2.88 -10.07
C GLU A 33 8.77 1.42 -10.50
N THR A 34 9.95 0.86 -10.25
CA THR A 34 10.23 -0.52 -10.62
C THR A 34 9.76 -1.49 -9.53
N ASP A 35 9.79 -1.03 -8.28
CA ASP A 35 9.37 -1.85 -7.15
C ASP A 35 7.92 -1.57 -6.79
N ILE A 36 7.34 -0.56 -7.43
CA ILE A 36 5.95 -0.20 -7.19
C ILE A 36 5.00 -1.32 -7.58
N PRO A 37 5.05 -1.72 -8.87
CA PRO A 37 4.22 -2.78 -9.40
C PRO A 37 4.60 -4.16 -8.86
N GLN A 38 5.90 -4.36 -8.65
CA GLN A 38 6.41 -5.62 -8.14
C GLN A 38 5.96 -5.84 -6.68
N LEU A 39 6.12 -4.80 -5.87
CA LEU A 39 5.73 -4.87 -4.46
C LEU A 39 4.21 -4.93 -4.31
N SER A 40 3.51 -4.11 -5.10
CA SER A 40 2.06 -4.07 -5.04
C SER A 40 1.47 -5.46 -5.26
N GLN A 41 2.10 -6.23 -6.15
CA GLN A 41 1.63 -7.58 -6.45
C GLN A 41 1.74 -8.48 -5.22
N ALA A 42 2.77 -8.25 -4.41
CA ALA A 42 3.00 -9.04 -3.21
C ALA A 42 2.04 -8.61 -2.10
N SER A 43 1.83 -7.31 -1.96
CA SER A 43 0.95 -6.77 -0.93
C SER A 43 -0.52 -7.03 -1.29
N ARG A 44 -0.74 -7.52 -2.50
CA ARG A 44 -2.10 -7.79 -2.98
C ARG A 44 -2.91 -6.51 -3.06
N LEU A 45 -2.23 -5.39 -3.29
CA LEU A 45 -2.89 -4.10 -3.40
C LEU A 45 -2.75 -3.53 -4.81
N SER A 46 -3.34 -2.36 -5.04
CA SER A 46 -3.28 -1.71 -6.35
C SER A 46 -2.11 -0.75 -6.41
N THR A 47 -1.57 -0.55 -7.61
CA THR A 47 -0.44 0.35 -7.81
C THR A 47 -0.59 1.60 -6.96
N GLN A 48 -1.80 2.15 -6.93
CA GLN A 48 -2.06 3.36 -6.15
C GLN A 48 -1.90 3.09 -4.65
N GLN A 49 -2.47 1.98 -4.18
CA GLN A 49 -2.39 1.61 -2.78
C GLN A 49 -0.96 1.74 -2.26
N VAL A 50 -0.02 1.16 -3.00
CA VAL A 50 1.39 1.22 -2.61
C VAL A 50 1.90 2.66 -2.60
N LEU A 51 1.57 3.41 -3.64
CA LEU A 51 2.00 4.80 -3.75
C LEU A 51 1.58 5.60 -2.51
N ASP A 52 0.43 5.25 -1.96
CA ASP A 52 -0.08 5.92 -0.77
C ASP A 52 0.63 5.42 0.48
N TRP A 53 0.92 4.13 0.51
CA TRP A 53 1.59 3.51 1.65
C TRP A 53 2.92 4.21 1.93
N PHE A 54 3.81 4.19 0.95
CA PHE A 54 5.11 4.81 1.08
C PHE A 54 4.98 6.31 1.35
N ASP A 55 4.22 6.99 0.51
CA ASP A 55 4.00 8.42 0.66
C ASP A 55 3.57 8.77 2.08
N SER A 56 2.89 7.82 2.73
CA SER A 56 2.42 8.03 4.10
C SER A 56 3.54 7.81 5.10
N ARG A 57 4.43 6.86 4.80
CA ARG A 57 5.54 6.56 5.68
C ARG A 57 6.45 7.76 5.85
N LEU A 58 6.58 8.56 4.79
CA LEU A 58 7.41 9.75 4.82
C LEU A 58 7.18 10.55 6.10
N PRO A 59 8.19 11.33 6.50
CA PRO A 59 8.13 12.16 7.71
C PRO A 59 7.16 13.32 7.56
N GLN A 60 5.88 13.07 7.84
CA GLN A 60 4.86 14.10 7.74
C GLN A 60 3.76 13.88 8.77
N PRO A 61 3.02 14.96 9.10
CA PRO A 61 1.93 14.90 10.06
C PRO A 61 0.73 14.12 9.55
N ALA A 62 0.27 13.16 10.32
CA ALA A 62 -0.87 12.33 9.95
C ALA A 62 -1.77 12.05 11.14
N GLU A 63 -3.04 12.43 11.02
CA GLU A 63 -4.00 12.22 12.10
C GLU A 63 -4.85 10.98 11.84
N VAL A 64 -4.19 9.89 11.47
CA VAL A 64 -4.87 8.63 11.20
C VAL A 64 -4.73 7.66 12.36
N SER A 65 -5.79 6.89 12.61
CA SER A 65 -5.78 5.93 13.70
C SER A 65 -5.60 4.51 13.17
N GLY A 66 -5.05 3.64 14.01
CA GLY A 66 -4.83 2.26 13.61
C GLY A 66 -3.42 2.02 13.09
N PRO A 67 -2.47 1.85 14.01
CA PRO A 67 -1.06 1.61 13.67
C PRO A 67 -0.84 0.25 13.04
N SER A 68 -0.62 0.23 11.72
CA SER A 68 -0.39 -1.01 11.00
C SER A 68 0.89 -1.70 11.48
N SER A 69 0.85 -3.02 11.53
CA SER A 69 2.00 -3.80 11.98
C SER A 69 1.75 -5.29 11.81
N GLY A 70 2.65 -5.97 11.09
CA GLY A 70 2.50 -7.40 10.88
C GLY A 70 2.86 -8.21 12.10
N GLY A 1 -14.55 -22.78 -6.60
CA GLY A 1 -15.30 -23.24 -7.76
C GLY A 1 -16.79 -22.96 -7.62
N SER A 2 -17.51 -23.07 -8.74
CA SER A 2 -18.95 -22.83 -8.73
C SER A 2 -19.64 -23.64 -9.82
N SER A 3 -20.96 -23.77 -9.72
CA SER A 3 -21.74 -24.51 -10.70
C SER A 3 -22.85 -23.65 -11.29
N GLY A 4 -22.93 -23.63 -12.61
CA GLY A 4 -23.97 -22.85 -13.27
C GLY A 4 -23.63 -21.36 -13.30
N SER A 5 -24.66 -20.53 -13.38
CA SER A 5 -24.48 -19.08 -13.42
C SER A 5 -25.17 -18.42 -12.24
N SER A 6 -24.41 -17.65 -11.48
CA SER A 6 -24.94 -16.95 -10.32
C SER A 6 -24.17 -15.66 -10.04
N GLY A 7 -24.85 -14.67 -9.48
CA GLY A 7 -24.22 -13.40 -9.18
C GLY A 7 -24.61 -12.86 -7.82
N PRO A 8 -24.24 -13.57 -6.76
CA PRO A 8 -24.56 -13.17 -5.39
C PRO A 8 -23.78 -11.93 -4.94
N LEU A 9 -24.02 -11.49 -3.72
CA LEU A 9 -23.34 -10.33 -3.18
C LEU A 9 -21.83 -10.44 -3.33
N PRO A 10 -21.15 -9.29 -3.39
CA PRO A 10 -19.69 -9.24 -3.54
C PRO A 10 -18.97 -9.72 -2.27
N ILE A 11 -17.83 -10.37 -2.46
CA ILE A 11 -17.04 -10.88 -1.34
C ILE A 11 -15.93 -9.91 -0.98
N PRO A 12 -15.62 -9.83 0.32
CA PRO A 12 -14.56 -8.95 0.83
C PRO A 12 -13.16 -9.42 0.43
N PRO A 13 -12.24 -8.45 0.24
CA PRO A 13 -10.87 -8.74 -0.16
C PRO A 13 -10.08 -9.42 0.96
N PRO A 14 -9.13 -10.30 0.57
CA PRO A 14 -8.29 -11.03 1.53
C PRO A 14 -7.29 -10.11 2.24
N PRO A 15 -6.67 -10.64 3.31
CA PRO A 15 -5.68 -9.88 4.09
C PRO A 15 -4.39 -9.64 3.32
N PRO A 16 -4.15 -8.38 2.95
CA PRO A 16 -2.95 -7.98 2.21
C PRO A 16 -1.68 -8.08 3.06
N ASP A 17 -0.53 -8.14 2.40
CA ASP A 17 0.75 -8.24 3.08
C ASP A 17 1.47 -6.90 3.06
N ILE A 18 1.61 -6.29 4.24
CA ILE A 18 2.29 -5.00 4.35
C ILE A 18 3.77 -5.19 4.62
N GLN A 19 4.16 -6.39 5.00
CA GLN A 19 5.56 -6.71 5.28
C GLN A 19 6.44 -6.39 4.07
N PRO A 20 5.99 -6.80 2.89
CA PRO A 20 6.72 -6.57 1.64
C PRO A 20 7.19 -5.12 1.50
N LEU A 21 6.30 -4.19 1.82
CA LEU A 21 6.61 -2.78 1.73
C LEU A 21 7.42 -2.32 2.94
N GLU A 22 6.93 -2.63 4.12
CA GLU A 22 7.60 -2.25 5.36
C GLU A 22 9.07 -2.67 5.32
N ARG A 23 9.32 -3.93 4.99
CA ARG A 23 10.69 -4.45 4.92
C ARG A 23 11.50 -3.67 3.89
N TYR A 24 10.93 -3.47 2.71
CA TYR A 24 11.62 -2.75 1.65
C TYR A 24 11.91 -1.31 2.06
N TRP A 25 11.00 -0.73 2.83
CA TRP A 25 11.15 0.65 3.30
C TRP A 25 12.35 0.77 4.22
N ALA A 26 12.41 -0.11 5.23
CA ALA A 26 13.52 -0.09 6.19
C ALA A 26 14.78 -0.67 5.56
N ALA A 27 14.63 -1.43 4.49
CA ALA A 27 15.76 -2.04 3.80
C ALA A 27 16.45 -1.02 2.90
N HIS A 28 15.68 -0.35 2.06
CA HIS A 28 16.23 0.64 1.14
C HIS A 28 15.68 2.03 1.46
N GLN A 29 14.38 2.10 1.74
CA GLN A 29 13.73 3.37 2.06
C GLN A 29 13.64 4.26 0.83
N GLN A 30 13.33 3.65 -0.32
CA GLN A 30 13.23 4.39 -1.57
C GLN A 30 12.24 3.71 -2.52
N LEU A 31 11.19 4.43 -2.89
CA LEU A 31 10.18 3.89 -3.80
C LEU A 31 10.56 4.15 -5.25
N ARG A 32 10.49 3.11 -6.07
CA ARG A 32 10.82 3.22 -7.47
C ARG A 32 9.70 2.68 -8.35
N GLU A 33 9.38 3.40 -9.42
CA GLU A 33 8.31 3.00 -10.33
C GLU A 33 8.48 1.54 -10.75
N THR A 34 9.71 1.05 -10.65
CA THR A 34 10.00 -0.33 -11.03
C THR A 34 9.62 -1.29 -9.90
N ASP A 35 9.86 -0.88 -8.67
CA ASP A 35 9.54 -1.70 -7.50
C ASP A 35 8.12 -1.45 -7.04
N ILE A 36 7.47 -0.46 -7.63
CA ILE A 36 6.09 -0.12 -7.28
C ILE A 36 5.15 -1.27 -7.61
N PRO A 37 5.12 -1.66 -8.89
CA PRO A 37 4.25 -2.74 -9.36
C PRO A 37 4.71 -4.11 -8.86
N GLN A 38 6.02 -4.25 -8.65
CA GLN A 38 6.59 -5.51 -8.17
C GLN A 38 6.19 -5.75 -6.72
N LEU A 39 6.23 -4.70 -5.90
CA LEU A 39 5.88 -4.80 -4.49
C LEU A 39 4.37 -4.90 -4.32
N SER A 40 3.64 -4.08 -5.06
CA SER A 40 2.18 -4.06 -4.99
C SER A 40 1.62 -5.46 -5.24
N GLN A 41 2.24 -6.18 -6.17
CA GLN A 41 1.79 -7.53 -6.51
C GLN A 41 2.01 -8.48 -5.34
N ALA A 42 3.00 -8.18 -4.51
CA ALA A 42 3.30 -9.01 -3.35
C ALA A 42 2.41 -8.66 -2.17
N SER A 43 2.27 -7.36 -1.90
CA SER A 43 1.45 -6.90 -0.79
C SER A 43 -0.04 -7.10 -1.10
N ARG A 44 -0.33 -7.62 -2.29
CA ARG A 44 -1.70 -7.85 -2.71
C ARG A 44 -2.49 -6.54 -2.75
N LEU A 45 -1.82 -5.47 -3.14
CA LEU A 45 -2.45 -4.16 -3.22
C LEU A 45 -2.41 -3.62 -4.64
N SER A 46 -2.96 -2.43 -4.84
CA SER A 46 -2.98 -1.80 -6.16
C SER A 46 -1.82 -0.83 -6.32
N THR A 47 -1.43 -0.59 -7.56
CA THR A 47 -0.33 0.33 -7.86
C THR A 47 -0.48 1.64 -7.09
N GLN A 48 -1.72 2.01 -6.80
CA GLN A 48 -2.00 3.24 -6.08
C GLN A 48 -1.84 3.04 -4.58
N GLN A 49 -2.35 1.92 -4.08
CA GLN A 49 -2.26 1.61 -2.65
C GLN A 49 -0.85 1.80 -2.14
N VAL A 50 0.12 1.15 -2.79
CA VAL A 50 1.51 1.25 -2.40
C VAL A 50 1.99 2.70 -2.45
N LEU A 51 1.55 3.43 -3.47
CA LEU A 51 1.94 4.83 -3.63
C LEU A 51 1.51 5.65 -2.42
N ASP A 52 0.32 5.37 -1.91
CA ASP A 52 -0.20 6.08 -0.75
C ASP A 52 0.44 5.56 0.54
N TRP A 53 0.79 4.28 0.55
CA TRP A 53 1.42 3.66 1.71
C TRP A 53 2.73 4.35 2.06
N PHE A 54 3.61 4.49 1.07
CA PHE A 54 4.90 5.12 1.27
C PHE A 54 4.73 6.61 1.57
N ASP A 55 3.83 7.25 0.84
CA ASP A 55 3.58 8.68 1.03
C ASP A 55 3.46 9.03 2.50
N SER A 56 2.72 8.21 3.24
CA SER A 56 2.53 8.43 4.67
C SER A 56 3.86 8.34 5.41
N ARG A 57 4.70 7.39 5.00
CA ARG A 57 6.00 7.20 5.63
C ARG A 57 6.92 8.38 5.34
N LEU A 58 6.96 8.81 4.09
CA LEU A 58 7.80 9.93 3.68
C LEU A 58 7.12 11.26 3.99
N PRO A 59 7.93 12.29 4.27
CA PRO A 59 7.43 13.63 4.58
C PRO A 59 6.81 14.32 3.37
N GLN A 60 5.48 14.38 3.34
CA GLN A 60 4.77 15.01 2.24
C GLN A 60 5.30 16.42 1.97
N PRO A 61 5.31 16.81 0.69
CA PRO A 61 5.80 18.14 0.28
C PRO A 61 4.86 19.26 0.71
N ALA A 62 5.22 19.92 1.82
CA ALA A 62 4.41 21.02 2.34
C ALA A 62 5.29 22.22 2.69
N GLU A 63 4.68 23.40 2.70
CA GLU A 63 5.40 24.62 3.01
C GLU A 63 6.66 24.75 2.16
N VAL A 64 6.53 24.47 0.87
CA VAL A 64 7.66 24.55 -0.05
C VAL A 64 7.68 25.89 -0.78
N SER A 65 8.68 26.71 -0.50
CA SER A 65 8.81 28.02 -1.13
C SER A 65 8.59 27.92 -2.62
N GLY A 66 8.47 29.07 -3.28
CA GLY A 66 8.26 29.10 -4.71
C GLY A 66 7.44 30.29 -5.16
N PRO A 67 6.24 30.03 -5.70
CA PRO A 67 5.33 31.07 -6.17
C PRO A 67 4.75 31.90 -5.03
N SER A 68 4.91 31.40 -3.81
CA SER A 68 4.39 32.10 -2.63
C SER A 68 4.92 33.53 -2.56
N SER A 69 4.44 34.29 -1.59
CA SER A 69 4.86 35.67 -1.42
C SER A 69 4.98 36.03 0.06
N GLY A 70 6.16 36.51 0.44
CA GLY A 70 6.39 36.88 1.83
C GLY A 70 5.51 38.03 2.27
N GLY A 1 -9.21 -20.16 -3.41
CA GLY A 1 -9.84 -19.86 -4.69
C GLY A 1 -9.01 -18.90 -5.52
N SER A 2 -8.31 -19.44 -6.50
CA SER A 2 -7.47 -18.63 -7.38
C SER A 2 -8.29 -18.02 -8.51
N SER A 3 -9.08 -18.86 -9.17
CA SER A 3 -9.92 -18.40 -10.28
C SER A 3 -10.95 -19.45 -10.64
N GLY A 4 -12.21 -19.01 -10.80
CA GLY A 4 -13.27 -19.93 -11.15
C GLY A 4 -14.25 -20.14 -10.01
N SER A 5 -15.52 -19.85 -10.25
CA SER A 5 -16.55 -20.00 -9.24
C SER A 5 -17.94 -19.85 -9.84
N SER A 6 -18.75 -20.90 -9.75
CA SER A 6 -20.10 -20.88 -10.30
C SER A 6 -21.12 -20.61 -9.20
N GLY A 7 -22.13 -19.80 -9.54
CA GLY A 7 -23.16 -19.47 -8.57
C GLY A 7 -22.79 -18.27 -7.72
N PRO A 8 -22.60 -18.50 -6.41
CA PRO A 8 -22.24 -17.45 -5.47
C PRO A 8 -20.82 -16.94 -5.69
N LEU A 9 -20.55 -15.73 -5.19
CA LEU A 9 -19.23 -15.12 -5.33
C LEU A 9 -18.14 -16.04 -4.77
N PRO A 10 -16.94 -15.96 -5.36
CA PRO A 10 -15.80 -16.78 -4.94
C PRO A 10 -15.27 -16.38 -3.58
N ILE A 11 -14.30 -17.13 -3.07
CA ILE A 11 -13.70 -16.85 -1.78
C ILE A 11 -13.63 -15.35 -1.52
N PRO A 12 -13.76 -14.96 -0.24
CA PRO A 12 -13.71 -13.55 0.17
C PRO A 12 -12.32 -12.94 0.01
N PRO A 13 -12.25 -11.61 0.05
CA PRO A 13 -10.99 -10.88 -0.07
C PRO A 13 -10.08 -11.07 1.13
N PRO A 14 -8.97 -11.80 0.95
CA PRO A 14 -8.00 -12.06 2.01
C PRO A 14 -7.22 -10.81 2.41
N PRO A 15 -6.60 -10.86 3.60
CA PRO A 15 -5.81 -9.75 4.12
C PRO A 15 -4.52 -9.51 3.33
N PRO A 16 -4.26 -8.25 2.97
CA PRO A 16 -3.06 -7.87 2.21
C PRO A 16 -1.79 -8.00 3.03
N ASP A 17 -0.65 -8.10 2.35
CA ASP A 17 0.63 -8.23 3.01
C ASP A 17 1.40 -6.91 2.99
N ILE A 18 1.57 -6.30 4.15
CA ILE A 18 2.28 -5.03 4.26
C ILE A 18 3.76 -5.25 4.54
N GLN A 19 4.09 -6.45 5.02
CA GLN A 19 5.48 -6.79 5.33
C GLN A 19 6.39 -6.47 4.15
N PRO A 20 5.97 -6.86 2.94
CA PRO A 20 6.73 -6.62 1.71
C PRO A 20 7.23 -5.18 1.61
N LEU A 21 6.34 -4.23 1.90
CA LEU A 21 6.68 -2.81 1.83
C LEU A 21 7.40 -2.37 3.10
N GLU A 22 6.97 -2.93 4.24
CA GLU A 22 7.58 -2.59 5.53
C GLU A 22 9.08 -2.82 5.49
N ARG A 23 9.49 -3.97 4.98
CA ARG A 23 10.91 -4.31 4.89
C ARG A 23 11.62 -3.40 3.90
N TYR A 24 11.18 -3.42 2.65
CA TYR A 24 11.78 -2.61 1.60
C TYR A 24 12.01 -1.18 2.09
N TRP A 25 11.10 -0.69 2.94
CA TRP A 25 11.21 0.66 3.48
C TRP A 25 12.45 0.79 4.36
N ALA A 26 12.54 -0.06 5.37
CA ALA A 26 13.68 -0.03 6.29
C ALA A 26 14.95 -0.49 5.58
N ALA A 27 14.79 -1.19 4.47
CA ALA A 27 15.93 -1.69 3.71
C ALA A 27 16.57 -0.58 2.90
N HIS A 28 15.78 0.07 2.05
CA HIS A 28 16.27 1.16 1.22
C HIS A 28 15.56 2.47 1.55
N GLN A 29 14.29 2.37 1.91
CA GLN A 29 13.50 3.54 2.25
C GLN A 29 13.31 4.45 1.04
N GLN A 30 12.95 3.84 -0.09
CA GLN A 30 12.73 4.59 -1.32
C GLN A 30 11.94 3.77 -2.33
N LEU A 31 10.79 4.30 -2.75
CA LEU A 31 9.94 3.61 -3.70
C LEU A 31 10.40 3.88 -5.13
N ARG A 32 10.40 2.83 -5.96
CA ARG A 32 10.83 2.95 -7.34
C ARG A 32 9.72 2.49 -8.29
N GLU A 33 9.46 3.29 -9.32
CA GLU A 33 8.42 2.96 -10.30
C GLU A 33 8.54 1.50 -10.74
N THR A 34 9.74 0.96 -10.65
CA THR A 34 10.00 -0.42 -11.05
C THR A 34 9.58 -1.39 -9.95
N ASP A 35 9.74 -0.97 -8.70
CA ASP A 35 9.38 -1.80 -7.56
C ASP A 35 7.92 -1.56 -7.15
N ILE A 36 7.31 -0.53 -7.72
CA ILE A 36 5.93 -0.20 -7.42
C ILE A 36 5.00 -1.36 -7.78
N PRO A 37 5.01 -1.76 -9.06
CA PRO A 37 4.18 -2.85 -9.57
C PRO A 37 4.62 -4.21 -9.04
N GLN A 38 5.93 -4.34 -8.78
CA GLN A 38 6.48 -5.58 -8.27
C GLN A 38 6.10 -5.80 -6.81
N LEU A 39 6.18 -4.73 -6.02
CA LEU A 39 5.84 -4.80 -4.60
C LEU A 39 4.33 -4.85 -4.41
N SER A 40 3.62 -3.98 -5.12
CA SER A 40 2.17 -3.91 -5.02
C SER A 40 1.55 -5.28 -5.28
N GLN A 41 2.13 -6.04 -6.21
CA GLN A 41 1.63 -7.36 -6.54
C GLN A 41 1.80 -8.32 -5.37
N ALA A 42 2.91 -8.17 -4.64
CA ALA A 42 3.19 -9.02 -3.49
C ALA A 42 2.33 -8.62 -2.29
N SER A 43 2.18 -7.32 -2.08
CA SER A 43 1.38 -6.82 -0.96
C SER A 43 -0.11 -7.04 -1.22
N ARG A 44 -0.43 -7.53 -2.41
CA ARG A 44 -1.82 -7.78 -2.78
C ARG A 44 -2.62 -6.49 -2.80
N LEU A 45 -1.95 -5.39 -3.17
CA LEU A 45 -2.60 -4.09 -3.24
C LEU A 45 -2.51 -3.51 -4.65
N SER A 46 -3.18 -2.39 -4.86
CA SER A 46 -3.18 -1.72 -6.16
C SER A 46 -1.94 -0.85 -6.32
N THR A 47 -1.54 -0.61 -7.57
CA THR A 47 -0.37 0.21 -7.85
C THR A 47 -0.43 1.52 -7.09
N GLN A 48 -1.64 2.02 -6.86
CA GLN A 48 -1.82 3.27 -6.15
C GLN A 48 -1.70 3.06 -4.64
N GLN A 49 -2.26 1.96 -4.15
CA GLN A 49 -2.21 1.64 -2.73
C GLN A 49 -0.78 1.78 -2.19
N VAL A 50 0.16 1.17 -2.88
CA VAL A 50 1.57 1.22 -2.48
C VAL A 50 2.08 2.66 -2.47
N LEU A 51 1.73 3.41 -3.52
CA LEU A 51 2.16 4.80 -3.64
C LEU A 51 1.74 5.60 -2.41
N ASP A 52 0.53 5.36 -1.94
CA ASP A 52 0.01 6.06 -0.78
C ASP A 52 0.61 5.51 0.51
N TRP A 53 0.93 4.21 0.49
CA TRP A 53 1.51 3.55 1.66
C TRP A 53 2.85 4.20 2.04
N PHE A 54 3.77 4.25 1.08
CA PHE A 54 5.08 4.84 1.31
C PHE A 54 4.96 6.30 1.72
N ASP A 55 4.32 7.09 0.87
CA ASP A 55 4.13 8.51 1.13
C ASP A 55 3.64 8.74 2.56
N SER A 56 2.80 7.83 3.05
CA SER A 56 2.26 7.94 4.40
C SER A 56 3.35 7.65 5.44
N ARG A 57 4.32 6.82 5.06
CA ARG A 57 5.41 6.47 5.96
C ARG A 57 6.25 7.70 6.30
N LEU A 58 6.33 8.64 5.37
CA LEU A 58 7.10 9.87 5.58
C LEU A 58 6.26 10.92 6.30
N PRO A 59 6.94 11.80 7.04
CA PRO A 59 6.29 12.87 7.80
C PRO A 59 5.70 13.94 6.88
N GLN A 60 5.09 14.96 7.49
CA GLN A 60 4.50 16.05 6.72
C GLN A 60 3.84 15.53 5.46
N PRO A 61 2.98 14.50 5.61
CA PRO A 61 2.27 13.88 4.49
C PRO A 61 1.20 14.80 3.91
N ALA A 62 0.44 14.29 2.95
CA ALA A 62 -0.63 15.06 2.33
C ALA A 62 -2.00 14.61 2.81
N GLU A 63 -2.47 15.24 3.88
CA GLU A 63 -3.78 14.90 4.45
C GLU A 63 -4.82 15.95 4.07
N VAL A 64 -6.09 15.61 4.28
CA VAL A 64 -7.18 16.53 3.98
C VAL A 64 -7.76 17.13 5.25
N SER A 65 -7.74 16.37 6.33
CA SER A 65 -8.27 16.84 7.61
C SER A 65 -7.21 17.62 8.38
N GLY A 66 -7.64 18.67 9.06
CA GLY A 66 -6.71 19.49 9.83
C GLY A 66 -6.18 18.76 11.04
N PRO A 67 -6.86 18.91 12.18
CA PRO A 67 -6.47 18.27 13.44
C PRO A 67 -6.66 16.76 13.41
N SER A 68 -5.61 16.05 13.01
CA SER A 68 -5.66 14.59 12.93
C SER A 68 -4.28 14.01 12.65
N SER A 69 -4.15 12.70 12.81
CA SER A 69 -2.88 12.02 12.57
C SER A 69 -1.72 12.83 13.12
N GLY A 70 -1.91 13.39 14.31
CA GLY A 70 -0.87 14.20 14.94
C GLY A 70 0.51 13.63 14.71
N GLY A 1 -8.37 13.90 -12.67
CA GLY A 1 -8.39 14.31 -11.28
C GLY A 1 -9.79 14.30 -10.69
N SER A 2 -10.43 13.14 -10.71
CA SER A 2 -11.79 13.01 -10.19
C SER A 2 -12.17 11.54 -10.03
N SER A 3 -12.65 11.18 -8.84
CA SER A 3 -13.05 9.80 -8.57
C SER A 3 -14.41 9.76 -7.88
N GLY A 4 -15.04 8.59 -7.89
CA GLY A 4 -16.33 8.43 -7.25
C GLY A 4 -17.06 7.18 -7.71
N SER A 5 -17.11 6.18 -6.83
CA SER A 5 -17.78 4.93 -7.16
C SER A 5 -19.26 5.16 -7.49
N SER A 6 -19.88 6.07 -6.75
CA SER A 6 -21.28 6.38 -6.96
C SER A 6 -22.14 5.11 -6.91
N GLY A 7 -21.84 4.24 -5.95
CA GLY A 7 -22.59 3.01 -5.81
C GLY A 7 -22.30 2.30 -4.51
N PRO A 8 -22.71 1.02 -4.42
CA PRO A 8 -22.50 0.21 -3.22
C PRO A 8 -21.03 -0.15 -3.01
N LEU A 9 -20.66 -0.36 -1.75
CA LEU A 9 -19.28 -0.71 -1.41
C LEU A 9 -18.95 -2.13 -1.87
N PRO A 10 -17.71 -2.32 -2.34
CA PRO A 10 -17.24 -3.63 -2.81
C PRO A 10 -17.08 -4.63 -1.67
N ILE A 11 -16.96 -5.91 -2.03
CA ILE A 11 -16.80 -6.96 -1.04
C ILE A 11 -15.48 -6.81 -0.28
N PRO A 12 -15.47 -7.25 0.98
CA PRO A 12 -14.29 -7.17 1.84
C PRO A 12 -13.18 -8.13 1.40
N PRO A 13 -12.09 -7.57 0.87
CA PRO A 13 -10.94 -8.36 0.40
C PRO A 13 -10.19 -9.01 1.54
N PRO A 14 -9.34 -9.99 1.21
CA PRO A 14 -8.53 -10.73 2.19
C PRO A 14 -7.43 -9.85 2.80
N PRO A 15 -6.81 -10.35 3.88
CA PRO A 15 -5.74 -9.63 4.58
C PRO A 15 -4.46 -9.56 3.75
N PRO A 16 -4.12 -8.36 3.28
CA PRO A 16 -2.91 -8.14 2.47
C PRO A 16 -1.64 -8.29 3.28
N ASP A 17 -0.49 -8.07 2.63
CA ASP A 17 0.80 -8.18 3.30
C ASP A 17 1.54 -6.85 3.25
N ILE A 18 1.81 -6.28 4.41
CA ILE A 18 2.51 -5.01 4.51
C ILE A 18 4.01 -5.23 4.69
N GLN A 19 4.38 -6.43 5.12
CA GLN A 19 5.80 -6.77 5.33
C GLN A 19 6.61 -6.47 4.07
N PRO A 20 6.08 -6.88 2.92
CA PRO A 20 6.75 -6.68 1.63
C PRO A 20 7.24 -5.25 1.45
N LEU A 21 6.43 -4.29 1.86
CA LEU A 21 6.78 -2.88 1.75
C LEU A 21 7.60 -2.43 2.96
N GLU A 22 7.07 -2.68 4.15
CA GLU A 22 7.75 -2.30 5.38
C GLU A 22 9.21 -2.74 5.36
N ARG A 23 9.45 -3.95 4.85
CA ARG A 23 10.80 -4.50 4.77
C ARG A 23 11.64 -3.72 3.76
N TYR A 24 11.06 -3.49 2.58
CA TYR A 24 11.76 -2.76 1.52
C TYR A 24 12.10 -1.34 1.97
N TRP A 25 11.20 -0.74 2.74
CA TRP A 25 11.41 0.62 3.23
C TRP A 25 12.55 0.66 4.24
N ALA A 26 12.51 -0.26 5.20
CA ALA A 26 13.55 -0.32 6.23
C ALA A 26 14.89 -0.73 5.63
N ALA A 27 14.84 -1.28 4.42
CA ALA A 27 16.06 -1.71 3.75
C ALA A 27 16.63 -0.60 2.87
N HIS A 28 15.81 -0.10 1.95
CA HIS A 28 16.24 0.98 1.06
C HIS A 28 15.67 2.32 1.52
N GLN A 29 14.41 2.31 1.94
CA GLN A 29 13.75 3.53 2.40
C GLN A 29 13.45 4.46 1.23
N GLN A 30 12.98 3.88 0.13
CA GLN A 30 12.64 4.66 -1.06
C GLN A 30 11.90 3.81 -2.07
N LEU A 31 10.83 4.37 -2.64
CA LEU A 31 10.03 3.66 -3.63
C LEU A 31 10.54 3.95 -5.04
N ARG A 32 10.25 3.02 -5.96
CA ARG A 32 10.68 3.17 -7.35
C ARG A 32 9.62 2.62 -8.30
N GLU A 33 9.35 3.38 -9.36
CA GLU A 33 8.36 2.97 -10.35
C GLU A 33 8.55 1.51 -10.75
N THR A 34 9.78 1.03 -10.66
CA THR A 34 10.10 -0.35 -11.01
C THR A 34 9.69 -1.31 -9.90
N ASP A 35 9.84 -0.86 -8.65
CA ASP A 35 9.48 -1.67 -7.49
C ASP A 35 8.02 -1.45 -7.11
N ILE A 36 7.39 -0.46 -7.72
CA ILE A 36 5.99 -0.15 -7.44
C ILE A 36 5.10 -1.34 -7.76
N PRO A 37 5.14 -1.80 -9.02
CA PRO A 37 4.34 -2.94 -9.47
C PRO A 37 4.81 -4.26 -8.88
N GLN A 38 6.11 -4.35 -8.61
CA GLN A 38 6.70 -5.55 -8.04
C GLN A 38 6.24 -5.75 -6.60
N LEU A 39 6.12 -4.64 -5.86
CA LEU A 39 5.69 -4.69 -4.47
C LEU A 39 4.18 -4.84 -4.37
N SER A 40 3.46 -4.06 -5.15
CA SER A 40 2.00 -4.11 -5.15
C SER A 40 1.50 -5.53 -5.36
N GLN A 41 2.35 -6.36 -5.97
CA GLN A 41 1.99 -7.75 -6.23
C GLN A 41 2.03 -8.57 -4.94
N ALA A 42 3.11 -8.41 -4.18
CA ALA A 42 3.26 -9.13 -2.93
C ALA A 42 2.32 -8.59 -1.86
N SER A 43 2.14 -7.28 -1.84
CA SER A 43 1.27 -6.63 -0.86
C SER A 43 -0.19 -6.92 -1.17
N ARG A 44 -0.45 -7.41 -2.37
CA ARG A 44 -1.81 -7.72 -2.79
C ARG A 44 -2.66 -6.46 -2.90
N LEU A 45 -2.01 -5.35 -3.24
CA LEU A 45 -2.70 -4.08 -3.37
C LEU A 45 -2.55 -3.51 -4.78
N SER A 46 -3.22 -2.40 -5.05
CA SER A 46 -3.15 -1.76 -6.36
C SER A 46 -1.92 -0.85 -6.46
N THR A 47 -1.69 -0.33 -7.65
CA THR A 47 -0.55 0.56 -7.89
C THR A 47 -0.65 1.82 -7.04
N GLN A 48 -1.87 2.33 -6.89
CA GLN A 48 -2.10 3.53 -6.10
C GLN A 48 -1.96 3.25 -4.61
N GLN A 49 -2.41 2.07 -4.19
CA GLN A 49 -2.33 1.67 -2.79
C GLN A 49 -0.90 1.77 -2.27
N VAL A 50 0.04 1.19 -3.00
CA VAL A 50 1.44 1.23 -2.62
C VAL A 50 1.97 2.66 -2.59
N LEU A 51 1.65 3.42 -3.63
CA LEU A 51 2.09 4.81 -3.73
C LEU A 51 1.62 5.62 -2.52
N ASP A 52 0.47 5.24 -1.98
CA ASP A 52 -0.09 5.93 -0.82
C ASP A 52 0.57 5.44 0.47
N TRP A 53 0.92 4.17 0.50
CA TRP A 53 1.56 3.57 1.68
C TRP A 53 2.88 4.27 1.99
N PHE A 54 3.79 4.26 1.01
CA PHE A 54 5.09 4.90 1.19
C PHE A 54 4.94 6.37 1.52
N ASP A 55 4.04 7.04 0.80
CA ASP A 55 3.79 8.46 1.02
C ASP A 55 3.66 8.78 2.51
N SER A 56 2.98 7.89 3.23
CA SER A 56 2.78 8.08 4.66
C SER A 56 4.09 7.90 5.42
N ARG A 57 4.98 7.07 4.88
CA ARG A 57 6.26 6.81 5.51
C ARG A 57 7.19 8.01 5.35
N LEU A 58 7.28 8.53 4.14
CA LEU A 58 8.14 9.68 3.86
C LEU A 58 7.52 10.96 4.39
N PRO A 59 8.36 11.88 4.88
CA PRO A 59 7.92 13.16 5.42
C PRO A 59 7.39 14.10 4.35
N GLN A 60 6.07 14.23 4.27
CA GLN A 60 5.44 15.08 3.28
C GLN A 60 4.50 16.09 3.95
N PRO A 61 4.44 17.31 3.40
CA PRO A 61 3.59 18.38 3.92
C PRO A 61 2.11 18.10 3.70
N ALA A 62 1.39 17.85 4.80
CA ALA A 62 -0.04 17.57 4.72
C ALA A 62 -0.64 17.44 6.10
N GLU A 63 -1.83 18.01 6.29
CA GLU A 63 -2.52 17.95 7.58
C GLU A 63 -3.46 16.75 7.63
N VAL A 64 -4.21 16.66 8.73
CA VAL A 64 -5.16 15.56 8.92
C VAL A 64 -6.45 16.05 9.56
N SER A 65 -7.55 15.96 8.83
CA SER A 65 -8.85 16.40 9.33
C SER A 65 -9.86 15.25 9.30
N GLY A 66 -9.36 14.04 9.13
CA GLY A 66 -10.23 12.88 9.09
C GLY A 66 -9.93 11.97 7.90
N PRO A 67 -10.05 10.66 8.11
CA PRO A 67 -9.81 9.67 7.05
C PRO A 67 -10.87 9.69 5.97
N SER A 68 -10.69 8.86 4.95
CA SER A 68 -11.64 8.79 3.84
C SER A 68 -11.27 7.67 2.87
N SER A 69 -12.27 7.10 2.21
CA SER A 69 -12.06 6.02 1.26
C SER A 69 -11.22 4.90 1.90
N GLY A 70 -11.57 4.56 3.14
CA GLY A 70 -10.84 3.50 3.83
C GLY A 70 -11.27 2.12 3.39
N GLY A 1 -10.71 -12.78 -2.82
CA GLY A 1 -10.38 -13.20 -4.17
C GLY A 1 -10.57 -12.10 -5.19
N SER A 2 -10.70 -12.49 -6.45
CA SER A 2 -10.89 -11.52 -7.53
C SER A 2 -12.14 -11.86 -8.35
N SER A 3 -13.23 -11.17 -8.07
CA SER A 3 -14.49 -11.39 -8.78
C SER A 3 -15.18 -10.08 -9.11
N GLY A 4 -15.20 -9.72 -10.39
CA GLY A 4 -15.83 -8.49 -10.81
C GLY A 4 -17.34 -8.59 -10.82
N SER A 5 -17.97 -8.21 -9.72
CA SER A 5 -19.42 -8.26 -9.60
C SER A 5 -20.03 -6.88 -9.80
N SER A 6 -20.81 -6.73 -10.87
CA SER A 6 -21.45 -5.45 -11.18
C SER A 6 -22.90 -5.46 -10.71
N GLY A 7 -23.16 -4.71 -9.64
CA GLY A 7 -24.51 -4.63 -9.11
C GLY A 7 -24.53 -4.43 -7.60
N PRO A 8 -24.52 -5.54 -6.85
CA PRO A 8 -24.54 -5.49 -5.38
C PRO A 8 -23.23 -4.97 -4.80
N LEU A 9 -23.18 -4.84 -3.48
CA LEU A 9 -21.98 -4.36 -2.80
C LEU A 9 -20.77 -5.18 -3.18
N PRO A 10 -19.58 -4.59 -3.04
CA PRO A 10 -18.31 -5.25 -3.37
C PRO A 10 -17.97 -6.37 -2.39
N ILE A 11 -17.30 -7.40 -2.89
CA ILE A 11 -16.92 -8.54 -2.04
C ILE A 11 -15.78 -8.16 -1.11
N PRO A 12 -15.81 -8.74 0.10
CA PRO A 12 -14.78 -8.48 1.12
C PRO A 12 -13.43 -9.09 0.75
N PRO A 13 -12.46 -8.22 0.43
CA PRO A 13 -11.10 -8.65 0.05
C PRO A 13 -10.34 -9.24 1.23
N PRO A 14 -9.42 -10.17 0.93
CA PRO A 14 -8.60 -10.83 1.95
C PRO A 14 -7.57 -9.88 2.57
N PRO A 15 -6.98 -10.31 3.70
CA PRO A 15 -5.98 -9.51 4.40
C PRO A 15 -4.66 -9.42 3.64
N PRO A 16 -4.36 -8.21 3.13
CA PRO A 16 -3.13 -7.97 2.37
C PRO A 16 -1.88 -8.01 3.25
N ASP A 17 -0.73 -8.13 2.62
CA ASP A 17 0.54 -8.19 3.34
C ASP A 17 1.32 -6.88 3.17
N ILE A 18 1.53 -6.19 4.28
CA ILE A 18 2.28 -4.94 4.26
C ILE A 18 3.75 -5.15 4.52
N GLN A 19 4.10 -6.36 4.95
CA GLN A 19 5.50 -6.71 5.24
C GLN A 19 6.38 -6.41 4.05
N PRO A 20 5.93 -6.81 2.84
CA PRO A 20 6.67 -6.61 1.60
C PRO A 20 7.17 -5.17 1.46
N LEU A 21 6.33 -4.22 1.84
CA LEU A 21 6.69 -2.80 1.76
C LEU A 21 7.45 -2.37 3.00
N GLU A 22 7.10 -2.94 4.15
CA GLU A 22 7.75 -2.61 5.41
C GLU A 22 9.26 -2.88 5.34
N ARG A 23 9.61 -4.05 4.81
CA ARG A 23 11.01 -4.43 4.69
C ARG A 23 11.73 -3.54 3.69
N TYR A 24 11.25 -3.52 2.45
CA TYR A 24 11.85 -2.71 1.41
C TYR A 24 12.06 -1.28 1.88
N TRP A 25 11.17 -0.81 2.73
CA TRP A 25 11.25 0.55 3.27
C TRP A 25 12.34 0.64 4.34
N ALA A 26 12.28 -0.28 5.30
CA ALA A 26 13.26 -0.31 6.38
C ALA A 26 14.65 -0.67 5.87
N ALA A 27 14.69 -1.27 4.67
CA ALA A 27 15.95 -1.68 4.07
C ALA A 27 16.46 -0.62 3.09
N HIS A 28 15.61 -0.24 2.14
CA HIS A 28 15.97 0.76 1.15
C HIS A 28 15.53 2.15 1.59
N GLN A 29 14.29 2.25 2.06
CA GLN A 29 13.75 3.52 2.52
C GLN A 29 13.45 4.44 1.34
N GLN A 30 13.18 3.85 0.18
CA GLN A 30 12.89 4.61 -1.02
C GLN A 30 11.95 3.84 -1.94
N LEU A 31 11.16 4.56 -2.72
CA LEU A 31 10.22 3.95 -3.65
C LEU A 31 10.65 4.16 -5.09
N ARG A 32 10.37 3.18 -5.94
CA ARG A 32 10.73 3.25 -7.35
C ARG A 32 9.61 2.74 -8.23
N GLU A 33 9.27 3.50 -9.27
CA GLU A 33 8.20 3.12 -10.18
C GLU A 33 8.34 1.66 -10.59
N THR A 34 9.56 1.14 -10.53
CA THR A 34 9.83 -0.24 -10.90
C THR A 34 9.42 -1.20 -9.78
N ASP A 35 9.64 -0.78 -8.54
CA ASP A 35 9.29 -1.60 -7.39
C ASP A 35 7.84 -1.36 -6.97
N ILE A 36 7.23 -0.33 -7.54
CA ILE A 36 5.84 0.01 -7.23
C ILE A 36 4.91 -1.15 -7.57
N PRO A 37 4.92 -1.56 -8.84
CA PRO A 37 4.08 -2.67 -9.32
C PRO A 37 4.53 -4.02 -8.78
N GLN A 38 5.84 -4.19 -8.68
CA GLN A 38 6.41 -5.45 -8.18
C GLN A 38 6.01 -5.68 -6.72
N LEU A 39 6.10 -4.62 -5.92
CA LEU A 39 5.75 -4.71 -4.50
C LEU A 39 4.25 -4.84 -4.32
N SER A 40 3.50 -4.02 -5.06
CA SER A 40 2.04 -4.04 -4.97
C SER A 40 1.51 -5.45 -5.15
N GLN A 41 2.12 -6.20 -6.05
CA GLN A 41 1.71 -7.58 -6.32
C GLN A 41 2.00 -8.48 -5.12
N ALA A 42 3.06 -8.13 -4.38
CA ALA A 42 3.44 -8.91 -3.20
C ALA A 42 2.49 -8.66 -2.04
N SER A 43 2.13 -7.39 -1.84
CA SER A 43 1.23 -7.01 -0.76
C SER A 43 -0.22 -7.22 -1.17
N ARG A 44 -0.43 -7.70 -2.38
CA ARG A 44 -1.77 -7.94 -2.90
C ARG A 44 -2.58 -6.65 -2.93
N LEU A 45 -1.90 -5.53 -3.19
CA LEU A 45 -2.56 -4.23 -3.26
C LEU A 45 -2.55 -3.68 -4.68
N SER A 46 -3.07 -2.48 -4.85
CA SER A 46 -3.12 -1.85 -6.16
C SER A 46 -1.92 -0.91 -6.37
N THR A 47 -1.64 -0.59 -7.62
CA THR A 47 -0.52 0.29 -7.95
C THR A 47 -0.60 1.59 -7.16
N GLN A 48 -1.81 2.01 -6.84
CA GLN A 48 -2.02 3.24 -6.08
C GLN A 48 -1.81 3.01 -4.60
N GLN A 49 -2.32 1.89 -4.09
CA GLN A 49 -2.19 1.55 -2.68
C GLN A 49 -0.74 1.71 -2.22
N VAL A 50 0.18 1.05 -2.93
CA VAL A 50 1.59 1.11 -2.58
C VAL A 50 2.10 2.55 -2.63
N LEU A 51 1.66 3.29 -3.65
CA LEU A 51 2.06 4.68 -3.80
C LEU A 51 1.72 5.51 -2.56
N ASP A 52 0.54 5.26 -2.01
CA ASP A 52 0.09 5.98 -0.82
C ASP A 52 0.83 5.49 0.42
N TRP A 53 1.21 4.21 0.41
CA TRP A 53 1.94 3.63 1.53
C TRP A 53 3.27 4.32 1.75
N PHE A 54 4.08 4.39 0.69
CA PHE A 54 5.39 5.03 0.76
C PHE A 54 5.24 6.53 0.98
N ASP A 55 4.31 7.15 0.27
CA ASP A 55 4.07 8.58 0.39
C ASP A 55 3.62 8.94 1.80
N SER A 56 2.83 8.06 2.41
CA SER A 56 2.33 8.29 3.76
C SER A 56 3.44 8.12 4.78
N ARG A 57 4.38 7.23 4.49
CA ARG A 57 5.49 6.97 5.38
C ARG A 57 6.36 8.21 5.56
N LEU A 58 6.50 8.99 4.48
CA LEU A 58 7.30 10.21 4.52
C LEU A 58 6.98 11.03 5.75
N PRO A 59 7.98 11.76 6.26
CA PRO A 59 7.83 12.61 7.44
C PRO A 59 6.96 13.83 7.17
N GLN A 60 6.18 13.77 6.10
CA GLN A 60 5.29 14.87 5.73
C GLN A 60 4.26 15.13 6.82
N PRO A 61 3.86 16.40 6.96
CA PRO A 61 2.87 16.80 7.97
C PRO A 61 1.47 16.30 7.64
N ALA A 62 1.05 15.24 8.33
CA ALA A 62 -0.27 14.66 8.11
C ALA A 62 -0.58 13.61 9.17
N GLU A 63 -1.76 13.72 9.78
CA GLU A 63 -2.19 12.77 10.80
C GLU A 63 -3.01 11.65 10.20
N VAL A 64 -2.65 10.41 10.54
CA VAL A 64 -3.36 9.25 10.03
C VAL A 64 -3.77 8.31 11.16
N SER A 65 -4.93 7.69 11.03
CA SER A 65 -5.42 6.77 12.04
C SER A 65 -6.70 6.08 11.57
N GLY A 66 -6.85 4.81 11.96
CA GLY A 66 -8.03 4.05 11.56
C GLY A 66 -8.37 2.95 12.55
N PRO A 67 -9.66 2.61 12.64
CA PRO A 67 -10.14 1.57 13.55
C PRO A 67 -9.71 0.17 13.11
N SER A 68 -9.48 0.00 11.81
CA SER A 68 -9.07 -1.28 11.26
C SER A 68 -8.16 -1.09 10.05
N SER A 69 -7.50 -2.17 9.63
CA SER A 69 -6.60 -2.12 8.48
C SER A 69 -7.25 -2.76 7.25
N GLY A 70 -7.41 -1.97 6.20
CA GLY A 70 -8.02 -2.48 4.98
C GLY A 70 -7.31 -1.99 3.74
N GLY A 1 -9.35 -10.26 -17.84
CA GLY A 1 -9.23 -8.84 -18.16
C GLY A 1 -10.55 -8.11 -18.05
N SER A 2 -10.82 -7.56 -16.86
CA SER A 2 -12.06 -6.83 -16.63
C SER A 2 -11.81 -5.62 -15.74
N SER A 3 -12.52 -4.53 -16.02
CA SER A 3 -12.38 -3.31 -15.24
C SER A 3 -13.69 -2.53 -15.21
N GLY A 4 -14.26 -2.37 -14.01
CA GLY A 4 -15.51 -1.65 -13.87
C GLY A 4 -16.68 -2.58 -13.63
N SER A 5 -17.47 -2.27 -12.60
CA SER A 5 -18.63 -3.08 -12.26
C SER A 5 -19.50 -2.39 -11.22
N SER A 6 -20.80 -2.32 -11.48
CA SER A 6 -21.74 -1.68 -10.57
C SER A 6 -22.93 -2.59 -10.29
N GLY A 7 -23.73 -2.21 -9.29
CA GLY A 7 -24.90 -3.00 -8.94
C GLY A 7 -24.79 -3.61 -7.55
N PRO A 8 -24.31 -4.86 -7.49
CA PRO A 8 -24.14 -5.59 -6.22
C PRO A 8 -23.03 -5.02 -5.37
N LEU A 9 -23.08 -5.28 -4.07
CA LEU A 9 -22.07 -4.79 -3.14
C LEU A 9 -20.73 -5.49 -3.38
N PRO A 10 -19.63 -4.77 -3.10
CA PRO A 10 -18.28 -5.29 -3.27
C PRO A 10 -17.95 -6.39 -2.25
N ILE A 11 -17.29 -7.44 -2.72
CA ILE A 11 -16.91 -8.55 -1.84
C ILE A 11 -15.77 -8.16 -0.92
N PRO A 12 -15.81 -8.69 0.32
CA PRO A 12 -14.78 -8.40 1.33
C PRO A 12 -13.43 -9.03 0.98
N PRO A 13 -12.45 -8.18 0.63
CA PRO A 13 -11.10 -8.63 0.27
C PRO A 13 -10.35 -9.19 1.47
N PRO A 14 -9.46 -10.16 1.20
CA PRO A 14 -8.64 -10.79 2.25
C PRO A 14 -7.59 -9.85 2.81
N PRO A 15 -6.99 -10.23 3.95
CA PRO A 15 -5.95 -9.43 4.61
C PRO A 15 -4.65 -9.40 3.82
N PRO A 16 -4.32 -8.23 3.26
CA PRO A 16 -3.11 -8.04 2.47
C PRO A 16 -1.85 -8.07 3.32
N ASP A 17 -0.70 -8.25 2.67
CA ASP A 17 0.57 -8.31 3.38
C ASP A 17 1.34 -7.00 3.23
N ILE A 18 1.52 -6.30 4.35
CA ILE A 18 2.23 -5.03 4.34
C ILE A 18 3.72 -5.22 4.64
N GLN A 19 4.08 -6.45 5.02
CA GLN A 19 5.47 -6.77 5.33
C GLN A 19 6.38 -6.43 4.14
N PRO A 20 5.96 -6.82 2.93
CA PRO A 20 6.71 -6.56 1.71
C PRO A 20 7.19 -5.12 1.61
N LEU A 21 6.31 -4.19 1.96
CA LEU A 21 6.65 -2.77 1.91
C LEU A 21 7.39 -2.35 3.16
N GLU A 22 7.02 -2.93 4.30
CA GLU A 22 7.66 -2.61 5.57
C GLU A 22 9.16 -2.85 5.50
N ARG A 23 9.54 -4.02 5.00
CA ARG A 23 10.95 -4.37 4.88
C ARG A 23 11.64 -3.52 3.82
N TYR A 24 11.10 -3.54 2.61
CA TYR A 24 11.66 -2.77 1.51
C TYR A 24 11.95 -1.34 1.94
N TRP A 25 11.11 -0.81 2.82
CA TRP A 25 11.28 0.56 3.31
C TRP A 25 12.40 0.62 4.35
N ALA A 26 12.35 -0.26 5.33
CA ALA A 26 13.36 -0.29 6.38
C ALA A 26 14.72 -0.70 5.81
N ALA A 27 14.71 -1.30 4.63
CA ALA A 27 15.95 -1.73 3.99
C ALA A 27 16.40 -0.71 2.94
N HIS A 28 15.49 -0.40 2.00
CA HIS A 28 15.80 0.55 0.95
C HIS A 28 15.51 1.97 1.40
N GLN A 29 14.34 2.18 1.99
CA GLN A 29 13.94 3.50 2.46
C GLN A 29 13.63 4.42 1.30
N GLN A 30 13.00 3.88 0.26
CA GLN A 30 12.64 4.66 -0.91
C GLN A 30 11.77 3.84 -1.86
N LEU A 31 11.00 4.54 -2.70
CA LEU A 31 10.12 3.88 -3.65
C LEU A 31 10.58 4.14 -5.09
N ARG A 32 10.27 3.20 -5.98
CA ARG A 32 10.65 3.33 -7.38
C ARG A 32 9.54 2.81 -8.30
N GLU A 33 9.29 3.54 -9.39
CA GLU A 33 8.26 3.15 -10.35
C GLU A 33 8.41 1.69 -10.74
N THR A 34 9.63 1.17 -10.63
CA THR A 34 9.90 -0.22 -10.98
C THR A 34 9.51 -1.16 -9.85
N ASP A 35 9.64 -0.69 -8.61
CA ASP A 35 9.29 -1.49 -7.45
C ASP A 35 7.83 -1.29 -7.07
N ILE A 36 7.20 -0.29 -7.67
CA ILE A 36 5.80 0.01 -7.40
C ILE A 36 4.91 -1.19 -7.72
N PRO A 37 4.95 -1.64 -8.98
CA PRO A 37 4.16 -2.78 -9.44
C PRO A 37 4.65 -4.10 -8.85
N GLN A 38 5.95 -4.21 -8.68
CA GLN A 38 6.55 -5.42 -8.13
C GLN A 38 6.13 -5.62 -6.67
N LEU A 39 6.10 -4.53 -5.91
CA LEU A 39 5.73 -4.58 -4.51
C LEU A 39 4.21 -4.73 -4.36
N SER A 40 3.47 -3.92 -5.12
CA SER A 40 2.01 -3.97 -5.06
C SER A 40 1.50 -5.38 -5.29
N GLN A 41 2.19 -6.11 -6.16
CA GLN A 41 1.79 -7.48 -6.47
C GLN A 41 2.04 -8.41 -5.28
N ALA A 42 3.05 -8.07 -4.47
CA ALA A 42 3.38 -8.86 -3.30
C ALA A 42 2.38 -8.63 -2.17
N SER A 43 2.15 -7.38 -1.84
CA SER A 43 1.23 -7.02 -0.77
C SER A 43 -0.22 -7.25 -1.21
N ARG A 44 -0.38 -7.72 -2.44
CA ARG A 44 -1.71 -7.99 -2.98
C ARG A 44 -2.54 -6.71 -3.02
N LEU A 45 -1.87 -5.58 -3.12
CA LEU A 45 -2.55 -4.29 -3.15
C LEU A 45 -2.52 -3.71 -4.56
N SER A 46 -3.18 -2.57 -4.74
CA SER A 46 -3.23 -1.90 -6.04
C SER A 46 -2.00 -1.01 -6.24
N THR A 47 -1.64 -0.80 -7.50
CA THR A 47 -0.49 0.03 -7.84
C THR A 47 -0.56 1.39 -7.14
N GLN A 48 -1.78 1.82 -6.82
CA GLN A 48 -2.00 3.10 -6.15
C GLN A 48 -1.80 2.95 -4.65
N GLN A 49 -2.24 1.82 -4.10
CA GLN A 49 -2.12 1.57 -2.67
C GLN A 49 -0.68 1.75 -2.20
N VAL A 50 0.25 1.07 -2.87
CA VAL A 50 1.66 1.16 -2.52
C VAL A 50 2.16 2.59 -2.60
N LEU A 51 1.68 3.33 -3.60
CA LEU A 51 2.07 4.71 -3.79
C LEU A 51 1.73 5.55 -2.55
N ASP A 52 0.54 5.32 -1.99
CA ASP A 52 0.11 6.04 -0.80
C ASP A 52 0.86 5.55 0.43
N TRP A 53 1.22 4.28 0.44
CA TRP A 53 1.94 3.70 1.57
C TRP A 53 3.26 4.43 1.81
N PHE A 54 4.13 4.41 0.81
CA PHE A 54 5.43 5.07 0.91
C PHE A 54 5.26 6.57 1.10
N ASP A 55 4.42 7.17 0.27
CA ASP A 55 4.16 8.61 0.34
C ASP A 55 3.79 9.02 1.76
N SER A 56 2.97 8.20 2.42
CA SER A 56 2.54 8.49 3.78
C SER A 56 3.71 8.41 4.75
N ARG A 57 4.63 7.49 4.50
CA ARG A 57 5.79 7.31 5.34
C ARG A 57 6.68 8.56 5.34
N LEU A 58 6.83 9.16 4.16
CA LEU A 58 7.63 10.37 4.03
C LEU A 58 7.34 11.35 5.16
N PRO A 59 8.36 12.15 5.53
CA PRO A 59 8.24 13.15 6.59
C PRO A 59 7.33 14.31 6.19
N GLN A 60 6.51 14.09 5.18
CA GLN A 60 5.60 15.13 4.69
C GLN A 60 4.48 15.36 5.70
N PRO A 61 3.88 16.56 5.64
CA PRO A 61 2.77 16.94 6.54
C PRO A 61 1.49 16.16 6.24
N ALA A 62 1.15 15.23 7.12
CA ALA A 62 -0.05 14.43 6.96
C ALA A 62 -0.31 13.56 8.19
N GLU A 63 -1.58 13.22 8.41
CA GLU A 63 -1.95 12.41 9.56
C GLU A 63 -1.79 10.92 9.25
N VAL A 64 -1.82 10.09 10.29
CA VAL A 64 -1.69 8.65 10.13
C VAL A 64 -2.58 7.90 11.10
N SER A 65 -3.19 6.82 10.62
CA SER A 65 -4.09 6.01 11.44
C SER A 65 -3.30 5.13 12.39
N GLY A 66 -2.44 4.27 11.84
CA GLY A 66 -1.64 3.38 12.65
C GLY A 66 -0.75 2.48 11.82
N PRO A 67 0.44 2.16 12.36
CA PRO A 67 1.41 1.30 11.68
C PRO A 67 0.94 -0.15 11.59
N SER A 68 -0.20 -0.43 12.21
CA SER A 68 -0.74 -1.78 12.21
C SER A 68 0.36 -2.82 12.40
N SER A 69 1.33 -2.50 13.25
CA SER A 69 2.43 -3.41 13.51
C SER A 69 1.93 -4.77 13.98
N GLY A 70 2.70 -5.81 13.69
CA GLY A 70 2.32 -7.16 14.08
C GLY A 70 2.00 -8.03 12.89
N GLY A 1 -10.16 -3.94 -11.71
CA GLY A 1 -10.51 -3.25 -10.48
C GLY A 1 -11.13 -1.89 -10.75
N SER A 2 -11.09 -1.02 -9.75
CA SER A 2 -11.66 0.32 -9.87
C SER A 2 -13.00 0.27 -10.58
N SER A 3 -13.82 -0.72 -10.22
CA SER A 3 -15.14 -0.88 -10.83
C SER A 3 -16.24 -0.65 -9.80
N GLY A 4 -17.48 -0.57 -10.26
CA GLY A 4 -18.60 -0.35 -9.38
C GLY A 4 -18.50 0.96 -8.62
N SER A 5 -18.74 2.06 -9.34
CA SER A 5 -18.67 3.38 -8.73
C SER A 5 -19.95 3.70 -7.95
N SER A 6 -21.06 3.75 -8.67
CA SER A 6 -22.36 4.04 -8.05
C SER A 6 -22.88 2.83 -7.29
N GLY A 7 -23.35 3.05 -6.08
CA GLY A 7 -23.88 1.97 -5.26
C GLY A 7 -22.84 1.40 -4.31
N PRO A 8 -23.26 0.44 -3.48
CA PRO A 8 -22.38 -0.22 -2.51
C PRO A 8 -21.34 -1.10 -3.17
N LEU A 9 -20.46 -1.68 -2.35
CA LEU A 9 -19.40 -2.55 -2.86
C LEU A 9 -19.64 -4.00 -2.43
N PRO A 10 -19.14 -4.94 -3.24
CA PRO A 10 -19.28 -6.38 -2.96
C PRO A 10 -18.44 -6.82 -1.77
N ILE A 11 -18.46 -8.11 -1.49
CA ILE A 11 -17.70 -8.66 -0.37
C ILE A 11 -16.29 -8.06 -0.32
N PRO A 12 -15.76 -7.92 0.91
CA PRO A 12 -14.43 -7.36 1.13
C PRO A 12 -13.32 -8.29 0.65
N PRO A 13 -12.21 -7.70 0.18
CA PRO A 13 -11.07 -8.47 -0.32
C PRO A 13 -10.32 -9.18 0.80
N PRO A 14 -9.40 -10.09 0.43
CA PRO A 14 -8.61 -10.86 1.39
C PRO A 14 -7.59 -9.99 2.11
N PRO A 15 -6.96 -10.56 3.15
CA PRO A 15 -5.95 -9.85 3.94
C PRO A 15 -4.66 -9.62 3.17
N PRO A 16 -4.39 -8.36 2.83
CA PRO A 16 -3.19 -7.96 2.09
C PRO A 16 -1.92 -8.11 2.92
N ASP A 17 -0.78 -8.16 2.24
CA ASP A 17 0.51 -8.30 2.91
C ASP A 17 1.28 -6.98 2.90
N ILE A 18 1.33 -6.32 4.06
CA ILE A 18 2.02 -5.05 4.18
C ILE A 18 3.49 -5.26 4.55
N GLN A 19 3.79 -6.44 5.09
CA GLN A 19 5.17 -6.77 5.48
C GLN A 19 6.14 -6.48 4.34
N PRO A 20 5.78 -6.90 3.13
CA PRO A 20 6.61 -6.68 1.93
C PRO A 20 7.09 -5.24 1.82
N LEU A 21 6.19 -4.30 2.01
CA LEU A 21 6.53 -2.89 1.93
C LEU A 21 7.21 -2.41 3.20
N GLU A 22 6.74 -2.91 4.35
CA GLU A 22 7.32 -2.54 5.64
C GLU A 22 8.82 -2.78 5.65
N ARG A 23 9.24 -3.98 5.22
CA ARG A 23 10.64 -4.33 5.19
C ARG A 23 11.38 -3.56 4.09
N TYR A 24 10.79 -3.56 2.89
CA TYR A 24 11.38 -2.87 1.76
C TYR A 24 11.63 -1.40 2.09
N TRP A 25 10.71 -0.80 2.84
CA TRP A 25 10.83 0.60 3.23
C TRP A 25 12.07 0.83 4.08
N ALA A 26 12.15 0.12 5.20
CA ALA A 26 13.28 0.25 6.11
C ALA A 26 14.52 -0.43 5.53
N ALA A 27 14.35 -1.09 4.39
CA ALA A 27 15.46 -1.77 3.73
C ALA A 27 16.17 -0.86 2.74
N HIS A 28 15.41 -0.32 1.80
CA HIS A 28 15.96 0.57 0.79
C HIS A 28 15.58 2.02 1.07
N GLN A 29 14.41 2.21 1.66
CA GLN A 29 13.93 3.55 1.99
C GLN A 29 13.79 4.41 0.73
N GLN A 30 13.22 3.82 -0.31
CA GLN A 30 13.03 4.53 -1.57
C GLN A 30 12.17 3.71 -2.53
N LEU A 31 11.04 4.27 -2.92
CA LEU A 31 10.12 3.59 -3.84
C LEU A 31 10.46 3.93 -5.28
N ARG A 32 10.59 2.90 -6.12
CA ARG A 32 10.90 3.09 -7.53
C ARG A 32 9.75 2.63 -8.41
N GLU A 33 9.45 3.41 -9.45
CA GLU A 33 8.37 3.09 -10.37
C GLU A 33 8.50 1.65 -10.88
N THR A 34 9.72 1.15 -10.88
CA THR A 34 9.99 -0.21 -11.34
C THR A 34 9.67 -1.23 -10.27
N ASP A 35 9.83 -0.83 -9.00
CA ASP A 35 9.56 -1.71 -7.88
C ASP A 35 8.14 -1.51 -7.36
N ILE A 36 7.52 -0.40 -7.77
CA ILE A 36 6.15 -0.09 -7.34
C ILE A 36 5.20 -1.23 -7.66
N PRO A 37 5.11 -1.60 -8.95
CA PRO A 37 4.24 -2.68 -9.41
C PRO A 37 4.73 -4.05 -8.95
N GLN A 38 6.03 -4.15 -8.67
CA GLN A 38 6.62 -5.40 -8.23
C GLN A 38 6.27 -5.69 -6.77
N LEU A 39 6.32 -4.66 -5.95
CA LEU A 39 6.00 -4.80 -4.53
C LEU A 39 4.50 -4.92 -4.32
N SER A 40 3.74 -4.05 -4.99
CA SER A 40 2.29 -4.05 -4.88
C SER A 40 1.73 -5.44 -5.16
N GLN A 41 2.28 -6.10 -6.18
CA GLN A 41 1.83 -7.44 -6.55
C GLN A 41 2.03 -8.43 -5.41
N ALA A 42 3.09 -8.21 -4.63
CA ALA A 42 3.41 -9.08 -3.51
C ALA A 42 2.56 -8.72 -2.28
N SER A 43 2.31 -7.43 -2.10
CA SER A 43 1.52 -6.96 -0.97
C SER A 43 0.03 -7.17 -1.23
N ARG A 44 -0.30 -7.64 -2.42
CA ARG A 44 -1.69 -7.88 -2.79
C ARG A 44 -2.48 -6.58 -2.82
N LEU A 45 -1.79 -5.47 -3.10
CA LEU A 45 -2.43 -4.17 -3.15
C LEU A 45 -2.35 -3.57 -4.55
N SER A 46 -3.05 -2.46 -4.76
CA SER A 46 -3.05 -1.80 -6.06
C SER A 46 -1.86 -0.85 -6.19
N THR A 47 -1.47 -0.59 -7.43
CA THR A 47 -0.34 0.30 -7.70
C THR A 47 -0.50 1.63 -6.98
N GLN A 48 -1.74 1.97 -6.65
CA GLN A 48 -2.03 3.22 -5.95
C GLN A 48 -1.88 3.05 -4.44
N GLN A 49 -2.18 1.86 -3.95
CA GLN A 49 -2.08 1.57 -2.53
C GLN A 49 -0.65 1.76 -2.04
N VAL A 50 0.30 1.12 -2.71
CA VAL A 50 1.70 1.23 -2.35
C VAL A 50 2.18 2.67 -2.40
N LEU A 51 1.70 3.40 -3.40
CA LEU A 51 2.09 4.81 -3.57
C LEU A 51 1.69 5.63 -2.34
N ASP A 52 0.51 5.35 -1.80
CA ASP A 52 0.02 6.05 -0.62
C ASP A 52 0.69 5.54 0.64
N TRP A 53 0.98 4.24 0.67
CA TRP A 53 1.63 3.63 1.83
C TRP A 53 2.94 4.33 2.16
N PHE A 54 3.80 4.47 1.15
CA PHE A 54 5.09 5.12 1.33
C PHE A 54 4.92 6.60 1.63
N ASP A 55 4.13 7.27 0.79
CA ASP A 55 3.87 8.69 0.96
C ASP A 55 3.46 9.01 2.39
N SER A 56 2.62 8.16 2.97
CA SER A 56 2.14 8.35 4.33
C SER A 56 3.29 8.22 5.32
N ARG A 57 4.22 7.31 5.04
CA ARG A 57 5.36 7.09 5.91
C ARG A 57 6.27 8.30 5.93
N LEU A 58 6.48 8.90 4.76
CA LEU A 58 7.34 10.08 4.64
C LEU A 58 7.08 11.06 5.78
N PRO A 59 8.09 11.87 6.11
CA PRO A 59 7.99 12.87 7.19
C PRO A 59 7.05 14.01 6.83
N GLN A 60 6.20 13.78 5.84
CA GLN A 60 5.24 14.80 5.40
C GLN A 60 4.10 14.94 6.40
N PRO A 61 3.69 16.20 6.66
CA PRO A 61 2.60 16.50 7.59
C PRO A 61 1.25 16.05 7.07
N ALA A 62 0.60 15.15 7.79
CA ALA A 62 -0.71 14.64 7.39
C ALA A 62 -1.69 14.68 8.56
N GLU A 63 -2.79 15.40 8.38
CA GLU A 63 -3.81 15.51 9.42
C GLU A 63 -5.06 14.73 9.04
N VAL A 64 -4.88 13.52 8.53
CA VAL A 64 -6.00 12.68 8.13
C VAL A 64 -6.41 11.74 9.26
N SER A 65 -7.54 11.06 9.07
CA SER A 65 -8.04 10.12 10.07
C SER A 65 -8.03 8.69 9.54
N GLY A 66 -8.61 8.50 8.36
CA GLY A 66 -8.65 7.18 7.77
C GLY A 66 -9.52 6.22 8.55
N PRO A 67 -10.84 6.40 8.47
CA PRO A 67 -11.80 5.56 9.18
C PRO A 67 -11.87 4.15 8.61
N SER A 68 -11.53 3.17 9.44
CA SER A 68 -11.55 1.77 9.01
C SER A 68 -12.92 1.14 9.24
N SER A 69 -13.24 0.13 8.44
CA SER A 69 -14.53 -0.55 8.56
C SER A 69 -14.44 -1.98 8.02
N GLY A 70 -14.75 -2.95 8.87
CA GLY A 70 -14.70 -4.33 8.47
C GLY A 70 -13.77 -5.16 9.35
N GLY A 1 -1.99 -16.19 -9.14
CA GLY A 1 -3.01 -15.57 -8.33
C GLY A 1 -3.98 -14.75 -9.15
N SER A 2 -4.72 -13.85 -8.49
CA SER A 2 -5.68 -13.00 -9.17
C SER A 2 -6.51 -13.82 -10.16
N SER A 3 -6.91 -15.01 -9.77
CA SER A 3 -7.70 -15.88 -10.63
C SER A 3 -9.16 -15.44 -10.66
N GLY A 4 -9.77 -15.35 -9.49
CA GLY A 4 -11.16 -14.94 -9.40
C GLY A 4 -12.12 -16.01 -9.89
N SER A 5 -13.40 -15.67 -9.98
CA SER A 5 -14.41 -16.62 -10.43
C SER A 5 -15.61 -15.88 -11.03
N SER A 6 -16.32 -16.56 -11.93
CA SER A 6 -17.48 -15.98 -12.59
C SER A 6 -18.78 -16.61 -12.08
N GLY A 7 -19.89 -15.93 -12.30
CA GLY A 7 -21.18 -16.45 -11.85
C GLY A 7 -21.74 -15.67 -10.68
N PRO A 8 -21.61 -16.24 -9.48
CA PRO A 8 -22.10 -15.60 -8.25
C PRO A 8 -21.30 -14.37 -7.86
N LEU A 9 -21.78 -13.64 -6.87
CA LEU A 9 -21.11 -12.43 -6.41
C LEU A 9 -19.59 -12.63 -6.36
N PRO A 10 -18.84 -11.51 -6.44
CA PRO A 10 -17.39 -11.55 -6.40
C PRO A 10 -16.83 -11.94 -5.04
N ILE A 11 -15.57 -12.33 -5.00
CA ILE A 11 -14.93 -12.73 -3.76
C ILE A 11 -14.47 -11.52 -2.94
N PRO A 12 -14.58 -11.62 -1.61
CA PRO A 12 -14.18 -10.53 -0.70
C PRO A 12 -12.67 -10.33 -0.66
N PRO A 13 -12.25 -9.09 -0.38
CA PRO A 13 -10.83 -8.74 -0.31
C PRO A 13 -10.14 -9.36 0.90
N PRO A 14 -9.24 -10.33 0.64
CA PRO A 14 -8.50 -11.03 1.69
C PRO A 14 -7.47 -10.12 2.36
N PRO A 15 -6.89 -10.61 3.47
CA PRO A 15 -5.87 -9.86 4.22
C PRO A 15 -4.55 -9.75 3.46
N PRO A 16 -4.23 -8.53 3.00
CA PRO A 16 -2.99 -8.26 2.27
C PRO A 16 -1.76 -8.37 3.14
N ASP A 17 -0.59 -8.23 2.53
CA ASP A 17 0.67 -8.31 3.26
C ASP A 17 1.43 -7.00 3.17
N ILE A 18 1.60 -6.35 4.32
CA ILE A 18 2.32 -5.07 4.37
C ILE A 18 3.80 -5.29 4.63
N GLN A 19 4.16 -6.51 5.02
CA GLN A 19 5.56 -6.84 5.30
C GLN A 19 6.44 -6.49 4.12
N PRO A 20 5.99 -6.86 2.91
CA PRO A 20 6.73 -6.60 1.66
C PRO A 20 7.21 -5.15 1.58
N LEU A 21 6.34 -4.22 1.93
CA LEU A 21 6.67 -2.80 1.89
C LEU A 21 7.44 -2.38 3.14
N GLU A 22 7.07 -2.97 4.28
CA GLU A 22 7.74 -2.66 5.54
C GLU A 22 9.24 -2.90 5.44
N ARG A 23 9.61 -4.07 4.92
CA ARG A 23 11.02 -4.43 4.78
C ARG A 23 11.68 -3.58 3.70
N TYR A 24 11.07 -3.54 2.52
CA TYR A 24 11.60 -2.76 1.40
C TYR A 24 11.90 -1.33 1.83
N TRP A 25 11.06 -0.80 2.72
CA TRP A 25 11.24 0.57 3.21
C TRP A 25 12.45 0.67 4.13
N ALA A 26 12.51 -0.22 5.12
CA ALA A 26 13.62 -0.22 6.06
C ALA A 26 14.91 -0.68 5.40
N ALA A 27 14.77 -1.34 4.25
CA ALA A 27 15.93 -1.83 3.51
C ALA A 27 16.43 -0.77 2.52
N HIS A 28 15.55 -0.35 1.62
CA HIS A 28 15.90 0.66 0.61
C HIS A 28 15.56 2.06 1.11
N GLN A 29 14.37 2.21 1.67
CA GLN A 29 13.93 3.50 2.19
C GLN A 29 13.67 4.49 1.04
N GLN A 30 13.11 3.99 -0.06
CA GLN A 30 12.83 4.82 -1.21
C GLN A 30 11.99 4.07 -2.24
N LEU A 31 10.82 4.60 -2.55
CA LEU A 31 9.92 3.98 -3.51
C LEU A 31 10.39 4.24 -4.94
N ARG A 32 10.19 3.25 -5.81
CA ARG A 32 10.60 3.37 -7.20
C ARG A 32 9.57 2.74 -8.13
N GLU A 33 9.18 3.47 -9.17
CA GLU A 33 8.19 2.97 -10.13
C GLU A 33 8.46 1.52 -10.48
N THR A 34 9.73 1.12 -10.38
CA THR A 34 10.13 -0.25 -10.70
C THR A 34 9.71 -1.21 -9.60
N ASP A 35 9.94 -0.80 -8.35
CA ASP A 35 9.59 -1.63 -7.21
C ASP A 35 8.17 -1.34 -6.74
N ILE A 36 7.56 -0.31 -7.33
CA ILE A 36 6.20 0.09 -6.96
C ILE A 36 5.21 -1.03 -7.28
N PRO A 37 5.16 -1.45 -8.55
CA PRO A 37 4.26 -2.50 -9.02
C PRO A 37 4.67 -3.88 -8.48
N GLN A 38 5.97 -4.12 -8.43
CA GLN A 38 6.49 -5.40 -7.96
C GLN A 38 6.06 -5.65 -6.51
N LEU A 39 6.10 -4.61 -5.69
CA LEU A 39 5.71 -4.71 -4.29
C LEU A 39 4.20 -4.80 -4.15
N SER A 40 3.49 -4.04 -4.97
CA SER A 40 2.03 -4.03 -4.94
C SER A 40 1.48 -5.43 -5.14
N GLN A 41 2.13 -6.21 -5.99
CA GLN A 41 1.71 -7.57 -6.27
C GLN A 41 1.89 -8.47 -5.04
N ALA A 42 2.95 -8.19 -4.28
CA ALA A 42 3.23 -8.96 -3.08
C ALA A 42 2.19 -8.71 -1.99
N SER A 43 1.95 -7.43 -1.71
CA SER A 43 0.97 -7.05 -0.68
C SER A 43 -0.45 -7.22 -1.21
N ARG A 44 -0.58 -7.69 -2.44
CA ARG A 44 -1.88 -7.89 -3.06
C ARG A 44 -2.66 -6.58 -3.10
N LEU A 45 -1.97 -5.48 -3.37
CA LEU A 45 -2.60 -4.17 -3.44
C LEU A 45 -2.49 -3.59 -4.84
N SER A 46 -3.14 -2.45 -5.06
CA SER A 46 -3.11 -1.78 -6.36
C SER A 46 -1.90 -0.85 -6.47
N THR A 47 -1.41 -0.69 -7.69
CA THR A 47 -0.25 0.17 -7.93
C THR A 47 -0.38 1.49 -7.17
N GLN A 48 -1.62 1.96 -7.02
CA GLN A 48 -1.88 3.21 -6.32
C GLN A 48 -1.78 3.02 -4.81
N GLN A 49 -2.21 1.84 -4.35
CA GLN A 49 -2.18 1.52 -2.92
C GLN A 49 -0.76 1.69 -2.36
N VAL A 50 0.21 1.07 -3.03
CA VAL A 50 1.59 1.15 -2.59
C VAL A 50 2.10 2.59 -2.62
N LEU A 51 1.69 3.34 -3.64
CA LEU A 51 2.10 4.72 -3.78
C LEU A 51 1.68 5.54 -2.57
N ASP A 52 0.48 5.26 -2.06
CA ASP A 52 -0.03 5.97 -0.88
C ASP A 52 0.62 5.46 0.39
N TRP A 53 0.99 4.19 0.39
CA TRP A 53 1.63 3.58 1.56
C TRP A 53 2.96 4.26 1.87
N PHE A 54 3.84 4.32 0.87
CA PHE A 54 5.14 4.95 1.04
C PHE A 54 5.00 6.44 1.33
N ASP A 55 4.19 7.12 0.52
CA ASP A 55 3.96 8.54 0.69
C ASP A 55 3.61 8.88 2.14
N SER A 56 2.83 8.00 2.76
CA SER A 56 2.41 8.20 4.15
C SER A 56 3.59 8.01 5.10
N ARG A 57 4.48 7.08 4.76
CA ARG A 57 5.65 6.81 5.58
C ARG A 57 6.54 8.04 5.68
N LEU A 58 6.55 8.85 4.63
CA LEU A 58 7.37 10.07 4.60
C LEU A 58 7.18 10.87 5.89
N PRO A 59 8.22 11.63 6.26
CA PRO A 59 8.20 12.46 7.46
C PRO A 59 7.26 13.66 7.33
N GLN A 60 6.34 13.57 6.36
CA GLN A 60 5.38 14.65 6.13
C GLN A 60 4.75 15.11 7.43
N PRO A 61 4.44 16.41 7.52
CA PRO A 61 3.82 17.00 8.72
C PRO A 61 2.38 16.54 8.90
N ALA A 62 1.77 16.98 10.00
CA ALA A 62 0.39 16.63 10.29
C ALA A 62 -0.53 17.85 10.24
N GLU A 63 -1.31 17.96 9.18
CA GLU A 63 -2.21 19.08 9.02
C GLU A 63 -3.33 19.03 10.05
N VAL A 64 -3.42 20.09 10.86
CA VAL A 64 -4.44 20.17 11.89
C VAL A 64 -5.77 20.67 11.33
N SER A 65 -6.86 20.04 11.75
CA SER A 65 -8.19 20.43 11.28
C SER A 65 -8.36 21.94 11.33
N GLY A 66 -9.34 22.44 10.58
CA GLY A 66 -9.60 23.87 10.55
C GLY A 66 -10.14 24.33 9.21
N PRO A 67 -10.00 25.63 8.93
CA PRO A 67 -10.46 26.23 7.68
C PRO A 67 -9.63 25.79 6.47
N SER A 68 -9.96 26.31 5.31
CA SER A 68 -9.25 25.97 4.08
C SER A 68 -9.15 27.17 3.15
N SER A 69 -8.34 27.03 2.10
CA SER A 69 -8.14 28.11 1.14
C SER A 69 -9.10 27.96 -0.04
N GLY A 70 -9.10 26.78 -0.65
CA GLY A 70 -9.96 26.53 -1.78
C GLY A 70 -11.43 26.60 -1.42
N GLY A 1 -3.95 -5.87 -15.99
CA GLY A 1 -5.24 -5.22 -16.13
C GLY A 1 -5.58 -4.35 -14.93
N SER A 2 -6.49 -3.39 -15.13
CA SER A 2 -6.89 -2.49 -14.06
C SER A 2 -8.35 -2.72 -13.68
N SER A 3 -8.61 -2.80 -12.38
CA SER A 3 -9.96 -3.02 -11.89
C SER A 3 -10.10 -2.56 -10.44
N GLY A 4 -11.23 -1.95 -10.11
CA GLY A 4 -11.45 -1.47 -8.76
C GLY A 4 -12.25 -2.46 -7.93
N SER A 5 -13.15 -1.94 -7.10
CA SER A 5 -13.97 -2.78 -6.24
C SER A 5 -15.45 -2.46 -6.43
N SER A 6 -16.20 -3.43 -6.94
CA SER A 6 -17.63 -3.25 -7.17
C SER A 6 -18.30 -4.59 -7.46
N GLY A 7 -19.57 -4.71 -7.07
CA GLY A 7 -20.31 -5.94 -7.30
C GLY A 7 -21.49 -6.09 -6.37
N PRO A 8 -22.31 -7.13 -6.60
CA PRO A 8 -23.49 -7.40 -5.79
C PRO A 8 -23.14 -7.86 -4.38
N LEU A 9 -22.88 -6.90 -3.50
CA LEU A 9 -22.53 -7.20 -2.11
C LEU A 9 -21.74 -8.51 -2.02
N PRO A 10 -20.66 -8.60 -2.82
CA PRO A 10 -19.79 -9.79 -2.84
C PRO A 10 -18.99 -9.95 -1.56
N ILE A 11 -18.09 -10.93 -1.55
CA ILE A 11 -17.26 -11.19 -0.39
C ILE A 11 -16.18 -10.13 -0.23
N PRO A 12 -15.77 -9.88 1.02
CA PRO A 12 -14.74 -8.88 1.33
C PRO A 12 -13.35 -9.31 0.86
N PRO A 13 -12.45 -8.33 0.69
CA PRO A 13 -11.08 -8.59 0.25
C PRO A 13 -10.25 -9.32 1.30
N PRO A 14 -9.35 -10.19 0.84
CA PRO A 14 -8.48 -10.97 1.73
C PRO A 14 -7.42 -10.10 2.42
N PRO A 15 -6.80 -10.64 3.48
CA PRO A 15 -5.76 -9.94 4.22
C PRO A 15 -4.48 -9.76 3.44
N PRO A 16 -4.18 -8.51 3.05
CA PRO A 16 -2.98 -8.18 2.28
C PRO A 16 -1.70 -8.34 3.10
N ASP A 17 -0.56 -8.17 2.45
CA ASP A 17 0.73 -8.29 3.12
C ASP A 17 1.47 -6.95 3.10
N ILE A 18 1.59 -6.34 4.28
CA ILE A 18 2.28 -5.06 4.40
C ILE A 18 3.77 -5.25 4.65
N GLN A 19 4.13 -6.43 5.14
CA GLN A 19 5.53 -6.75 5.42
C GLN A 19 6.41 -6.45 4.21
N PRO A 20 5.94 -6.89 3.02
CA PRO A 20 6.66 -6.68 1.77
C PRO A 20 7.13 -5.24 1.60
N LEU A 21 6.26 -4.30 1.90
CA LEU A 21 6.58 -2.88 1.78
C LEU A 21 7.34 -2.40 3.02
N GLU A 22 6.99 -2.93 4.18
CA GLU A 22 7.63 -2.56 5.43
C GLU A 22 9.14 -2.79 5.35
N ARG A 23 9.52 -3.99 4.92
CA ARG A 23 10.93 -4.35 4.80
C ARG A 23 11.62 -3.49 3.74
N TYR A 24 11.09 -3.53 2.52
CA TYR A 24 11.66 -2.77 1.42
C TYR A 24 11.89 -1.31 1.82
N TRP A 25 10.99 -0.79 2.66
CA TRP A 25 11.10 0.58 3.12
C TRP A 25 12.24 0.73 4.13
N ALA A 26 12.24 -0.13 5.14
CA ALA A 26 13.27 -0.09 6.17
C ALA A 26 14.62 -0.49 5.61
N ALA A 27 14.62 -1.06 4.41
CA ALA A 27 15.85 -1.49 3.75
C ALA A 27 16.35 -0.45 2.78
N HIS A 28 15.51 -0.10 1.81
CA HIS A 28 15.85 0.90 0.80
C HIS A 28 15.39 2.28 1.23
N GLN A 29 14.20 2.36 1.83
CA GLN A 29 13.65 3.62 2.29
C GLN A 29 13.41 4.55 1.11
N GLN A 30 12.85 4.02 0.03
CA GLN A 30 12.56 4.81 -1.15
C GLN A 30 11.80 3.98 -2.19
N LEU A 31 10.70 4.53 -2.70
CA LEU A 31 9.90 3.84 -3.69
C LEU A 31 10.45 4.07 -5.10
N ARG A 32 10.19 3.12 -5.99
CA ARG A 32 10.66 3.23 -7.36
C ARG A 32 9.62 2.66 -8.34
N GLU A 33 9.41 3.36 -9.44
CA GLU A 33 8.45 2.95 -10.45
C GLU A 33 8.68 1.48 -10.84
N THR A 34 9.90 1.00 -10.63
CA THR A 34 10.25 -0.37 -10.96
C THR A 34 9.84 -1.32 -9.85
N ASP A 35 9.88 -0.84 -8.61
CA ASP A 35 9.50 -1.65 -7.47
C ASP A 35 8.02 -1.50 -7.15
N ILE A 36 7.40 -0.48 -7.74
CA ILE A 36 5.98 -0.22 -7.53
C ILE A 36 5.13 -1.45 -7.85
N PRO A 37 5.25 -1.92 -9.11
CA PRO A 37 4.50 -3.09 -9.58
C PRO A 37 5.00 -4.38 -8.94
N GLN A 38 6.27 -4.40 -8.54
CA GLN A 38 6.87 -5.57 -7.92
C GLN A 38 6.37 -5.75 -6.50
N LEU A 39 6.23 -4.63 -5.78
CA LEU A 39 5.76 -4.67 -4.40
C LEU A 39 4.25 -4.87 -4.35
N SER A 40 3.52 -4.07 -5.10
CA SER A 40 2.07 -4.16 -5.14
C SER A 40 1.62 -5.59 -5.43
N GLN A 41 2.50 -6.36 -6.04
CA GLN A 41 2.20 -7.74 -6.37
C GLN A 41 2.18 -8.62 -5.12
N ALA A 42 3.17 -8.43 -4.27
CA ALA A 42 3.27 -9.20 -3.02
C ALA A 42 2.26 -8.71 -1.99
N SER A 43 2.05 -7.39 -1.96
CA SER A 43 1.11 -6.79 -1.02
C SER A 43 -0.33 -7.03 -1.45
N ARG A 44 -0.50 -7.50 -2.69
CA ARG A 44 -1.82 -7.76 -3.23
C ARG A 44 -2.70 -6.52 -3.17
N LEU A 45 -2.08 -5.36 -3.33
CA LEU A 45 -2.80 -4.09 -3.29
C LEU A 45 -2.82 -3.43 -4.67
N SER A 46 -3.38 -2.23 -4.73
CA SER A 46 -3.46 -1.49 -5.99
C SER A 46 -2.21 -0.64 -6.20
N THR A 47 -1.76 -0.55 -7.45
CA THR A 47 -0.58 0.23 -7.78
C THR A 47 -0.60 1.58 -7.08
N GLN A 48 -1.78 2.03 -6.69
CA GLN A 48 -1.93 3.31 -6.01
C GLN A 48 -1.72 3.16 -4.51
N GLN A 49 -2.34 2.12 -3.93
CA GLN A 49 -2.22 1.87 -2.50
C GLN A 49 -0.76 1.96 -2.06
N VAL A 50 0.10 1.19 -2.70
CA VAL A 50 1.52 1.18 -2.37
C VAL A 50 2.11 2.58 -2.44
N LEU A 51 1.73 3.32 -3.48
CA LEU A 51 2.21 4.68 -3.67
C LEU A 51 1.90 5.55 -2.45
N ASP A 52 0.72 5.35 -1.89
CA ASP A 52 0.29 6.10 -0.72
C ASP A 52 0.93 5.56 0.56
N TRP A 53 1.13 4.24 0.59
CA TRP A 53 1.72 3.59 1.75
C TRP A 53 3.10 4.18 2.05
N PHE A 54 3.94 4.27 1.03
CA PHE A 54 5.29 4.82 1.19
C PHE A 54 5.23 6.31 1.54
N ASP A 55 4.36 7.03 0.84
CA ASP A 55 4.20 8.46 1.07
C ASP A 55 3.88 8.75 2.53
N SER A 56 3.01 7.92 3.11
CA SER A 56 2.61 8.09 4.50
C SER A 56 3.77 7.79 5.44
N ARG A 57 4.59 6.81 5.08
CA ARG A 57 5.73 6.42 5.90
C ARG A 57 6.65 7.62 6.12
N LEU A 58 6.72 8.51 5.14
CA LEU A 58 7.57 9.69 5.23
C LEU A 58 7.27 10.47 6.51
N PRO A 59 8.30 11.14 7.04
CA PRO A 59 8.17 11.94 8.27
C PRO A 59 7.33 13.20 8.05
N GLN A 60 7.11 13.95 9.13
CA GLN A 60 6.33 15.18 9.05
C GLN A 60 4.98 14.93 8.39
N PRO A 61 4.33 13.81 8.77
CA PRO A 61 3.03 13.44 8.22
C PRO A 61 1.91 14.37 8.68
N ALA A 62 0.71 14.15 8.16
CA ALA A 62 -0.45 14.96 8.52
C ALA A 62 -1.36 14.23 9.49
N GLU A 63 -2.42 14.89 9.93
CA GLU A 63 -3.38 14.30 10.86
C GLU A 63 -4.01 13.04 10.26
N VAL A 64 -4.17 12.02 11.09
CA VAL A 64 -4.77 10.77 10.65
C VAL A 64 -5.44 10.04 11.81
N SER A 65 -6.60 9.46 11.55
CA SER A 65 -7.33 8.72 12.57
C SER A 65 -6.58 7.47 13.00
N GLY A 66 -6.21 6.65 12.03
CA GLY A 66 -5.48 5.43 12.31
C GLY A 66 -6.38 4.32 12.85
N PRO A 67 -7.08 3.64 11.94
CA PRO A 67 -7.99 2.55 12.30
C PRO A 67 -7.25 1.31 12.81
N SER A 68 -5.92 1.37 12.76
CA SER A 68 -5.10 0.26 13.21
C SER A 68 -5.64 -0.33 14.52
N SER A 69 -5.64 -1.66 14.61
CA SER A 69 -6.13 -2.34 15.79
C SER A 69 -5.08 -3.30 16.35
N GLY A 70 -5.25 -3.70 17.61
CA GLY A 70 -4.32 -4.61 18.23
C GLY A 70 -4.68 -6.06 18.01
N GLY A 1 -4.45 -20.09 -3.14
CA GLY A 1 -4.98 -18.96 -3.87
C GLY A 1 -6.04 -19.37 -4.87
N SER A 2 -7.12 -18.59 -4.93
CA SER A 2 -8.22 -18.88 -5.84
C SER A 2 -9.24 -17.74 -5.83
N SER A 3 -10.08 -17.70 -6.87
CA SER A 3 -11.09 -16.66 -6.98
C SER A 3 -12.01 -16.94 -8.18
N GLY A 4 -13.08 -16.15 -8.28
CA GLY A 4 -14.02 -16.33 -9.38
C GLY A 4 -15.44 -16.55 -8.89
N SER A 5 -16.39 -15.87 -9.53
CA SER A 5 -17.79 -15.98 -9.15
C SER A 5 -18.68 -15.20 -10.12
N SER A 6 -19.99 -15.39 -10.00
CA SER A 6 -20.95 -14.70 -10.86
C SER A 6 -21.81 -13.74 -10.05
N GLY A 7 -22.31 -12.70 -10.73
CA GLY A 7 -23.13 -11.72 -10.06
C GLY A 7 -22.71 -11.47 -8.63
N PRO A 8 -23.38 -12.14 -7.68
CA PRO A 8 -23.08 -12.00 -6.25
C PRO A 8 -21.74 -12.62 -5.88
N LEU A 9 -20.92 -11.87 -5.16
CA LEU A 9 -19.61 -12.35 -4.73
C LEU A 9 -19.67 -12.98 -3.35
N PRO A 10 -18.89 -14.06 -3.16
CA PRO A 10 -18.85 -14.78 -1.88
C PRO A 10 -18.18 -13.97 -0.77
N ILE A 11 -17.96 -14.62 0.36
CA ILE A 11 -17.32 -13.95 1.50
C ILE A 11 -16.10 -13.14 1.05
N PRO A 12 -15.77 -12.09 1.81
CA PRO A 12 -14.63 -11.22 1.52
C PRO A 12 -13.30 -11.93 1.73
N PRO A 13 -12.30 -11.58 0.91
CA PRO A 13 -10.96 -12.16 0.99
C PRO A 13 -10.21 -11.72 2.25
N PRO A 14 -9.09 -12.40 2.54
CA PRO A 14 -8.26 -12.09 3.70
C PRO A 14 -7.53 -10.76 3.56
N PRO A 15 -6.93 -10.29 4.68
CA PRO A 15 -6.19 -9.02 4.70
C PRO A 15 -4.90 -9.10 3.90
N PRO A 16 -4.51 -7.97 3.29
CA PRO A 16 -3.28 -7.89 2.51
C PRO A 16 -2.02 -7.96 3.36
N ASP A 17 -0.88 -8.12 2.72
CA ASP A 17 0.39 -8.21 3.42
C ASP A 17 1.20 -6.92 3.27
N ILE A 18 1.40 -6.22 4.37
CA ILE A 18 2.15 -4.97 4.36
C ILE A 18 3.63 -5.21 4.63
N GLN A 19 3.96 -6.43 5.04
CA GLN A 19 5.35 -6.79 5.32
C GLN A 19 6.25 -6.46 4.13
N PRO A 20 5.79 -6.83 2.92
CA PRO A 20 6.54 -6.58 1.69
C PRO A 20 7.06 -5.15 1.60
N LEU A 21 6.19 -4.19 1.92
CA LEU A 21 6.56 -2.78 1.88
C LEU A 21 7.32 -2.38 3.14
N GLU A 22 6.93 -2.96 4.28
CA GLU A 22 7.59 -2.67 5.55
C GLU A 22 9.08 -2.92 5.47
N ARG A 23 9.45 -4.09 4.95
CA ARG A 23 10.86 -4.46 4.81
C ARG A 23 11.55 -3.58 3.78
N TYR A 24 11.01 -3.57 2.56
CA TYR A 24 11.58 -2.78 1.48
C TYR A 24 11.87 -1.35 1.94
N TRP A 25 11.04 -0.85 2.85
CA TRP A 25 11.20 0.50 3.38
C TRP A 25 12.39 0.57 4.34
N ALA A 26 12.42 -0.34 5.31
CA ALA A 26 13.49 -0.38 6.28
C ALA A 26 14.80 -0.86 5.65
N ALA A 27 14.71 -1.31 4.40
CA ALA A 27 15.88 -1.81 3.68
C ALA A 27 16.39 -0.76 2.70
N HIS A 28 15.52 -0.33 1.79
CA HIS A 28 15.90 0.66 0.79
C HIS A 28 15.55 2.08 1.27
N GLN A 29 14.39 2.21 1.91
CA GLN A 29 13.94 3.50 2.41
C GLN A 29 13.61 4.44 1.28
N GLN A 30 12.97 3.91 0.23
CA GLN A 30 12.60 4.72 -0.93
C GLN A 30 11.67 3.93 -1.85
N LEU A 31 11.05 4.64 -2.78
CA LEU A 31 10.13 4.01 -3.73
C LEU A 31 10.62 4.20 -5.16
N ARG A 32 10.37 3.20 -6.00
CA ARG A 32 10.79 3.25 -7.39
C ARG A 32 9.70 2.72 -8.32
N GLU A 33 9.40 3.46 -9.38
CA GLU A 33 8.38 3.06 -10.33
C GLU A 33 8.56 1.60 -10.75
N THR A 34 9.77 1.09 -10.58
CA THR A 34 10.07 -0.28 -10.94
C THR A 34 9.65 -1.25 -9.84
N ASP A 35 9.77 -0.81 -8.59
CA ASP A 35 9.39 -1.63 -7.44
C ASP A 35 7.93 -1.42 -7.08
N ILE A 36 7.31 -0.42 -7.71
CA ILE A 36 5.91 -0.11 -7.45
C ILE A 36 5.01 -1.29 -7.81
N PRO A 37 5.08 -1.72 -9.07
CA PRO A 37 4.27 -2.84 -9.57
C PRO A 37 4.73 -4.18 -8.99
N GLN A 38 6.04 -4.31 -8.77
CA GLN A 38 6.59 -5.54 -8.21
C GLN A 38 6.16 -5.73 -6.76
N LEU A 39 6.23 -4.66 -5.98
CA LEU A 39 5.84 -4.71 -4.58
C LEU A 39 4.33 -4.86 -4.44
N SER A 40 3.58 -4.03 -5.14
CA SER A 40 2.12 -4.08 -5.09
C SER A 40 1.62 -5.52 -5.21
N GLN A 41 2.29 -6.30 -6.05
CA GLN A 41 1.91 -7.69 -6.26
C GLN A 41 2.20 -8.53 -5.01
N ALA A 42 3.24 -8.14 -4.28
CA ALA A 42 3.62 -8.85 -3.06
C ALA A 42 2.67 -8.53 -1.92
N SER A 43 2.27 -7.27 -1.82
CA SER A 43 1.36 -6.83 -0.77
C SER A 43 -0.09 -7.11 -1.16
N ARG A 44 -0.30 -7.57 -2.39
CA ARG A 44 -1.63 -7.86 -2.89
C ARG A 44 -2.50 -6.61 -2.89
N LEU A 45 -1.89 -5.46 -3.18
CA LEU A 45 -2.60 -4.19 -3.21
C LEU A 45 -2.60 -3.60 -4.62
N SER A 46 -3.19 -2.43 -4.76
CA SER A 46 -3.25 -1.75 -6.05
C SER A 46 -2.07 -0.81 -6.24
N THR A 47 -1.67 -0.61 -7.49
CA THR A 47 -0.56 0.27 -7.80
C THR A 47 -0.64 1.57 -7.02
N GLN A 48 -1.86 2.04 -6.80
CA GLN A 48 -2.08 3.28 -6.06
C GLN A 48 -1.89 3.06 -4.57
N GLN A 49 -2.35 1.92 -4.08
CA GLN A 49 -2.23 1.60 -2.66
C GLN A 49 -0.80 1.76 -2.17
N VAL A 50 0.14 1.12 -2.87
CA VAL A 50 1.55 1.21 -2.52
C VAL A 50 2.04 2.66 -2.54
N LEU A 51 1.66 3.39 -3.59
CA LEU A 51 2.05 4.78 -3.74
C LEU A 51 1.69 5.58 -2.49
N ASP A 52 0.48 5.35 -1.97
CA ASP A 52 0.02 6.05 -0.78
C ASP A 52 0.76 5.57 0.45
N TRP A 53 1.12 4.29 0.47
CA TRP A 53 1.83 3.71 1.60
C TRP A 53 3.14 4.45 1.86
N PHE A 54 4.01 4.47 0.85
CA PHE A 54 5.30 5.14 0.97
C PHE A 54 5.11 6.64 1.18
N ASP A 55 4.11 7.20 0.52
CA ASP A 55 3.82 8.63 0.63
C ASP A 55 3.48 9.00 2.08
N SER A 56 2.87 8.06 2.80
CA SER A 56 2.49 8.29 4.18
C SER A 56 3.69 8.13 5.11
N ARG A 57 4.72 7.46 4.62
CA ARG A 57 5.94 7.22 5.40
C ARG A 57 6.92 8.38 5.23
N LEU A 58 6.83 9.06 4.09
CA LEU A 58 7.71 10.19 3.81
C LEU A 58 7.66 11.22 4.93
N PRO A 59 6.46 11.73 5.23
CA PRO A 59 6.24 12.72 6.28
C PRO A 59 6.44 12.13 7.68
N GLN A 60 7.62 12.37 8.26
CA GLN A 60 7.94 11.86 9.58
C GLN A 60 6.69 11.81 10.46
N PRO A 61 6.06 10.62 10.51
CA PRO A 61 4.85 10.40 11.31
C PRO A 61 5.13 10.44 12.81
N ALA A 62 4.09 10.22 13.60
CA ALA A 62 4.21 10.23 15.05
C ALA A 62 4.61 8.85 15.58
N GLU A 63 5.86 8.73 15.99
CA GLU A 63 6.37 7.46 16.52
C GLU A 63 5.74 7.14 17.87
N VAL A 64 5.52 5.85 18.12
CA VAL A 64 4.92 5.41 19.38
C VAL A 64 5.87 4.50 20.15
N SER A 65 6.94 4.06 19.48
CA SER A 65 7.92 3.19 20.11
C SER A 65 9.21 3.95 20.39
N GLY A 66 9.83 3.64 21.52
CA GLY A 66 11.07 4.31 21.89
C GLY A 66 12.27 3.39 21.78
N PRO A 67 12.62 2.71 22.89
CA PRO A 67 13.75 1.78 22.93
C PRO A 67 13.50 0.53 22.12
N SER A 68 14.07 0.47 20.92
CA SER A 68 13.91 -0.68 20.05
C SER A 68 14.78 -0.55 18.80
N SER A 69 15.63 -1.53 18.56
CA SER A 69 16.52 -1.52 17.41
C SER A 69 15.89 -2.26 16.23
N GLY A 70 15.36 -1.50 15.29
CA GLY A 70 14.73 -2.10 14.12
C GLY A 70 14.79 -1.21 12.90
#